data_1X5J
#
_entry.id   1X5J
#
_entity_poly.entity_id   1
_entity_poly.type   'polypeptide(L)'
_entity_poly.pdbx_seq_one_letter_code
;GSSGSSGPMMPPVGVQASILSHDTIRITWADNSLPKHQKITDSRYYTVRWKTNIPANTKYKNANATTLSYLVTGLKPNTL
YEFSVMVTKGRRSSTWSMTAHGTTFELSGPSSG
;
_entity_poly.pdbx_strand_id   A
#
# COMPACT_ATOMS: atom_id res chain seq x y z
N GLY A 1 21.94 1.96 -9.35
CA GLY A 1 21.43 2.99 -8.45
C GLY A 1 22.35 3.22 -7.27
N SER A 2 22.88 2.14 -6.70
CA SER A 2 23.77 2.21 -5.55
C SER A 2 24.72 1.03 -5.52
N SER A 3 26.02 1.33 -5.48
CA SER A 3 27.04 0.29 -5.44
C SER A 3 26.96 -0.51 -4.14
N GLY A 4 26.84 0.21 -3.02
CA GLY A 4 26.76 -0.44 -1.73
C GLY A 4 27.04 0.51 -0.59
N SER A 5 27.95 1.45 -0.81
CA SER A 5 28.31 2.42 0.21
C SER A 5 27.10 2.83 1.03
N SER A 6 26.10 3.40 0.35
CA SER A 6 24.88 3.84 1.02
C SER A 6 24.18 2.67 1.69
N GLY A 7 23.03 2.95 2.32
CA GLY A 7 22.28 1.92 3.00
C GLY A 7 20.98 2.42 3.58
N PRO A 8 20.10 2.94 2.70
CA PRO A 8 18.80 3.47 3.11
C PRO A 8 17.85 2.38 3.58
N MET A 9 16.77 2.78 4.25
CA MET A 9 15.78 1.84 4.76
C MET A 9 15.27 0.94 3.64
N MET A 10 14.89 -0.29 3.99
CA MET A 10 14.38 -1.24 3.02
C MET A 10 12.86 -1.30 3.06
N PRO A 11 12.24 -1.40 1.87
CA PRO A 11 10.78 -1.47 1.74
C PRO A 11 10.21 -2.78 2.26
N PRO A 12 8.91 -2.78 2.57
CA PRO A 12 8.21 -3.95 3.09
C PRO A 12 8.06 -5.05 2.04
N VAL A 13 7.42 -6.15 2.41
CA VAL A 13 7.21 -7.26 1.50
C VAL A 13 5.83 -7.88 1.71
N GLY A 14 5.49 -8.87 0.87
CA GLY A 14 4.21 -9.52 0.98
C GLY A 14 3.05 -8.61 0.64
N VAL A 15 3.37 -7.41 0.16
CA VAL A 15 2.34 -6.44 -0.20
C VAL A 15 1.29 -7.06 -1.10
N GLN A 16 0.08 -7.22 -0.56
CA GLN A 16 -1.02 -7.80 -1.32
C GLN A 16 -2.33 -7.09 -1.01
N ALA A 17 -3.23 -7.06 -2.00
CA ALA A 17 -4.53 -6.42 -1.83
C ALA A 17 -5.66 -7.44 -1.86
N SER A 18 -6.42 -7.50 -0.76
CA SER A 18 -7.54 -8.44 -0.66
C SER A 18 -8.86 -7.74 -0.94
N ILE A 19 -9.39 -7.94 -2.15
CA ILE A 19 -10.65 -7.34 -2.53
C ILE A 19 -11.82 -7.94 -1.77
N LEU A 20 -12.45 -7.13 -0.94
CA LEU A 20 -13.59 -7.59 -0.14
C LEU A 20 -14.90 -7.01 -0.67
N SER A 21 -14.89 -5.71 -0.95
CA SER A 21 -16.08 -5.04 -1.46
C SER A 21 -15.72 -4.08 -2.60
N HIS A 22 -16.71 -3.35 -3.09
CA HIS A 22 -16.50 -2.40 -4.17
C HIS A 22 -15.63 -1.22 -3.71
N ASP A 23 -15.76 -0.87 -2.43
CA ASP A 23 -15.00 0.23 -1.86
C ASP A 23 -14.23 -0.22 -0.62
N THR A 24 -13.89 -1.50 -0.58
CA THR A 24 -13.16 -2.06 0.55
C THR A 24 -12.03 -2.97 0.09
N ILE A 25 -10.83 -2.73 0.61
CA ILE A 25 -9.66 -3.52 0.26
C ILE A 25 -8.69 -3.64 1.42
N ARG A 26 -8.13 -4.84 1.60
CA ARG A 26 -7.18 -5.08 2.68
C ARG A 26 -5.75 -5.08 2.16
N ILE A 27 -4.90 -4.26 2.78
CA ILE A 27 -3.51 -4.15 2.38
C ILE A 27 -2.57 -4.57 3.52
N THR A 28 -2.18 -5.84 3.52
CA THR A 28 -1.29 -6.36 4.55
C THR A 28 0.11 -6.59 4.00
N TRP A 29 1.11 -6.33 4.82
CA TRP A 29 2.50 -6.52 4.42
C TRP A 29 3.36 -6.97 5.60
N ALA A 30 4.65 -7.16 5.34
CA ALA A 30 5.58 -7.59 6.39
C ALA A 30 6.86 -6.76 6.37
N ASP A 31 7.57 -6.74 7.49
CA ASP A 31 8.81 -5.99 7.59
C ASP A 31 9.94 -6.87 8.12
N ASN A 32 10.74 -7.40 7.21
CA ASN A 32 11.85 -8.27 7.58
C ASN A 32 12.72 -7.61 8.64
N SER A 33 12.62 -6.29 8.75
CA SER A 33 13.39 -5.53 9.73
C SER A 33 12.97 -5.89 11.15
N LEU A 34 11.66 -5.96 11.37
CA LEU A 34 11.12 -6.28 12.69
C LEU A 34 11.85 -7.48 13.30
N PRO A 35 11.87 -7.54 14.64
CA PRO A 35 12.54 -8.63 15.36
C PRO A 35 11.81 -9.95 15.21
N LYS A 36 12.29 -10.98 15.92
CA LYS A 36 11.70 -12.30 15.85
C LYS A 36 10.17 -12.21 15.79
N HIS A 37 9.56 -11.80 16.91
CA HIS A 37 8.11 -11.67 16.98
C HIS A 37 7.64 -10.46 16.18
N GLN A 38 6.47 -10.58 15.56
CA GLN A 38 5.90 -9.50 14.77
C GLN A 38 5.32 -8.41 15.66
N LYS A 39 6.17 -7.51 16.12
CA LYS A 39 5.75 -6.41 16.98
C LYS A 39 6.61 -5.18 16.77
N ILE A 40 5.99 -4.10 16.28
CA ILE A 40 6.69 -2.86 16.03
C ILE A 40 6.96 -2.10 17.32
N THR A 41 8.06 -2.43 17.99
CA THR A 41 8.42 -1.79 19.24
C THR A 41 9.07 -0.43 19.00
N ASP A 42 9.36 -0.14 17.73
CA ASP A 42 9.98 1.13 17.35
C ASP A 42 8.92 2.21 17.20
N SER A 43 9.37 3.47 17.17
CA SER A 43 8.47 4.60 17.03
C SER A 43 8.46 5.12 15.60
N ARG A 44 7.99 4.29 14.68
CA ARG A 44 7.94 4.66 13.27
C ARG A 44 6.49 4.66 12.77
N TYR A 45 6.32 4.96 11.49
CA TYR A 45 4.99 5.00 10.88
C TYR A 45 5.04 4.62 9.41
N TYR A 46 4.00 3.94 8.94
CA TYR A 46 3.93 3.52 7.54
C TYR A 46 3.05 4.46 6.73
N THR A 47 3.41 4.65 5.47
CA THR A 47 2.66 5.53 4.58
C THR A 47 2.30 4.81 3.27
N VAL A 48 1.03 4.41 3.16
CA VAL A 48 0.57 3.72 1.97
C VAL A 48 -0.05 4.69 0.98
N ARG A 49 0.39 4.62 -0.27
CA ARG A 49 -0.12 5.50 -1.32
C ARG A 49 -0.98 4.73 -2.31
N TRP A 50 -1.80 5.45 -3.06
CA TRP A 50 -2.68 4.82 -4.05
C TRP A 50 -3.30 5.87 -4.96
N LYS A 51 -3.39 5.54 -6.26
CA LYS A 51 -3.95 6.45 -7.23
C LYS A 51 -4.72 5.68 -8.32
N THR A 52 -5.35 6.42 -9.23
CA THR A 52 -6.11 5.81 -10.31
C THR A 52 -5.26 5.67 -11.57
N ASN A 53 -5.64 4.73 -12.43
CA ASN A 53 -4.91 4.48 -13.67
C ASN A 53 -5.39 5.42 -14.77
N ILE A 54 -6.55 6.04 -14.55
CA ILE A 54 -7.12 6.96 -15.53
C ILE A 54 -7.69 8.20 -14.84
N PRO A 55 -7.18 9.38 -15.24
CA PRO A 55 -6.14 9.49 -16.26
C PRO A 55 -4.79 8.97 -15.78
N ALA A 56 -4.00 8.44 -16.72
CA ALA A 56 -2.69 7.91 -16.38
C ALA A 56 -2.04 8.70 -15.25
N ASN A 57 -2.01 10.01 -15.39
CA ASN A 57 -1.42 10.88 -14.38
C ASN A 57 -2.50 11.47 -13.47
N THR A 58 -2.33 11.26 -12.16
CA THR A 58 -3.29 11.77 -11.20
C THR A 58 -2.64 11.93 -9.82
N LYS A 59 -3.02 13.00 -9.12
CA LYS A 59 -2.49 13.27 -7.79
C LYS A 59 -2.38 11.98 -6.97
N TYR A 60 -1.18 11.69 -6.49
CA TYR A 60 -0.94 10.49 -5.69
C TYR A 60 -1.42 10.69 -4.26
N LYS A 61 -2.40 9.89 -3.85
CA LYS A 61 -2.95 9.99 -2.50
C LYS A 61 -2.19 9.07 -1.55
N ASN A 62 -2.06 9.51 -0.30
CA ASN A 62 -1.34 8.74 0.71
C ASN A 62 -2.06 8.82 2.06
N ALA A 63 -1.77 7.86 2.94
CA ALA A 63 -2.39 7.83 4.25
C ALA A 63 -1.32 7.68 5.35
N ASN A 64 -1.77 7.72 6.59
CA ASN A 64 -0.86 7.59 7.73
C ASN A 64 -1.40 6.58 8.75
N ALA A 65 -0.70 5.46 8.88
CA ALA A 65 -1.10 4.41 9.82
C ALA A 65 0.08 3.52 10.19
N THR A 66 0.43 3.54 11.47
CA THR A 66 1.56 2.73 11.96
C THR A 66 1.12 1.30 12.22
N THR A 67 1.37 0.42 11.24
CA THR A 67 1.01 -0.99 11.37
C THR A 67 1.52 -1.78 10.17
N LEU A 68 1.41 -3.10 10.27
CA LEU A 68 1.86 -3.99 9.19
C LEU A 68 0.73 -4.25 8.20
N SER A 69 -0.29 -3.40 8.24
CA SER A 69 -1.43 -3.54 7.34
C SER A 69 -2.14 -2.20 7.14
N TYR A 70 -3.20 -2.21 6.35
CA TYR A 70 -3.97 -1.00 6.08
C TYR A 70 -5.23 -1.31 5.30
N LEU A 71 -6.35 -0.74 5.73
CA LEU A 71 -7.63 -0.96 5.07
C LEU A 71 -8.08 0.28 4.32
N VAL A 72 -7.97 0.24 2.99
CA VAL A 72 -8.37 1.37 2.16
C VAL A 72 -9.86 1.37 1.90
N THR A 73 -10.48 2.54 2.00
CA THR A 73 -11.92 2.68 1.77
C THR A 73 -12.24 3.95 1.01
N GLY A 74 -13.44 4.01 0.44
CA GLY A 74 -13.85 5.18 -0.32
C GLY A 74 -13.33 5.16 -1.74
N LEU A 75 -12.94 3.97 -2.21
CA LEU A 75 -12.42 3.83 -3.57
C LEU A 75 -13.55 3.73 -4.57
N LYS A 76 -13.20 3.54 -5.84
CA LYS A 76 -14.19 3.42 -6.91
C LYS A 76 -14.31 1.98 -7.40
N PRO A 77 -15.53 1.57 -7.73
CA PRO A 77 -15.80 0.20 -8.22
C PRO A 77 -15.23 -0.04 -9.61
N ASN A 78 -14.94 -1.30 -9.91
CA ASN A 78 -14.38 -1.67 -11.21
C ASN A 78 -13.42 -0.58 -11.71
N THR A 79 -12.44 -0.24 -10.88
CA THR A 79 -11.46 0.78 -11.25
C THR A 79 -10.05 0.34 -10.85
N LEU A 80 -9.10 0.54 -11.76
CA LEU A 80 -7.71 0.17 -11.50
C LEU A 80 -7.06 1.14 -10.52
N TYR A 81 -6.54 0.59 -9.43
CA TYR A 81 -5.89 1.41 -8.40
C TYR A 81 -4.51 0.85 -8.05
N GLU A 82 -3.62 1.72 -7.59
CA GLU A 82 -2.28 1.31 -7.21
C GLU A 82 -2.13 1.27 -5.70
N PHE A 83 -1.14 0.50 -5.22
CA PHE A 83 -0.89 0.38 -3.79
C PHE A 83 0.60 0.19 -3.51
N SER A 84 1.12 0.95 -2.56
CA SER A 84 2.53 0.87 -2.20
C SER A 84 2.73 1.22 -0.73
N VAL A 85 3.41 0.33 0.00
CA VAL A 85 3.67 0.54 1.41
C VAL A 85 5.17 0.78 1.66
N MET A 86 5.49 1.91 2.26
CA MET A 86 6.87 2.26 2.56
C MET A 86 7.05 2.57 4.04
N VAL A 87 8.30 2.52 4.51
CA VAL A 87 8.60 2.80 5.90
C VAL A 87 9.46 4.05 6.03
N THR A 88 9.13 4.89 7.01
CA THR A 88 9.88 6.12 7.25
C THR A 88 10.16 6.33 8.73
N LYS A 89 11.38 6.75 9.05
CA LYS A 89 11.78 6.98 10.43
C LYS A 89 12.07 8.46 10.67
N GLY A 90 11.48 9.32 9.84
CA GLY A 90 11.69 10.75 9.98
C GLY A 90 12.57 11.31 8.89
N ARG A 91 13.86 11.00 8.94
CA ARG A 91 14.81 11.49 7.93
C ARG A 91 15.11 10.40 6.90
N ARG A 92 15.12 9.16 7.35
CA ARG A 92 15.40 8.03 6.46
C ARG A 92 14.10 7.37 6.00
N SER A 93 14.14 6.75 4.83
CA SER A 93 12.97 6.08 4.27
C SER A 93 13.37 5.10 3.17
N SER A 94 12.42 4.26 2.77
CA SER A 94 12.67 3.27 1.73
C SER A 94 11.78 3.51 0.52
N THR A 95 12.22 3.02 -0.63
CA THR A 95 11.46 3.18 -1.87
C THR A 95 10.08 2.54 -1.76
N TRP A 96 9.29 2.66 -2.82
CA TRP A 96 7.95 2.08 -2.84
C TRP A 96 7.99 0.60 -3.19
N SER A 97 7.59 -0.24 -2.24
CA SER A 97 7.59 -1.68 -2.45
C SER A 97 6.88 -2.04 -3.76
N MET A 98 6.91 -3.32 -4.11
CA MET A 98 6.26 -3.79 -5.33
C MET A 98 4.84 -3.27 -5.43
N THR A 99 4.61 -2.35 -6.37
CA THR A 99 3.30 -1.77 -6.57
C THR A 99 2.27 -2.84 -6.94
N ALA A 100 1.40 -3.17 -5.98
CA ALA A 100 0.37 -4.18 -6.20
C ALA A 100 -0.90 -3.54 -6.77
N HIS A 101 -1.39 -4.12 -7.86
CA HIS A 101 -2.60 -3.61 -8.51
C HIS A 101 -3.83 -4.36 -8.03
N GLY A 102 -4.80 -3.62 -7.48
CA GLY A 102 -6.01 -4.24 -6.99
C GLY A 102 -7.26 -3.67 -7.64
N THR A 103 -7.97 -4.51 -8.38
CA THR A 103 -9.19 -4.09 -9.06
C THR A 103 -10.43 -4.46 -8.25
N THR A 104 -11.09 -3.46 -7.69
CA THR A 104 -12.29 -3.68 -6.89
C THR A 104 -13.39 -4.33 -7.72
N PHE A 105 -14.49 -4.70 -7.07
CA PHE A 105 -15.61 -5.33 -7.74
C PHE A 105 -16.53 -4.29 -8.37
N GLU A 106 -17.36 -4.73 -9.31
CA GLU A 106 -18.29 -3.83 -9.99
C GLU A 106 -19.44 -3.44 -9.06
N LEU A 107 -19.79 -2.15 -9.06
CA LEU A 107 -20.87 -1.66 -8.23
C LEU A 107 -22.17 -1.54 -9.02
N SER A 108 -22.14 -0.74 -10.08
CA SER A 108 -23.31 -0.53 -10.92
C SER A 108 -24.08 -1.84 -11.09
N GLY A 109 -23.38 -2.88 -11.53
CA GLY A 109 -24.03 -4.17 -11.73
C GLY A 109 -24.37 -4.43 -13.18
N PRO A 110 -24.67 -5.69 -13.50
CA PRO A 110 -25.03 -6.10 -14.87
C PRO A 110 -26.40 -5.56 -15.29
N SER A 111 -26.72 -5.72 -16.58
CA SER A 111 -27.99 -5.26 -17.10
C SER A 111 -28.96 -6.42 -17.31
N SER A 112 -30.25 -6.14 -17.23
CA SER A 112 -31.27 -7.16 -17.40
C SER A 112 -31.10 -7.90 -18.72
N GLY A 113 -30.96 -9.22 -18.65
CA GLY A 113 -30.78 -10.02 -19.85
C GLY A 113 -29.74 -11.10 -19.67
N GLY A 1 16.87 -8.22 -7.82
CA GLY A 1 17.27 -6.89 -8.25
C GLY A 1 18.77 -6.71 -8.25
N SER A 2 19.22 -5.46 -8.08
CA SER A 2 20.65 -5.15 -8.08
C SER A 2 21.18 -5.10 -6.65
N SER A 3 22.50 -4.92 -6.53
CA SER A 3 23.14 -4.85 -5.22
C SER A 3 23.28 -3.40 -4.75
N GLY A 4 23.84 -2.57 -5.62
CA GLY A 4 24.01 -1.16 -5.29
C GLY A 4 24.65 -0.97 -3.93
N SER A 5 24.60 0.26 -3.42
CA SER A 5 25.19 0.57 -2.12
C SER A 5 24.13 0.56 -1.02
N SER A 6 24.54 0.85 0.20
CA SER A 6 23.63 0.86 1.34
C SER A 6 23.22 2.29 1.69
N GLY A 7 22.35 2.42 2.68
CA GLY A 7 21.89 3.74 3.11
C GLY A 7 20.49 3.71 3.66
N PRO A 8 19.49 3.99 2.81
CA PRO A 8 18.08 4.01 3.20
C PRO A 8 17.55 2.61 3.51
N MET A 9 16.73 2.51 4.54
CA MET A 9 16.15 1.23 4.94
C MET A 9 15.44 0.56 3.75
N MET A 10 15.11 -0.71 3.92
CA MET A 10 14.43 -1.46 2.87
C MET A 10 12.92 -1.42 3.05
N PRO A 11 12.18 -1.34 1.93
CA PRO A 11 10.73 -1.28 1.94
C PRO A 11 10.11 -2.62 2.37
N PRO A 12 8.80 -2.60 2.65
CA PRO A 12 8.05 -3.79 3.05
C PRO A 12 7.90 -4.80 1.93
N VAL A 13 7.25 -5.92 2.22
CA VAL A 13 7.03 -6.96 1.23
C VAL A 13 5.66 -7.62 1.40
N GLY A 14 5.38 -8.63 0.59
CA GLY A 14 4.11 -9.32 0.67
C GLY A 14 2.93 -8.39 0.45
N VAL A 15 3.20 -7.23 -0.13
CA VAL A 15 2.15 -6.25 -0.40
C VAL A 15 1.06 -6.83 -1.28
N GLN A 16 -0.09 -7.11 -0.69
CA GLN A 16 -1.22 -7.67 -1.43
C GLN A 16 -2.50 -6.91 -1.14
N ALA A 17 -3.49 -7.06 -2.02
CA ALA A 17 -4.77 -6.38 -1.85
C ALA A 17 -5.92 -7.39 -1.83
N SER A 18 -6.53 -7.56 -0.66
CA SER A 18 -7.64 -8.50 -0.50
C SER A 18 -8.96 -7.82 -0.83
N ILE A 19 -9.48 -8.08 -2.04
CA ILE A 19 -10.74 -7.50 -2.47
C ILE A 19 -11.89 -7.96 -1.59
N LEU A 20 -12.36 -7.09 -0.71
CA LEU A 20 -13.46 -7.41 0.18
C LEU A 20 -14.80 -6.96 -0.41
N SER A 21 -14.80 -5.78 -1.01
CA SER A 21 -16.01 -5.24 -1.62
C SER A 21 -15.67 -4.29 -2.76
N HIS A 22 -16.69 -3.71 -3.37
CA HIS A 22 -16.50 -2.79 -4.48
C HIS A 22 -15.68 -1.57 -4.05
N ASP A 23 -15.81 -1.22 -2.78
CA ASP A 23 -15.07 -0.08 -2.23
C ASP A 23 -14.33 -0.46 -0.96
N THR A 24 -13.87 -1.71 -0.91
CA THR A 24 -13.14 -2.20 0.26
C THR A 24 -11.99 -3.11 -0.16
N ILE A 25 -10.79 -2.78 0.29
CA ILE A 25 -9.60 -3.55 -0.04
C ILE A 25 -8.63 -3.61 1.14
N ARG A 26 -8.24 -4.81 1.53
CA ARG A 26 -7.30 -4.99 2.64
C ARG A 26 -5.87 -5.05 2.14
N ILE A 27 -5.05 -4.10 2.59
CA ILE A 27 -3.65 -4.04 2.19
C ILE A 27 -2.73 -4.53 3.31
N THR A 28 -2.34 -5.80 3.24
CA THR A 28 -1.46 -6.39 4.25
C THR A 28 -0.05 -6.59 3.70
N TRP A 29 0.94 -6.25 4.51
CA TRP A 29 2.33 -6.40 4.11
C TRP A 29 3.18 -6.95 5.26
N ALA A 30 4.47 -7.14 5.00
CA ALA A 30 5.38 -7.66 6.01
C ALA A 30 6.71 -6.91 5.99
N ASP A 31 7.30 -6.74 7.16
CA ASP A 31 8.58 -6.04 7.28
C ASP A 31 9.68 -6.98 7.76
N ASN A 32 10.20 -7.79 6.85
CA ASN A 32 11.26 -8.74 7.18
C ASN A 32 12.35 -8.07 8.01
N SER A 33 12.51 -6.76 7.83
CA SER A 33 13.52 -6.01 8.55
C SER A 33 13.38 -6.22 10.05
N LEU A 34 12.16 -6.07 10.55
CA LEU A 34 11.89 -6.24 11.98
C LEU A 34 12.52 -7.52 12.50
N PRO A 35 12.94 -7.51 13.77
CA PRO A 35 13.57 -8.66 14.42
C PRO A 35 12.57 -9.79 14.66
N LYS A 36 13.01 -10.80 15.40
CA LYS A 36 12.17 -11.96 15.71
C LYS A 36 10.72 -11.52 15.93
N HIS A 37 10.52 -10.61 16.88
CA HIS A 37 9.18 -10.10 17.20
C HIS A 37 8.72 -9.12 16.13
N GLN A 38 7.43 -9.16 15.81
CA GLN A 38 6.86 -8.27 14.80
C GLN A 38 6.07 -7.14 15.47
N LYS A 39 6.78 -6.27 16.18
CA LYS A 39 6.15 -5.14 16.85
C LYS A 39 6.81 -3.83 16.45
N ILE A 40 6.00 -2.87 16.01
CA ILE A 40 6.51 -1.57 15.60
C ILE A 40 6.59 -0.61 16.78
N THR A 41 7.69 -0.69 17.51
CA THR A 41 7.90 0.16 18.67
C THR A 41 9.06 1.13 18.45
N ASP A 42 8.82 2.16 17.65
CA ASP A 42 9.85 3.16 17.35
C ASP A 42 9.22 4.43 16.78
N SER A 43 10.06 5.40 16.44
CA SER A 43 9.60 6.66 15.88
C SER A 43 9.46 6.58 14.37
N ARG A 44 8.75 5.55 13.90
CA ARG A 44 8.56 5.36 12.47
C ARG A 44 7.08 5.38 12.12
N TYR A 45 6.77 5.66 10.86
CA TYR A 45 5.39 5.72 10.39
C TYR A 45 5.28 5.20 8.96
N TYR A 46 4.30 4.33 8.73
CA TYR A 46 4.09 3.75 7.40
C TYR A 46 3.16 4.64 6.57
N THR A 47 3.55 4.90 5.32
CA THR A 47 2.76 5.73 4.43
C THR A 47 2.28 4.93 3.23
N VAL A 48 0.98 4.66 3.19
CA VAL A 48 0.39 3.91 2.09
C VAL A 48 -0.17 4.84 1.02
N ARG A 49 0.40 4.78 -0.17
CA ARG A 49 -0.05 5.61 -1.27
C ARG A 49 -0.90 4.81 -2.27
N TRP A 50 -1.81 5.50 -2.94
CA TRP A 50 -2.68 4.85 -3.92
C TRP A 50 -3.20 5.85 -4.94
N LYS A 51 -3.50 5.37 -6.14
CA LYS A 51 -4.00 6.22 -7.21
C LYS A 51 -4.74 5.40 -8.26
N THR A 52 -5.30 6.09 -9.25
CA THR A 52 -6.04 5.42 -10.32
C THR A 52 -5.16 5.22 -11.54
N ASN A 53 -5.19 4.02 -12.09
CA ASN A 53 -4.40 3.70 -13.28
C ASN A 53 -4.82 4.54 -14.47
N ILE A 54 -6.13 4.78 -14.57
CA ILE A 54 -6.68 5.58 -15.66
C ILE A 54 -7.47 6.77 -15.12
N PRO A 55 -7.09 7.98 -15.58
CA PRO A 55 -5.99 8.17 -16.52
C PRO A 55 -4.63 7.87 -15.89
N ALA A 56 -3.58 7.94 -16.70
CA ALA A 56 -2.23 7.67 -16.22
C ALA A 56 -1.81 8.71 -15.19
N ASN A 57 -1.86 9.98 -15.58
CA ASN A 57 -1.48 11.07 -14.68
C ASN A 57 -2.62 11.41 -13.71
N THR A 58 -2.42 11.08 -12.45
CA THR A 58 -3.43 11.33 -11.42
C THR A 58 -2.79 11.53 -10.06
N LYS A 59 -3.07 12.66 -9.42
CA LYS A 59 -2.53 12.96 -8.11
C LYS A 59 -2.39 11.69 -7.27
N TYR A 60 -1.33 11.63 -6.47
CA TYR A 60 -1.08 10.47 -5.61
C TYR A 60 -1.58 10.72 -4.20
N LYS A 61 -2.50 9.89 -3.74
CA LYS A 61 -3.05 10.02 -2.40
C LYS A 61 -2.27 9.18 -1.40
N ASN A 62 -1.87 9.79 -0.29
CA ASN A 62 -1.11 9.09 0.74
C ASN A 62 -1.79 9.22 2.10
N ALA A 63 -1.55 8.25 2.97
CA ALA A 63 -2.14 8.26 4.31
C ALA A 63 -1.08 8.02 5.37
N ASN A 64 -1.51 7.96 6.63
CA ASN A 64 -0.59 7.74 7.74
C ASN A 64 -1.17 6.72 8.73
N ALA A 65 -0.45 5.62 8.91
CA ALA A 65 -0.89 4.58 9.83
C ALA A 65 0.27 3.67 10.22
N THR A 66 0.60 3.66 11.51
CA THR A 66 1.69 2.84 12.01
C THR A 66 1.23 1.41 12.29
N THR A 67 1.46 0.52 11.33
CA THR A 67 1.06 -0.88 11.47
C THR A 67 1.56 -1.71 10.28
N LEU A 68 1.27 -3.00 10.32
CA LEU A 68 1.68 -3.91 9.24
C LEU A 68 0.50 -4.25 8.34
N SER A 69 -0.55 -3.43 8.40
CA SER A 69 -1.74 -3.66 7.58
C SER A 69 -2.62 -2.42 7.57
N TYR A 70 -3.20 -2.12 6.41
CA TYR A 70 -4.07 -0.97 6.27
C TYR A 70 -5.21 -1.26 5.29
N LEU A 71 -6.44 -1.02 5.72
CA LEU A 71 -7.61 -1.26 4.89
C LEU A 71 -8.03 0.02 4.17
N VAL A 72 -7.91 0.01 2.84
CA VAL A 72 -8.28 1.17 2.04
C VAL A 72 -9.78 1.19 1.75
N THR A 73 -10.39 2.36 1.93
CA THR A 73 -11.83 2.51 1.70
C THR A 73 -12.12 3.75 0.87
N GLY A 74 -13.31 3.80 0.27
CA GLY A 74 -13.69 4.95 -0.53
C GLY A 74 -13.06 4.91 -1.91
N LEU A 75 -13.24 3.79 -2.61
CA LEU A 75 -12.69 3.64 -3.95
C LEU A 75 -13.80 3.49 -4.99
N LYS A 76 -13.43 3.57 -6.26
CA LYS A 76 -14.39 3.44 -7.34
C LYS A 76 -14.42 2.01 -7.88
N PRO A 77 -15.63 1.49 -8.14
CA PRO A 77 -15.82 0.13 -8.65
C PRO A 77 -15.35 -0.01 -10.10
N ASN A 78 -14.98 -1.23 -10.48
CA ASN A 78 -14.51 -1.49 -11.84
C ASN A 78 -13.44 -0.50 -12.24
N THR A 79 -12.44 -0.31 -11.37
CA THR A 79 -11.35 0.60 -11.65
C THR A 79 -10.04 0.10 -11.04
N LEU A 80 -8.97 0.18 -11.83
CA LEU A 80 -7.66 -0.26 -11.37
C LEU A 80 -7.02 0.77 -10.43
N TYR A 81 -6.57 0.31 -9.28
CA TYR A 81 -5.95 1.20 -8.30
C TYR A 81 -4.56 0.68 -7.91
N GLU A 82 -3.72 1.59 -7.42
CA GLU A 82 -2.37 1.22 -7.00
C GLU A 82 -2.26 1.20 -5.48
N PHE A 83 -1.39 0.33 -4.97
CA PHE A 83 -1.19 0.20 -3.54
C PHE A 83 0.29 -0.04 -3.22
N SER A 84 0.86 0.82 -2.38
CA SER A 84 2.25 0.70 -2.00
C SER A 84 2.46 1.12 -0.54
N VAL A 85 3.35 0.43 0.16
CA VAL A 85 3.64 0.73 1.55
C VAL A 85 5.12 1.02 1.75
N MET A 86 5.42 2.05 2.55
CA MET A 86 6.80 2.42 2.82
C MET A 86 6.99 2.74 4.30
N VAL A 87 8.24 2.67 4.77
CA VAL A 87 8.55 2.96 6.15
C VAL A 87 9.56 4.10 6.28
N THR A 88 9.36 4.97 7.25
CA THR A 88 10.24 6.10 7.47
C THR A 88 10.76 6.14 8.91
N LYS A 89 12.05 6.40 9.07
CA LYS A 89 12.66 6.46 10.39
C LYS A 89 13.04 7.89 10.75
N GLY A 90 12.04 8.78 10.79
CA GLY A 90 12.30 10.16 11.11
C GLY A 90 13.11 10.88 10.05
N ARG A 91 14.41 10.61 10.02
CA ARG A 91 15.30 11.24 9.04
C ARG A 91 15.51 10.31 7.85
N ARG A 92 15.57 9.01 8.11
CA ARG A 92 15.78 8.03 7.06
C ARG A 92 14.46 7.63 6.40
N SER A 93 14.53 6.89 5.31
CA SER A 93 13.34 6.45 4.59
C SER A 93 13.71 5.46 3.49
N SER A 94 12.81 4.51 3.24
CA SER A 94 13.04 3.50 2.21
C SER A 94 12.27 3.84 0.94
N THR A 95 12.53 3.09 -0.12
CA THR A 95 11.85 3.30 -1.40
C THR A 95 10.45 2.72 -1.38
N TRP A 96 9.75 2.85 -2.51
CA TRP A 96 8.39 2.33 -2.62
C TRP A 96 8.40 0.86 -3.01
N SER A 97 7.81 0.02 -2.16
CA SER A 97 7.75 -1.41 -2.41
C SER A 97 7.02 -1.70 -3.72
N MET A 98 7.01 -2.98 -4.10
CA MET A 98 6.33 -3.39 -5.34
C MET A 98 4.88 -2.94 -5.34
N THR A 99 4.55 -2.06 -6.28
CA THR A 99 3.19 -1.54 -6.39
C THR A 99 2.20 -2.67 -6.69
N ALA A 100 1.33 -2.96 -5.73
CA ALA A 100 0.33 -4.01 -5.89
C ALA A 100 -0.94 -3.47 -6.54
N HIS A 101 -1.34 -4.08 -7.64
CA HIS A 101 -2.54 -3.66 -8.36
C HIS A 101 -3.74 -4.49 -7.93
N GLY A 102 -4.82 -3.81 -7.55
CA GLY A 102 -6.02 -4.50 -7.12
C GLY A 102 -7.27 -3.97 -7.83
N THR A 103 -8.00 -4.88 -8.47
CA THR A 103 -9.21 -4.50 -9.19
C THR A 103 -10.46 -4.87 -8.38
N THR A 104 -11.18 -3.85 -7.91
CA THR A 104 -12.39 -4.06 -7.13
C THR A 104 -13.49 -4.69 -7.98
N PHE A 105 -14.49 -5.25 -7.31
CA PHE A 105 -15.61 -5.89 -8.01
C PHE A 105 -16.52 -4.84 -8.63
N GLU A 106 -17.27 -5.25 -9.65
CA GLU A 106 -18.18 -4.34 -10.35
C GLU A 106 -19.40 -4.05 -9.48
N LEU A 107 -19.75 -2.77 -9.35
CA LEU A 107 -20.90 -2.36 -8.56
C LEU A 107 -22.09 -2.02 -9.46
N SER A 108 -22.93 -3.02 -9.73
CA SER A 108 -24.10 -2.81 -10.58
C SER A 108 -25.03 -1.77 -9.98
N GLY A 109 -25.33 -0.74 -10.77
CA GLY A 109 -26.21 0.32 -10.30
C GLY A 109 -25.95 1.64 -11.00
N PRO A 110 -25.08 2.47 -10.43
CA PRO A 110 -24.73 3.78 -10.99
C PRO A 110 -23.92 3.66 -12.28
N SER A 111 -23.55 2.43 -12.63
CA SER A 111 -22.77 2.18 -13.83
C SER A 111 -23.19 3.12 -14.96
N SER A 112 -22.24 3.94 -15.41
CA SER A 112 -22.51 4.90 -16.47
C SER A 112 -22.66 4.19 -17.82
N GLY A 113 -23.22 4.90 -18.80
CA GLY A 113 -23.41 4.33 -20.11
C GLY A 113 -23.92 5.34 -21.12
N GLY A 1 12.63 -6.43 -11.40
CA GLY A 1 13.37 -5.57 -10.50
C GLY A 1 14.82 -5.98 -10.35
N SER A 2 15.70 -5.27 -11.05
CA SER A 2 17.14 -5.56 -11.01
C SER A 2 17.92 -4.34 -10.54
N SER A 3 17.42 -3.68 -9.50
CA SER A 3 18.08 -2.50 -8.96
C SER A 3 19.23 -2.88 -8.03
N GLY A 4 18.93 -3.78 -7.09
CA GLY A 4 19.95 -4.22 -6.15
C GLY A 4 20.90 -3.11 -5.75
N SER A 5 20.35 -2.01 -5.25
CA SER A 5 21.18 -0.87 -4.84
C SER A 5 21.02 -0.60 -3.34
N SER A 6 22.13 -0.33 -2.69
CA SER A 6 22.13 -0.05 -1.26
C SER A 6 22.09 1.45 -0.99
N GLY A 7 21.88 1.82 0.27
CA GLY A 7 21.82 3.22 0.63
C GLY A 7 20.73 3.52 1.65
N PRO A 8 19.55 3.89 1.14
CA PRO A 8 18.40 4.22 1.99
C PRO A 8 17.82 2.98 2.68
N MET A 9 16.74 3.17 3.43
CA MET A 9 16.10 2.07 4.14
C MET A 9 15.41 1.12 3.16
N MET A 10 15.28 -0.14 3.56
CA MET A 10 14.65 -1.15 2.72
C MET A 10 13.13 -1.13 2.90
N PRO A 11 12.39 -1.14 1.78
CA PRO A 11 10.93 -1.12 1.79
C PRO A 11 10.34 -2.43 2.30
N PRO A 12 9.03 -2.42 2.60
CA PRO A 12 8.32 -3.60 3.10
C PRO A 12 8.16 -4.67 2.03
N VAL A 13 7.58 -5.80 2.42
CA VAL A 13 7.36 -6.91 1.49
C VAL A 13 5.99 -7.54 1.70
N GLY A 14 5.69 -8.56 0.90
CA GLY A 14 4.41 -9.24 1.02
C GLY A 14 3.24 -8.34 0.66
N VAL A 15 3.55 -7.14 0.20
CA VAL A 15 2.51 -6.18 -0.18
C VAL A 15 1.47 -6.83 -1.07
N GLN A 16 0.32 -7.16 -0.49
CA GLN A 16 -0.77 -7.79 -1.24
C GLN A 16 -2.08 -7.03 -1.04
N ALA A 17 -3.03 -7.24 -1.95
CA ALA A 17 -4.32 -6.59 -1.86
C ALA A 17 -5.46 -7.61 -1.91
N SER A 18 -6.37 -7.50 -0.94
CA SER A 18 -7.51 -8.43 -0.87
C SER A 18 -8.82 -7.68 -1.08
N ILE A 19 -9.40 -7.85 -2.28
CA ILE A 19 -10.65 -7.19 -2.61
C ILE A 19 -11.78 -7.66 -1.68
N LEU A 20 -12.08 -6.86 -0.68
CA LEU A 20 -13.14 -7.18 0.28
C LEU A 20 -14.51 -6.85 -0.29
N SER A 21 -14.61 -5.70 -0.94
CA SER A 21 -15.87 -5.27 -1.54
C SER A 21 -15.62 -4.42 -2.78
N HIS A 22 -16.70 -3.91 -3.37
CA HIS A 22 -16.60 -3.08 -4.57
C HIS A 22 -15.91 -1.75 -4.25
N ASP A 23 -15.90 -1.40 -2.97
CA ASP A 23 -15.27 -0.14 -2.53
C ASP A 23 -14.41 -0.37 -1.30
N THR A 24 -14.05 -1.64 -1.06
CA THR A 24 -13.22 -1.99 0.09
C THR A 24 -12.05 -2.89 -0.33
N ILE A 25 -10.91 -2.67 0.29
CA ILE A 25 -9.71 -3.45 -0.02
C ILE A 25 -8.86 -3.67 1.23
N ARG A 26 -8.33 -4.88 1.37
CA ARG A 26 -7.50 -5.21 2.52
C ARG A 26 -6.03 -5.31 2.11
N ILE A 27 -5.22 -4.39 2.65
CA ILE A 27 -3.79 -4.37 2.35
C ILE A 27 -2.97 -4.83 3.54
N THR A 28 -2.12 -5.82 3.32
CA THR A 28 -1.27 -6.36 4.38
C THR A 28 0.16 -6.59 3.89
N TRP A 29 1.13 -6.19 4.69
CA TRP A 29 2.53 -6.35 4.32
C TRP A 29 3.33 -6.92 5.50
N ALA A 30 4.60 -7.23 5.25
CA ALA A 30 5.47 -7.77 6.28
C ALA A 30 6.80 -7.03 6.33
N ASP A 31 7.43 -7.04 7.50
CA ASP A 31 8.71 -6.36 7.68
C ASP A 31 9.76 -7.32 8.24
N ASN A 32 10.84 -7.51 7.49
CA ASN A 32 11.92 -8.40 7.91
C ASN A 32 12.79 -7.74 8.96
N SER A 33 12.55 -6.45 9.20
CA SER A 33 13.32 -5.69 10.19
C SER A 33 12.88 -6.04 11.61
N LEU A 34 11.57 -6.14 11.80
CA LEU A 34 11.01 -6.47 13.11
C LEU A 34 11.72 -7.67 13.72
N PRO A 35 11.88 -7.66 15.04
CA PRO A 35 12.53 -8.75 15.78
C PRO A 35 11.70 -10.02 15.80
N LYS A 36 12.10 -10.97 16.64
CA LYS A 36 11.39 -12.23 16.76
C LYS A 36 9.88 -12.04 16.58
N HIS A 37 9.27 -11.34 17.54
CA HIS A 37 7.84 -11.07 17.49
C HIS A 37 7.52 -10.03 16.42
N GLN A 38 6.23 -9.89 16.12
CA GLN A 38 5.79 -8.92 15.12
C GLN A 38 5.17 -7.70 15.78
N LYS A 39 5.89 -7.09 16.70
CA LYS A 39 5.42 -5.90 17.41
C LYS A 39 6.30 -4.70 17.11
N ILE A 40 5.67 -3.60 16.67
CA ILE A 40 6.40 -2.39 16.35
C ILE A 40 6.64 -1.54 17.61
N THR A 41 7.90 -1.46 18.01
CA THR A 41 8.27 -0.68 19.20
C THR A 41 9.26 0.41 18.85
N ASP A 42 9.09 0.99 17.67
CA ASP A 42 9.98 2.06 17.21
C ASP A 42 9.19 3.29 16.78
N SER A 43 9.83 4.45 16.83
CA SER A 43 9.17 5.69 16.45
C SER A 43 9.12 5.84 14.94
N ARG A 44 8.34 4.97 14.29
CA ARG A 44 8.21 4.99 12.84
C ARG A 44 6.74 4.92 12.43
N TYR A 45 6.47 5.23 11.17
CA TYR A 45 5.11 5.21 10.65
C TYR A 45 5.08 4.71 9.20
N TYR A 46 4.01 4.01 8.84
CA TYR A 46 3.86 3.48 7.49
C TYR A 46 2.91 4.35 6.67
N THR A 47 3.34 4.69 5.45
CA THR A 47 2.52 5.51 4.57
C THR A 47 2.13 4.74 3.32
N VAL A 48 0.82 4.62 3.10
CA VAL A 48 0.31 3.91 1.93
C VAL A 48 -0.21 4.88 0.88
N ARG A 49 0.16 4.63 -0.39
CA ARG A 49 -0.26 5.49 -1.48
C ARG A 49 -1.21 4.74 -2.41
N TRP A 50 -1.98 5.49 -3.20
CA TRP A 50 -2.93 4.90 -4.13
C TRP A 50 -3.49 5.95 -5.08
N LYS A 51 -3.61 5.58 -6.35
CA LYS A 51 -4.13 6.49 -7.37
C LYS A 51 -4.88 5.73 -8.46
N THR A 52 -5.44 6.47 -9.41
CA THR A 52 -6.18 5.87 -10.50
C THR A 52 -5.28 5.64 -11.72
N ASN A 53 -5.40 4.46 -12.31
CA ASN A 53 -4.60 4.11 -13.48
C ASN A 53 -4.98 4.98 -14.68
N ILE A 54 -6.27 5.30 -14.77
CA ILE A 54 -6.77 6.13 -15.87
C ILE A 54 -7.58 7.30 -15.34
N PRO A 55 -7.19 8.52 -15.75
CA PRO A 55 -6.05 8.73 -16.64
C PRO A 55 -4.72 8.43 -15.97
N ALA A 56 -3.64 8.50 -16.74
CA ALA A 56 -2.31 8.24 -16.21
C ALA A 56 -1.66 9.51 -15.68
N ASN A 57 -0.59 9.34 -14.91
CA ASN A 57 0.13 10.48 -14.34
C ASN A 57 -0.81 11.34 -13.49
N THR A 58 -1.76 10.68 -12.84
CA THR A 58 -2.73 11.38 -11.99
C THR A 58 -2.12 11.72 -10.64
N LYS A 59 -2.86 12.46 -9.81
CA LYS A 59 -2.40 12.84 -8.49
C LYS A 59 -2.14 11.62 -7.62
N TYR A 60 -1.21 11.75 -6.68
CA TYR A 60 -0.88 10.65 -5.78
C TYR A 60 -1.26 10.98 -4.35
N LYS A 61 -2.11 10.15 -3.77
CA LYS A 61 -2.57 10.35 -2.39
C LYS A 61 -1.81 9.44 -1.42
N ASN A 62 -1.62 9.92 -0.20
CA ASN A 62 -0.90 9.16 0.81
C ASN A 62 -1.69 9.11 2.12
N ALA A 63 -1.45 8.06 2.90
CA ALA A 63 -2.14 7.90 4.18
C ALA A 63 -1.15 7.73 5.32
N ASN A 64 -1.63 7.86 6.55
CA ASN A 64 -0.78 7.72 7.73
C ASN A 64 -1.37 6.70 8.71
N ALA A 65 -0.66 5.59 8.90
CA ALA A 65 -1.11 4.55 9.81
C ALA A 65 0.04 3.64 10.21
N THR A 66 0.36 3.62 11.50
CA THR A 66 1.45 2.79 12.01
C THR A 66 0.96 1.37 12.32
N THR A 67 1.16 0.47 11.37
CA THR A 67 0.75 -0.92 11.53
C THR A 67 1.21 -1.78 10.37
N LEU A 68 0.99 -3.09 10.48
CA LEU A 68 1.39 -4.01 9.43
C LEU A 68 0.23 -4.28 8.46
N SER A 69 -0.76 -3.39 8.48
CA SER A 69 -1.92 -3.52 7.61
C SER A 69 -2.62 -2.17 7.42
N TYR A 70 -3.55 -2.12 6.48
CA TYR A 70 -4.28 -0.89 6.20
C TYR A 70 -5.49 -1.17 5.31
N LEU A 71 -6.66 -0.69 5.74
CA LEU A 71 -7.89 -0.88 4.98
C LEU A 71 -8.23 0.36 4.16
N VAL A 72 -8.11 0.24 2.84
CA VAL A 72 -8.40 1.35 1.94
C VAL A 72 -9.89 1.38 1.59
N THR A 73 -10.60 2.37 2.13
CA THR A 73 -12.03 2.51 1.87
C THR A 73 -12.32 3.81 1.13
N GLY A 74 -13.24 3.74 0.17
CA GLY A 74 -13.59 4.92 -0.60
C GLY A 74 -13.03 4.88 -2.00
N LEU A 75 -13.26 3.78 -2.71
CA LEU A 75 -12.76 3.62 -4.07
C LEU A 75 -13.92 3.46 -5.06
N LYS A 76 -13.58 3.33 -6.33
CA LYS A 76 -14.59 3.15 -7.37
C LYS A 76 -14.57 1.73 -7.92
N PRO A 77 -15.77 1.17 -8.15
CA PRO A 77 -15.92 -0.20 -8.68
C PRO A 77 -15.48 -0.31 -10.13
N ASN A 78 -15.03 -1.49 -10.52
CA ASN A 78 -14.59 -1.72 -11.89
C ASN A 78 -13.53 -0.70 -12.31
N THR A 79 -12.55 -0.49 -11.43
CA THR A 79 -11.48 0.47 -11.70
C THR A 79 -10.16 -0.02 -11.11
N LEU A 80 -9.08 0.18 -11.86
CA LEU A 80 -7.76 -0.23 -11.41
C LEU A 80 -7.14 0.81 -10.47
N TYR A 81 -6.66 0.35 -9.33
CA TYR A 81 -6.06 1.24 -8.34
C TYR A 81 -4.67 0.73 -7.94
N GLU A 82 -3.84 1.65 -7.43
CA GLU A 82 -2.49 1.30 -6.99
C GLU A 82 -2.39 1.29 -5.47
N PHE A 83 -1.49 0.46 -4.96
CA PHE A 83 -1.29 0.36 -3.51
C PHE A 83 0.16 0.02 -3.19
N SER A 84 0.81 0.87 -2.41
CA SER A 84 2.21 0.66 -2.03
C SER A 84 2.41 0.98 -0.56
N VAL A 85 3.50 0.47 0.00
CA VAL A 85 3.83 0.69 1.41
C VAL A 85 5.29 1.09 1.59
N MET A 86 5.52 2.14 2.34
CA MET A 86 6.88 2.62 2.58
C MET A 86 7.12 2.84 4.08
N VAL A 87 8.38 2.77 4.49
CA VAL A 87 8.74 2.96 5.88
C VAL A 87 9.72 4.12 6.04
N THR A 88 9.52 4.91 7.10
CA THR A 88 10.39 6.05 7.37
C THR A 88 10.75 6.13 8.85
N LYS A 89 12.04 6.26 9.12
CA LYS A 89 12.52 6.34 10.50
C LYS A 89 12.92 7.77 10.85
N GLY A 90 12.17 8.74 10.32
CA GLY A 90 12.46 10.13 10.60
C GLY A 90 13.33 10.76 9.52
N ARG A 91 14.63 10.52 9.61
CA ARG A 91 15.58 11.07 8.64
C ARG A 91 15.77 10.11 7.46
N ARG A 92 15.71 8.81 7.75
CA ARG A 92 15.88 7.80 6.72
C ARG A 92 14.52 7.36 6.17
N SER A 93 14.55 6.70 5.01
CA SER A 93 13.32 6.23 4.37
C SER A 93 13.64 5.21 3.28
N SER A 94 12.60 4.54 2.79
CA SER A 94 12.76 3.54 1.75
C SER A 94 11.86 3.84 0.56
N THR A 95 12.27 3.35 -0.62
CA THR A 95 11.50 3.57 -1.84
C THR A 95 10.11 2.94 -1.73
N TRP A 96 9.26 3.25 -2.71
CA TRP A 96 7.90 2.71 -2.72
C TRP A 96 7.90 1.23 -3.10
N SER A 97 7.69 0.37 -2.10
CA SER A 97 7.66 -1.06 -2.33
C SER A 97 6.87 -1.41 -3.58
N MET A 98 7.04 -2.63 -4.07
CA MET A 98 6.33 -3.08 -5.26
C MET A 98 4.90 -2.56 -5.28
N THR A 99 4.47 -2.07 -6.44
CA THR A 99 3.13 -1.53 -6.58
C THR A 99 2.11 -2.66 -6.81
N ALA A 100 1.28 -2.91 -5.81
CA ALA A 100 0.26 -3.95 -5.91
C ALA A 100 -1.00 -3.42 -6.55
N HIS A 101 -1.36 -4.00 -7.69
CA HIS A 101 -2.56 -3.58 -8.42
C HIS A 101 -3.77 -4.41 -7.99
N GLY A 102 -4.84 -3.72 -7.59
CA GLY A 102 -6.04 -4.40 -7.16
C GLY A 102 -7.29 -3.88 -7.85
N THR A 103 -8.10 -4.78 -8.36
CA THR A 103 -9.33 -4.40 -9.05
C THR A 103 -10.56 -4.74 -8.22
N THR A 104 -11.32 -3.70 -7.85
CA THR A 104 -12.52 -3.89 -7.05
C THR A 104 -13.59 -4.65 -7.82
N PHE A 105 -14.60 -5.13 -7.11
CA PHE A 105 -15.70 -5.86 -7.74
C PHE A 105 -16.66 -4.92 -8.46
N GLU A 106 -17.29 -5.42 -9.51
CA GLU A 106 -18.23 -4.63 -10.29
C GLU A 106 -19.50 -4.36 -9.50
N LEU A 107 -19.79 -3.09 -9.27
CA LEU A 107 -20.98 -2.69 -8.52
C LEU A 107 -22.11 -2.30 -9.47
N SER A 108 -21.83 -1.37 -10.37
CA SER A 108 -22.82 -0.90 -11.32
C SER A 108 -23.70 -2.06 -11.80
N GLY A 109 -24.95 -1.75 -12.14
CA GLY A 109 -25.86 -2.77 -12.60
C GLY A 109 -26.08 -2.72 -14.11
N PRO A 110 -27.19 -3.31 -14.57
CA PRO A 110 -27.54 -3.34 -16.00
C PRO A 110 -27.92 -1.96 -16.52
N SER A 111 -26.93 -1.22 -17.00
CA SER A 111 -27.17 0.12 -17.54
C SER A 111 -26.76 0.19 -19.01
N SER A 112 -27.03 1.34 -19.63
CA SER A 112 -26.69 1.54 -21.03
C SER A 112 -25.22 1.88 -21.20
N GLY A 113 -24.59 1.28 -22.20
CA GLY A 113 -23.18 1.53 -22.45
C GLY A 113 -22.61 0.60 -23.51
N GLY A 1 19.63 -6.86 -5.55
CA GLY A 1 19.28 -6.29 -4.27
C GLY A 1 20.34 -6.53 -3.21
N SER A 2 20.83 -5.46 -2.61
CA SER A 2 21.87 -5.56 -1.59
C SER A 2 21.34 -5.12 -0.23
N SER A 3 20.71 -6.05 0.47
CA SER A 3 20.14 -5.75 1.79
C SER A 3 20.52 -6.84 2.79
N GLY A 4 20.51 -6.48 4.08
CA GLY A 4 20.86 -7.43 5.11
C GLY A 4 21.61 -6.79 6.26
N SER A 5 22.66 -6.06 5.94
CA SER A 5 23.48 -5.40 6.95
C SER A 5 23.06 -3.94 7.11
N SER A 6 23.69 -3.25 8.06
CA SER A 6 23.38 -1.85 8.31
C SER A 6 23.17 -1.10 7.01
N GLY A 7 22.49 0.05 7.10
CA GLY A 7 22.21 0.84 5.91
C GLY A 7 20.87 1.54 5.98
N PRO A 8 20.36 1.96 4.81
CA PRO A 8 19.07 2.66 4.71
C PRO A 8 17.89 1.74 5.00
N MET A 9 16.82 2.31 5.54
CA MET A 9 15.63 1.53 5.87
C MET A 9 15.18 0.69 4.68
N MET A 10 14.77 -0.54 4.95
CA MET A 10 14.33 -1.45 3.90
C MET A 10 12.80 -1.46 3.79
N PRO A 11 12.29 -1.45 2.55
CA PRO A 11 10.85 -1.45 2.29
C PRO A 11 10.19 -2.78 2.67
N PRO A 12 8.87 -2.75 2.87
CA PRO A 12 8.10 -3.94 3.23
C PRO A 12 8.00 -4.94 2.10
N VAL A 13 7.31 -6.05 2.34
CA VAL A 13 7.13 -7.09 1.34
C VAL A 13 5.83 -7.84 1.54
N GLY A 14 5.54 -8.78 0.63
CA GLY A 14 4.32 -9.56 0.73
C GLY A 14 3.08 -8.72 0.53
N VAL A 15 3.27 -7.48 0.07
CA VAL A 15 2.16 -6.57 -0.17
C VAL A 15 1.13 -7.19 -1.11
N GLN A 16 -0.11 -7.27 -0.66
CA GLN A 16 -1.19 -7.85 -1.46
C GLN A 16 -2.48 -7.05 -1.29
N ALA A 17 -3.36 -7.17 -2.27
CA ALA A 17 -4.64 -6.47 -2.23
C ALA A 17 -5.81 -7.44 -2.29
N SER A 18 -6.55 -7.52 -1.20
CA SER A 18 -7.70 -8.42 -1.11
C SER A 18 -9.00 -7.67 -1.40
N ILE A 19 -9.61 -7.99 -2.54
CA ILE A 19 -10.86 -7.36 -2.93
C ILE A 19 -12.01 -7.79 -2.03
N LEU A 20 -12.29 -7.00 -1.00
CA LEU A 20 -13.38 -7.30 -0.07
C LEU A 20 -14.71 -6.84 -0.62
N SER A 21 -14.74 -5.64 -1.18
CA SER A 21 -15.96 -5.07 -1.74
C SER A 21 -15.64 -4.06 -2.83
N HIS A 22 -16.69 -3.52 -3.45
CA HIS A 22 -16.52 -2.54 -4.52
C HIS A 22 -15.63 -1.39 -4.06
N ASP A 23 -15.83 -0.95 -2.82
CA ASP A 23 -15.05 0.15 -2.26
C ASP A 23 -14.30 -0.30 -1.01
N THR A 24 -14.01 -1.60 -0.94
CA THR A 24 -13.30 -2.16 0.20
C THR A 24 -12.16 -3.06 -0.25
N ILE A 25 -11.00 -2.90 0.38
CA ILE A 25 -9.84 -3.70 0.03
C ILE A 25 -8.90 -3.85 1.24
N ARG A 26 -8.42 -5.06 1.47
CA ARG A 26 -7.52 -5.33 2.59
C ARG A 26 -6.07 -5.29 2.12
N ILE A 27 -5.28 -4.42 2.75
CA ILE A 27 -3.86 -4.29 2.40
C ILE A 27 -2.97 -4.77 3.53
N THR A 28 -2.29 -5.88 3.30
CA THR A 28 -1.39 -6.45 4.31
C THR A 28 0.02 -6.60 3.77
N TRP A 29 1.01 -6.28 4.61
CA TRP A 29 2.40 -6.37 4.21
C TRP A 29 3.28 -6.80 5.39
N ALA A 30 4.54 -7.09 5.11
CA ALA A 30 5.48 -7.51 6.14
C ALA A 30 6.66 -6.55 6.25
N ASP A 31 7.40 -6.64 7.34
CA ASP A 31 8.56 -5.77 7.56
C ASP A 31 9.84 -6.60 7.68
N ASN A 32 10.85 -6.23 6.91
CA ASN A 32 12.12 -6.94 6.93
C ASN A 32 13.12 -6.24 7.85
N SER A 33 12.98 -4.93 7.97
CA SER A 33 13.87 -4.14 8.81
C SER A 33 13.89 -4.69 10.23
N LEU A 34 12.70 -4.92 10.79
CA LEU A 34 12.58 -5.44 12.15
C LEU A 34 13.47 -6.68 12.34
N PRO A 35 13.90 -6.90 13.58
CA PRO A 35 14.76 -8.05 13.92
C PRO A 35 14.00 -9.37 13.84
N LYS A 36 14.66 -10.45 14.25
CA LYS A 36 14.06 -11.78 14.22
C LYS A 36 12.57 -11.71 14.57
N HIS A 37 12.23 -10.82 15.50
CA HIS A 37 10.84 -10.65 15.91
C HIS A 37 10.21 -9.43 15.24
N GLN A 38 8.90 -9.46 15.08
CA GLN A 38 8.17 -8.35 14.46
C GLN A 38 7.34 -7.60 15.47
N LYS A 39 7.88 -6.51 15.99
CA LYS A 39 7.18 -5.69 16.98
C LYS A 39 7.47 -4.20 16.76
N ILE A 40 6.46 -3.47 16.29
CA ILE A 40 6.60 -2.04 16.04
C ILE A 40 6.58 -1.25 17.34
N THR A 41 7.72 -0.64 17.67
CA THR A 41 7.83 0.15 18.89
C THR A 41 7.25 1.55 18.69
N ASP A 42 6.12 1.62 18.01
CA ASP A 42 5.46 2.90 17.75
C ASP A 42 6.50 4.00 17.48
N SER A 43 7.65 3.60 16.94
CA SER A 43 8.71 4.55 16.65
C SER A 43 8.54 5.15 15.26
N ARG A 44 8.71 4.32 14.24
CA ARG A 44 8.58 4.77 12.86
C ARG A 44 7.12 4.80 12.44
N TYR A 45 6.86 5.26 11.21
CA TYR A 45 5.50 5.35 10.70
C TYR A 45 5.44 4.91 9.24
N TYR A 46 4.33 4.28 8.87
CA TYR A 46 4.15 3.80 7.51
C TYR A 46 3.25 4.74 6.71
N THR A 47 3.50 4.83 5.41
CA THR A 47 2.72 5.69 4.53
C THR A 47 2.24 4.94 3.30
N VAL A 48 0.94 4.68 3.23
CA VAL A 48 0.36 3.97 2.10
C VAL A 48 -0.15 4.95 1.05
N ARG A 49 0.36 4.81 -0.17
CA ARG A 49 -0.04 5.68 -1.27
C ARG A 49 -0.96 4.94 -2.24
N TRP A 50 -1.91 5.67 -2.81
CA TRP A 50 -2.86 5.08 -3.75
C TRP A 50 -3.40 6.14 -4.71
N LYS A 51 -3.69 5.73 -5.93
CA LYS A 51 -4.22 6.64 -6.94
C LYS A 51 -5.00 5.88 -8.01
N THR A 52 -5.51 6.60 -9.00
CA THR A 52 -6.28 6.00 -10.08
C THR A 52 -5.43 5.80 -11.32
N ASN A 53 -5.34 4.55 -11.79
CA ASN A 53 -4.55 4.24 -12.97
C ASN A 53 -5.00 5.08 -14.16
N ILE A 54 -6.27 5.45 -14.17
CA ILE A 54 -6.82 6.26 -15.25
C ILE A 54 -7.51 7.51 -14.71
N PRO A 55 -7.16 8.67 -15.28
CA PRO A 55 -6.16 8.76 -16.34
C PRO A 55 -4.75 8.46 -15.84
N ALA A 56 -3.78 8.51 -16.75
CA ALA A 56 -2.39 8.24 -16.40
C ALA A 56 -1.83 9.36 -15.53
N ASN A 57 -1.94 10.60 -15.99
CA ASN A 57 -1.45 11.74 -15.25
C ASN A 57 -2.43 12.16 -14.16
N THR A 58 -2.15 11.75 -12.93
CA THR A 58 -3.01 12.08 -11.80
C THR A 58 -2.18 12.33 -10.54
N LYS A 59 -2.79 13.03 -9.58
CA LYS A 59 -2.11 13.33 -8.32
C LYS A 59 -1.96 12.07 -7.46
N TYR A 60 -0.96 12.06 -6.60
CA TYR A 60 -0.71 10.92 -5.72
C TYR A 60 -1.21 11.20 -4.31
N LYS A 61 -1.81 10.19 -3.69
CA LYS A 61 -2.34 10.32 -2.33
C LYS A 61 -1.49 9.54 -1.34
N ASN A 62 -1.62 9.88 -0.06
CA ASN A 62 -0.86 9.20 0.99
C ASN A 62 -1.51 9.42 2.35
N ALA A 63 -1.55 8.37 3.16
CA ALA A 63 -2.14 8.45 4.49
C ALA A 63 -1.11 8.11 5.56
N ASN A 64 -1.54 8.15 6.82
CA ASN A 64 -0.65 7.86 7.94
C ASN A 64 -1.28 6.82 8.86
N ALA A 65 -0.58 5.68 9.01
CA ALA A 65 -1.07 4.61 9.86
C ALA A 65 0.08 3.71 10.32
N THR A 66 0.33 3.70 11.62
CA THR A 66 1.40 2.89 12.19
C THR A 66 0.95 1.46 12.42
N THR A 67 1.27 0.59 11.45
CA THR A 67 0.90 -0.82 11.55
C THR A 67 1.48 -1.62 10.39
N LEU A 68 1.33 -2.94 10.46
CA LEU A 68 1.84 -3.82 9.41
C LEU A 68 0.78 -4.11 8.37
N SER A 69 -0.24 -3.25 8.31
CA SER A 69 -1.33 -3.41 7.37
C SER A 69 -2.09 -2.10 7.18
N TYR A 70 -3.12 -2.13 6.34
CA TYR A 70 -3.94 -0.94 6.09
C TYR A 70 -5.23 -1.32 5.38
N LEU A 71 -6.29 -0.58 5.67
CA LEU A 71 -7.60 -0.82 5.06
C LEU A 71 -8.06 0.38 4.25
N VAL A 72 -8.01 0.25 2.93
CA VAL A 72 -8.42 1.34 2.04
C VAL A 72 -9.93 1.31 1.83
N THR A 73 -10.57 2.46 2.04
CA THR A 73 -12.01 2.58 1.88
C THR A 73 -12.37 3.84 1.09
N GLY A 74 -13.43 3.75 0.29
CA GLY A 74 -13.86 4.88 -0.51
C GLY A 74 -13.19 4.93 -1.87
N LEU A 75 -13.30 3.84 -2.60
CA LEU A 75 -12.70 3.74 -3.93
C LEU A 75 -13.78 3.61 -5.01
N LYS A 76 -13.35 3.52 -6.26
CA LYS A 76 -14.28 3.38 -7.38
C LYS A 76 -14.33 1.94 -7.88
N PRO A 77 -15.54 1.47 -8.20
CA PRO A 77 -15.75 0.10 -8.68
C PRO A 77 -15.19 -0.10 -10.09
N ASN A 78 -15.07 -1.37 -10.50
CA ASN A 78 -14.54 -1.70 -11.82
C ASN A 78 -13.43 -0.72 -12.22
N THR A 79 -12.44 -0.58 -11.35
CA THR A 79 -11.32 0.31 -11.61
C THR A 79 -10.02 -0.24 -11.04
N LEU A 80 -8.91 0.08 -11.68
CA LEU A 80 -7.60 -0.38 -11.23
C LEU A 80 -6.92 0.66 -10.35
N TYR A 81 -6.61 0.28 -9.12
CA TYR A 81 -5.96 1.18 -8.18
C TYR A 81 -4.60 0.63 -7.75
N GLU A 82 -3.69 1.55 -7.40
CA GLU A 82 -2.35 1.16 -6.97
C GLU A 82 -2.21 1.27 -5.46
N PHE A 83 -1.52 0.32 -4.85
CA PHE A 83 -1.31 0.31 -3.41
C PHE A 83 0.15 0.03 -3.08
N SER A 84 0.78 0.96 -2.37
CA SER A 84 2.18 0.82 -1.99
C SER A 84 2.38 1.15 -0.52
N VAL A 85 3.42 0.58 0.08
CA VAL A 85 3.73 0.82 1.48
C VAL A 85 5.20 1.15 1.68
N MET A 86 5.46 2.24 2.40
CA MET A 86 6.84 2.66 2.67
C MET A 86 7.00 3.07 4.12
N VAL A 87 8.21 2.86 4.66
CA VAL A 87 8.51 3.21 6.04
C VAL A 87 9.57 4.30 6.12
N THR A 88 9.50 5.10 7.17
CA THR A 88 10.46 6.19 7.37
C THR A 88 10.95 6.23 8.81
N LYS A 89 12.26 6.12 8.98
CA LYS A 89 12.87 6.15 10.31
C LYS A 89 13.53 7.50 10.58
N GLY A 90 14.01 7.68 11.81
CA GLY A 90 14.66 8.93 12.17
C GLY A 90 15.59 9.43 11.09
N ARG A 91 15.18 10.50 10.41
CA ARG A 91 15.98 11.09 9.34
C ARG A 91 16.32 10.04 8.28
N ARG A 92 15.35 9.20 7.95
CA ARG A 92 15.54 8.15 6.96
C ARG A 92 14.26 7.92 6.16
N SER A 93 14.33 6.99 5.20
CA SER A 93 13.18 6.67 4.37
C SER A 93 13.48 5.49 3.46
N SER A 94 12.51 4.59 3.33
CA SER A 94 12.68 3.40 2.50
C SER A 94 11.88 3.53 1.20
N THR A 95 12.49 3.09 0.11
CA THR A 95 11.84 3.16 -1.21
C THR A 95 10.45 2.54 -1.16
N TRP A 96 9.72 2.66 -2.27
CA TRP A 96 8.38 2.11 -2.36
C TRP A 96 8.42 0.61 -2.68
N SER A 97 7.75 -0.19 -1.86
CA SER A 97 7.71 -1.63 -2.06
C SER A 97 6.96 -1.99 -3.33
N MET A 98 7.11 -3.23 -3.77
CA MET A 98 6.45 -3.71 -4.98
C MET A 98 4.99 -3.27 -5.01
N THR A 99 4.63 -2.46 -6.00
CA THR A 99 3.27 -1.97 -6.13
C THR A 99 2.27 -3.13 -6.23
N ALA A 100 1.24 -3.08 -5.41
CA ALA A 100 0.22 -4.13 -5.41
C ALA A 100 -1.01 -3.69 -6.21
N HIS A 101 -1.26 -4.38 -7.31
CA HIS A 101 -2.41 -4.06 -8.17
C HIS A 101 -3.63 -4.88 -7.77
N GLY A 102 -4.77 -4.21 -7.62
CA GLY A 102 -5.99 -4.89 -7.23
C GLY A 102 -7.23 -4.18 -7.73
N THR A 103 -8.00 -4.87 -8.58
CA THR A 103 -9.22 -4.29 -9.13
C THR A 103 -10.43 -4.66 -8.29
N THR A 104 -11.25 -3.66 -7.98
CA THR A 104 -12.46 -3.88 -7.17
C THR A 104 -13.55 -4.53 -8.00
N PHE A 105 -14.57 -5.05 -7.32
CA PHE A 105 -15.69 -5.70 -8.00
C PHE A 105 -16.57 -4.68 -8.69
N GLU A 106 -17.34 -5.15 -9.68
CA GLU A 106 -18.23 -4.27 -10.43
C GLU A 106 -19.47 -3.91 -9.61
N LEU A 107 -19.62 -2.61 -9.33
CA LEU A 107 -20.76 -2.14 -8.56
C LEU A 107 -22.07 -2.69 -9.10
N SER A 108 -22.38 -2.35 -10.35
CA SER A 108 -23.60 -2.82 -10.98
C SER A 108 -23.39 -4.17 -11.67
N GLY A 109 -22.37 -4.23 -12.53
CA GLY A 109 -22.08 -5.46 -13.24
C GLY A 109 -22.51 -5.41 -14.69
N PRO A 110 -22.81 -6.59 -15.26
CA PRO A 110 -23.23 -6.70 -16.66
C PRO A 110 -24.61 -6.11 -16.90
N SER A 111 -24.66 -4.83 -17.26
CA SER A 111 -25.92 -4.14 -17.50
C SER A 111 -26.45 -4.47 -18.89
N SER A 112 -27.55 -3.82 -19.27
CA SER A 112 -28.15 -4.04 -20.59
C SER A 112 -29.05 -2.88 -20.97
N GLY A 113 -28.59 -2.08 -21.93
CA GLY A 113 -29.36 -0.93 -22.37
C GLY A 113 -28.96 -0.46 -23.75
N GLY A 1 24.42 1.93 -12.02
CA GLY A 1 24.77 3.13 -11.28
C GLY A 1 24.65 2.96 -9.78
N SER A 2 25.34 3.81 -9.03
CA SER A 2 25.32 3.75 -7.58
C SER A 2 24.81 5.07 -6.99
N SER A 3 24.25 4.99 -5.79
CA SER A 3 23.73 6.18 -5.11
C SER A 3 24.50 6.45 -3.83
N GLY A 4 24.31 7.64 -3.27
CA GLY A 4 24.99 8.01 -2.05
C GLY A 4 24.12 7.87 -0.82
N SER A 5 23.38 6.77 -0.75
CA SER A 5 22.48 6.52 0.37
C SER A 5 23.22 6.65 1.70
N SER A 6 22.48 6.97 2.75
CA SER A 6 23.07 7.13 4.07
C SER A 6 22.62 6.01 5.00
N GLY A 7 21.31 5.84 5.13
CA GLY A 7 20.77 4.79 5.99
C GLY A 7 19.43 4.27 5.50
N PRO A 8 19.45 3.64 4.32
CA PRO A 8 18.23 3.08 3.71
C PRO A 8 17.72 1.85 4.47
N MET A 9 16.43 1.86 4.79
CA MET A 9 15.82 0.76 5.51
C MET A 9 15.11 -0.20 4.56
N MET A 10 14.77 -1.38 5.05
CA MET A 10 14.09 -2.38 4.23
C MET A 10 12.59 -2.09 4.13
N PRO A 11 12.11 -1.89 2.89
CA PRO A 11 10.69 -1.60 2.63
C PRO A 11 9.79 -2.79 2.92
N PRO A 12 8.50 -2.52 3.12
CA PRO A 12 7.50 -3.56 3.39
C PRO A 12 7.23 -4.45 2.17
N VAL A 13 7.50 -5.73 2.31
CA VAL A 13 7.29 -6.68 1.23
C VAL A 13 6.02 -7.50 1.45
N GLY A 14 5.61 -8.23 0.42
CA GLY A 14 4.41 -9.05 0.53
C GLY A 14 3.14 -8.24 0.33
N VAL A 15 3.30 -6.95 0.05
CA VAL A 15 2.16 -6.08 -0.17
C VAL A 15 1.12 -6.72 -1.08
N GLN A 16 -0.10 -6.86 -0.59
CA GLN A 16 -1.18 -7.47 -1.36
C GLN A 16 -2.45 -6.64 -1.25
N ALA A 17 -3.47 -7.03 -2.01
CA ALA A 17 -4.75 -6.32 -2.00
C ALA A 17 -5.91 -7.29 -2.11
N SER A 18 -6.61 -7.51 -1.01
CA SER A 18 -7.75 -8.42 -0.99
C SER A 18 -9.06 -7.68 -1.27
N ILE A 19 -9.64 -7.97 -2.43
CA ILE A 19 -10.90 -7.33 -2.82
C ILE A 19 -12.05 -7.78 -1.95
N LEU A 20 -12.31 -7.01 -0.89
CA LEU A 20 -13.39 -7.33 0.04
C LEU A 20 -14.74 -6.83 -0.50
N SER A 21 -14.73 -5.63 -1.06
CA SER A 21 -15.95 -5.04 -1.61
C SER A 21 -15.63 -4.14 -2.79
N HIS A 22 -16.66 -3.66 -3.47
CA HIS A 22 -16.49 -2.78 -4.62
C HIS A 22 -15.69 -1.53 -4.23
N ASP A 23 -15.79 -1.14 -2.98
CA ASP A 23 -15.07 0.02 -2.48
C ASP A 23 -14.30 -0.30 -1.20
N THR A 24 -13.91 -1.57 -1.07
CA THR A 24 -13.16 -2.02 0.10
C THR A 24 -12.00 -2.92 -0.30
N ILE A 25 -10.81 -2.60 0.19
CA ILE A 25 -9.62 -3.38 -0.12
C ILE A 25 -8.70 -3.49 1.10
N ARG A 26 -8.16 -4.69 1.31
CA ARG A 26 -7.28 -4.92 2.44
C ARG A 26 -5.82 -5.02 1.98
N ILE A 27 -4.95 -4.27 2.63
CA ILE A 27 -3.53 -4.28 2.29
C ILE A 27 -2.68 -4.78 3.45
N THR A 28 -2.15 -5.99 3.31
CA THR A 28 -1.32 -6.59 4.35
C THR A 28 0.10 -6.83 3.85
N TRP A 29 1.08 -6.38 4.62
CA TRP A 29 2.48 -6.55 4.24
C TRP A 29 3.30 -7.07 5.43
N ALA A 30 4.56 -7.37 5.19
CA ALA A 30 5.45 -7.86 6.23
C ALA A 30 6.68 -6.97 6.38
N ASP A 31 7.14 -6.80 7.60
CA ASP A 31 8.30 -5.96 7.88
C ASP A 31 9.46 -6.81 8.40
N ASN A 32 10.13 -7.50 7.49
CA ASN A 32 11.26 -8.35 7.86
C ASN A 32 12.12 -7.69 8.93
N SER A 33 12.30 -6.38 8.80
CA SER A 33 13.10 -5.62 9.76
C SER A 33 12.92 -6.18 11.17
N LEU A 34 11.69 -6.51 11.52
CA LEU A 34 11.38 -7.05 12.84
C LEU A 34 11.98 -8.45 13.00
N PRO A 35 12.44 -8.75 14.23
CA PRO A 35 13.04 -10.05 14.55
C PRO A 35 12.01 -11.17 14.56
N LYS A 36 12.39 -12.31 15.13
CA LYS A 36 11.51 -13.47 15.20
C LYS A 36 10.06 -13.03 15.42
N HIS A 37 9.87 -12.11 16.37
CA HIS A 37 8.53 -11.60 16.67
C HIS A 37 8.19 -10.42 15.79
N GLN A 38 6.92 -10.33 15.40
CA GLN A 38 6.46 -9.24 14.55
C GLN A 38 5.74 -8.17 15.37
N LYS A 39 6.48 -7.53 16.26
CA LYS A 39 5.92 -6.48 17.11
C LYS A 39 6.62 -5.14 16.87
N ILE A 40 5.88 -4.17 16.35
CA ILE A 40 6.43 -2.85 16.08
C ILE A 40 6.76 -2.12 17.37
N THR A 41 7.92 -2.43 17.94
CA THR A 41 8.36 -1.79 19.19
C THR A 41 9.23 -0.58 18.90
N ASP A 42 8.79 0.27 17.98
CA ASP A 42 9.53 1.47 17.63
C ASP A 42 8.59 2.65 17.40
N SER A 43 9.17 3.82 17.14
CA SER A 43 8.38 5.03 16.91
C SER A 43 8.33 5.36 15.43
N ARG A 44 8.24 4.33 14.59
CA ARG A 44 8.19 4.52 13.14
C ARG A 44 6.75 4.60 12.66
N TYR A 45 6.56 5.14 11.46
CA TYR A 45 5.22 5.27 10.89
C TYR A 45 5.22 4.84 9.42
N TYR A 46 4.19 4.11 9.03
CA TYR A 46 4.06 3.64 7.66
C TYR A 46 3.23 4.61 6.82
N THR A 47 3.41 4.55 5.50
CA THR A 47 2.67 5.41 4.59
C THR A 47 2.13 4.63 3.41
N VAL A 48 0.80 4.52 3.33
CA VAL A 48 0.15 3.80 2.25
C VAL A 48 -0.30 4.76 1.15
N ARG A 49 0.19 4.53 -0.06
CA ARG A 49 -0.16 5.38 -1.20
C ARG A 49 -1.01 4.60 -2.20
N TRP A 50 -1.98 5.28 -2.79
CA TRP A 50 -2.86 4.66 -3.78
C TRP A 50 -3.30 5.66 -4.84
N LYS A 51 -3.59 5.17 -6.03
CA LYS A 51 -4.02 6.03 -7.14
C LYS A 51 -4.93 5.26 -8.09
N THR A 52 -5.45 5.96 -9.09
CA THR A 52 -6.33 5.35 -10.08
C THR A 52 -5.61 5.13 -11.40
N ASN A 53 -5.94 4.03 -12.08
CA ASN A 53 -5.31 3.70 -13.35
C ASN A 53 -5.77 4.66 -14.44
N ILE A 54 -6.92 5.30 -14.23
CA ILE A 54 -7.46 6.25 -15.19
C ILE A 54 -7.77 7.58 -14.53
N PRO A 55 -7.15 8.66 -15.05
CA PRO A 55 -6.22 8.57 -16.18
C PRO A 55 -4.92 7.87 -15.80
N ALA A 56 -3.97 7.85 -16.74
CA ALA A 56 -2.68 7.21 -16.51
C ALA A 56 -1.81 8.07 -15.58
N ASN A 57 -1.72 9.35 -15.90
CA ASN A 57 -0.91 10.28 -15.10
C ASN A 57 -1.80 11.08 -14.15
N THR A 58 -2.09 10.49 -12.99
CA THR A 58 -2.92 11.14 -11.99
C THR A 58 -2.15 11.37 -10.70
N LYS A 59 -2.57 12.37 -9.93
CA LYS A 59 -1.92 12.70 -8.67
C LYS A 59 -1.84 11.47 -7.76
N TYR A 60 -0.86 11.46 -6.86
CA TYR A 60 -0.68 10.35 -5.94
C TYR A 60 -1.22 10.69 -4.56
N LYS A 61 -1.69 9.68 -3.84
CA LYS A 61 -2.24 9.86 -2.51
C LYS A 61 -1.36 9.20 -1.46
N ASN A 62 -1.58 9.54 -0.20
CA ASN A 62 -0.80 8.98 0.90
C ASN A 62 -1.63 8.92 2.19
N ALA A 63 -1.31 7.97 3.06
CA ALA A 63 -2.02 7.82 4.32
C ALA A 63 -1.05 7.73 5.48
N ASN A 64 -1.59 7.67 6.70
CA ASN A 64 -0.77 7.60 7.90
C ASN A 64 -1.32 6.54 8.87
N ALA A 65 -0.61 5.43 8.99
CA ALA A 65 -1.02 4.36 9.88
C ALA A 65 0.16 3.45 10.24
N THR A 66 0.52 3.44 11.52
CA THR A 66 1.63 2.62 11.98
C THR A 66 1.16 1.20 12.30
N THR A 67 1.35 0.30 11.34
CA THR A 67 0.96 -1.09 11.52
C THR A 67 1.38 -1.95 10.33
N LEU A 68 1.17 -3.25 10.44
CA LEU A 68 1.53 -4.18 9.37
C LEU A 68 0.32 -4.55 8.54
N SER A 69 -0.66 -3.65 8.49
CA SER A 69 -1.88 -3.89 7.73
C SER A 69 -2.73 -2.62 7.64
N TYR A 70 -3.09 -2.23 6.43
CA TYR A 70 -3.90 -1.03 6.22
C TYR A 70 -5.08 -1.34 5.32
N LEU A 71 -6.20 -0.68 5.59
CA LEU A 71 -7.42 -0.88 4.80
C LEU A 71 -7.88 0.43 4.17
N VAL A 72 -8.11 0.41 2.86
CA VAL A 72 -8.55 1.59 2.13
C VAL A 72 -10.03 1.49 1.77
N THR A 73 -10.75 2.60 1.90
CA THR A 73 -12.17 2.64 1.59
C THR A 73 -12.53 3.93 0.86
N GLY A 74 -13.47 3.83 -0.07
CA GLY A 74 -13.91 4.99 -0.82
C GLY A 74 -13.34 5.02 -2.22
N LEU A 75 -13.35 3.87 -2.88
CA LEU A 75 -12.84 3.76 -4.24
C LEU A 75 -13.96 3.49 -5.23
N LYS A 76 -13.65 3.55 -6.52
CA LYS A 76 -14.64 3.31 -7.57
C LYS A 76 -14.61 1.86 -8.02
N PRO A 77 -15.79 1.31 -8.32
CA PRO A 77 -15.93 -0.08 -8.77
C PRO A 77 -15.38 -0.29 -10.18
N ASN A 78 -15.08 -1.54 -10.52
CA ASN A 78 -14.55 -1.88 -11.83
C ASN A 78 -13.48 -0.86 -12.26
N THR A 79 -12.51 -0.63 -11.38
CA THR A 79 -11.43 0.31 -11.67
C THR A 79 -10.12 -0.14 -11.03
N LEU A 80 -9.05 -0.13 -11.81
CA LEU A 80 -7.74 -0.54 -11.32
C LEU A 80 -7.19 0.49 -10.34
N TYR A 81 -6.62 0.00 -9.24
CA TYR A 81 -6.05 0.88 -8.22
C TYR A 81 -4.67 0.39 -7.79
N GLU A 82 -3.82 1.32 -7.40
CA GLU A 82 -2.47 1.00 -6.96
C GLU A 82 -2.35 1.07 -5.44
N PHE A 83 -1.40 0.34 -4.89
CA PHE A 83 -1.18 0.32 -3.44
C PHE A 83 0.28 0.01 -3.12
N SER A 84 0.89 0.89 -2.31
CA SER A 84 2.28 0.72 -1.93
C SER A 84 2.51 1.21 -0.49
N VAL A 85 3.40 0.52 0.23
CA VAL A 85 3.70 0.88 1.60
C VAL A 85 5.20 1.16 1.77
N MET A 86 5.51 2.14 2.62
CA MET A 86 6.90 2.52 2.87
C MET A 86 7.12 2.81 4.35
N VAL A 87 8.38 2.81 4.76
CA VAL A 87 8.73 3.08 6.15
C VAL A 87 9.69 4.26 6.27
N THR A 88 9.52 5.05 7.32
CA THR A 88 10.38 6.21 7.54
C THR A 88 10.78 6.32 9.01
N LYS A 89 12.04 6.70 9.24
CA LYS A 89 12.54 6.85 10.60
C LYS A 89 13.67 7.87 10.64
N GLY A 90 13.73 8.64 11.73
CA GLY A 90 14.77 9.65 11.87
C GLY A 90 14.86 10.56 10.67
N ARG A 91 15.86 10.31 9.83
CA ARG A 91 16.06 11.13 8.63
C ARG A 91 16.27 10.24 7.40
N ARG A 92 15.77 9.01 7.49
CA ARG A 92 15.89 8.07 6.38
C ARG A 92 14.52 7.65 5.86
N SER A 93 14.51 6.88 4.78
CA SER A 93 13.27 6.41 4.18
C SER A 93 13.53 5.39 3.09
N SER A 94 12.71 4.34 3.04
CA SER A 94 12.86 3.29 2.04
C SER A 94 12.00 3.58 0.81
N THR A 95 12.27 2.85 -0.27
CA THR A 95 11.52 3.03 -1.51
C THR A 95 10.11 2.48 -1.38
N TRP A 96 9.31 2.66 -2.44
CA TRP A 96 7.94 2.18 -2.45
C TRP A 96 7.88 0.69 -2.76
N SER A 97 7.51 -0.11 -1.76
CA SER A 97 7.43 -1.56 -1.94
C SER A 97 6.73 -1.90 -3.25
N MET A 98 6.85 -3.16 -3.67
CA MET A 98 6.24 -3.63 -4.90
C MET A 98 4.80 -3.15 -5.00
N THR A 99 4.50 -2.37 -6.04
CA THR A 99 3.15 -1.86 -6.26
C THR A 99 2.16 -2.99 -6.49
N ALA A 100 1.16 -3.08 -5.61
CA ALA A 100 0.14 -4.11 -5.71
C ALA A 100 -1.08 -3.60 -6.49
N HIS A 101 -1.36 -4.23 -7.62
CA HIS A 101 -2.49 -3.84 -8.45
C HIS A 101 -3.72 -4.66 -8.09
N GLY A 102 -4.77 -3.99 -7.60
CA GLY A 102 -5.99 -4.67 -7.23
C GLY A 102 -7.21 -4.05 -7.86
N THR A 103 -8.00 -4.87 -8.55
CA THR A 103 -9.21 -4.39 -9.22
C THR A 103 -10.46 -4.80 -8.44
N THR A 104 -11.22 -3.80 -7.99
CA THR A 104 -12.44 -4.06 -7.24
C THR A 104 -13.48 -4.78 -8.09
N PHE A 105 -14.57 -5.21 -7.45
CA PHE A 105 -15.62 -5.92 -8.15
C PHE A 105 -16.62 -4.93 -8.77
N GLU A 106 -17.20 -5.31 -9.90
CA GLU A 106 -18.17 -4.47 -10.58
C GLU A 106 -19.37 -4.18 -9.70
N LEU A 107 -19.77 -2.92 -9.64
CA LEU A 107 -20.91 -2.51 -8.82
C LEU A 107 -22.17 -2.40 -9.67
N SER A 108 -22.83 -3.53 -9.90
CA SER A 108 -24.06 -3.56 -10.68
C SER A 108 -25.07 -4.52 -10.09
N GLY A 109 -26.30 -4.47 -10.60
CA GLY A 109 -27.35 -5.34 -10.09
C GLY A 109 -28.73 -4.86 -10.48
N PRO A 110 -29.36 -4.08 -9.58
CA PRO A 110 -30.71 -3.55 -9.81
C PRO A 110 -30.73 -2.48 -10.90
N SER A 111 -29.77 -1.56 -10.84
CA SER A 111 -29.67 -0.49 -11.82
C SER A 111 -29.05 -0.99 -13.12
N SER A 112 -29.63 -2.05 -13.67
CA SER A 112 -29.13 -2.63 -14.91
C SER A 112 -29.03 -1.57 -16.00
N GLY A 113 -30.07 -0.75 -16.11
CA GLY A 113 -30.08 0.30 -17.12
C GLY A 113 -31.47 0.85 -17.38
N GLY A 1 19.56 0.54 -11.35
CA GLY A 1 20.25 0.17 -10.13
C GLY A 1 20.50 1.36 -9.24
N SER A 2 21.39 1.19 -8.26
CA SER A 2 21.72 2.26 -7.32
C SER A 2 23.08 2.87 -7.64
N SER A 3 23.34 4.05 -7.10
CA SER A 3 24.60 4.75 -7.33
C SER A 3 25.33 5.00 -6.01
N GLY A 4 24.65 5.68 -5.08
CA GLY A 4 25.24 5.97 -3.80
C GLY A 4 25.68 4.72 -3.06
N SER A 5 26.73 4.85 -2.25
CA SER A 5 27.24 3.72 -1.49
C SER A 5 26.69 3.74 -0.07
N SER A 6 25.37 3.63 0.05
CA SER A 6 24.72 3.64 1.37
C SER A 6 23.50 2.74 1.37
N GLY A 7 23.24 2.08 2.49
CA GLY A 7 22.11 1.20 2.61
C GLY A 7 20.99 1.78 3.46
N PRO A 8 20.11 2.56 2.83
CA PRO A 8 18.98 3.19 3.52
C PRO A 8 17.93 2.18 3.96
N MET A 9 16.96 2.65 4.75
CA MET A 9 15.90 1.79 5.24
C MET A 9 15.33 0.93 4.11
N MET A 10 15.14 -0.36 4.40
CA MET A 10 14.60 -1.29 3.41
C MET A 10 13.07 -1.32 3.46
N PRO A 11 12.44 -1.33 2.29
CA PRO A 11 10.98 -1.36 2.18
C PRO A 11 10.39 -2.70 2.60
N PRO A 12 9.08 -2.73 2.85
CA PRO A 12 8.38 -3.95 3.26
C PRO A 12 8.29 -4.99 2.15
N VAL A 13 7.68 -6.12 2.46
CA VAL A 13 7.53 -7.19 1.47
C VAL A 13 6.25 -7.97 1.70
N GLY A 14 5.99 -8.95 0.84
CA GLY A 14 4.78 -9.75 0.96
C GLY A 14 3.51 -8.93 0.81
N VAL A 15 3.63 -7.77 0.17
CA VAL A 15 2.49 -6.90 -0.03
C VAL A 15 1.37 -7.60 -0.80
N GLN A 16 0.18 -7.59 -0.23
CA GLN A 16 -0.97 -8.23 -0.85
C GLN A 16 -2.16 -7.29 -0.92
N ALA A 17 -3.06 -7.53 -1.87
CA ALA A 17 -4.25 -6.69 -2.03
C ALA A 17 -5.50 -7.54 -2.21
N SER A 18 -6.26 -7.70 -1.12
CA SER A 18 -7.48 -8.50 -1.17
C SER A 18 -8.69 -7.61 -1.43
N ILE A 19 -9.58 -8.08 -2.30
CA ILE A 19 -10.78 -7.33 -2.65
C ILE A 19 -11.99 -7.85 -1.87
N LEU A 20 -12.60 -6.98 -1.07
CA LEU A 20 -13.76 -7.35 -0.28
C LEU A 20 -15.03 -6.73 -0.85
N SER A 21 -14.96 -5.45 -1.20
CA SER A 21 -16.11 -4.75 -1.77
C SER A 21 -15.67 -3.79 -2.87
N HIS A 22 -16.64 -3.10 -3.47
CA HIS A 22 -16.35 -2.15 -4.54
C HIS A 22 -15.65 -0.92 -3.99
N ASP A 23 -15.85 -0.65 -2.72
CA ASP A 23 -15.23 0.51 -2.07
C ASP A 23 -14.44 0.09 -0.84
N THR A 24 -14.05 -1.19 -0.80
CA THR A 24 -13.29 -1.72 0.32
C THR A 24 -12.17 -2.64 -0.16
N ILE A 25 -10.98 -2.45 0.41
CA ILE A 25 -9.82 -3.26 0.03
C ILE A 25 -8.87 -3.43 1.21
N ARG A 26 -8.40 -4.66 1.40
CA ARG A 26 -7.48 -4.96 2.49
C ARG A 26 -6.05 -5.00 2.00
N ILE A 27 -5.16 -4.30 2.71
CA ILE A 27 -3.75 -4.25 2.34
C ILE A 27 -2.86 -4.65 3.51
N THR A 28 -2.27 -5.84 3.41
CA THR A 28 -1.39 -6.35 4.47
C THR A 28 0.01 -6.60 3.93
N TRP A 29 1.01 -6.32 4.76
CA TRP A 29 2.40 -6.52 4.38
C TRP A 29 3.20 -7.14 5.53
N ALA A 30 4.50 -7.29 5.31
CA ALA A 30 5.37 -7.88 6.33
C ALA A 30 6.69 -7.12 6.42
N ASP A 31 7.11 -6.83 7.65
CA ASP A 31 8.35 -6.10 7.88
C ASP A 31 9.48 -7.05 8.29
N ASN A 32 10.40 -7.31 7.36
CA ASN A 32 11.52 -8.19 7.63
C ASN A 32 12.47 -7.59 8.65
N SER A 33 12.56 -6.26 8.65
CA SER A 33 13.44 -5.56 9.58
C SER A 33 13.22 -6.05 11.01
N LEU A 34 11.97 -6.34 11.35
CA LEU A 34 11.64 -6.83 12.68
C LEU A 34 12.36 -8.14 12.99
N PRO A 35 12.76 -8.32 14.25
CA PRO A 35 13.45 -9.53 14.69
C PRO A 35 12.55 -10.76 14.71
N LYS A 36 13.06 -11.87 15.20
CA LYS A 36 12.30 -13.11 15.26
C LYS A 36 10.83 -12.82 15.56
N HIS A 37 10.56 -12.28 16.74
CA HIS A 37 9.20 -11.94 17.14
C HIS A 37 8.76 -10.62 16.53
N GLN A 38 7.63 -10.64 15.84
CA GLN A 38 7.10 -9.44 15.20
C GLN A 38 6.58 -8.46 16.25
N LYS A 39 7.33 -7.39 16.48
CA LYS A 39 6.94 -6.37 17.46
C LYS A 39 7.45 -5.00 17.04
N ILE A 40 6.53 -4.04 16.93
CA ILE A 40 6.89 -2.68 16.54
C ILE A 40 7.28 -1.85 17.77
N THR A 41 8.51 -2.04 18.24
CA THR A 41 9.01 -1.30 19.39
C THR A 41 10.01 -0.24 18.98
N ASP A 42 9.68 0.50 17.91
CA ASP A 42 10.55 1.55 17.42
C ASP A 42 9.74 2.77 16.99
N SER A 43 10.38 3.93 16.96
CA SER A 43 9.72 5.18 16.58
C SER A 43 9.64 5.31 15.06
N ARG A 44 8.81 4.47 14.44
CA ARG A 44 8.64 4.48 13.00
C ARG A 44 7.17 4.52 12.62
N TYR A 45 6.89 4.84 11.37
CA TYR A 45 5.51 4.91 10.87
C TYR A 45 5.43 4.48 9.41
N TYR A 46 4.25 4.00 9.02
CA TYR A 46 4.04 3.56 7.65
C TYR A 46 3.22 4.58 6.86
N THR A 47 3.52 4.68 5.57
CA THR A 47 2.83 5.62 4.69
C THR A 47 2.40 4.95 3.39
N VAL A 48 1.12 4.56 3.33
CA VAL A 48 0.58 3.91 2.15
C VAL A 48 -0.02 4.93 1.19
N ARG A 49 0.24 4.74 -0.11
CA ARG A 49 -0.28 5.64 -1.13
C ARG A 49 -1.19 4.90 -2.10
N TRP A 50 -2.08 5.64 -2.76
CA TRP A 50 -3.01 5.05 -3.72
C TRP A 50 -3.49 6.09 -4.71
N LYS A 51 -3.65 5.66 -5.97
CA LYS A 51 -4.11 6.56 -7.03
C LYS A 51 -4.66 5.77 -8.20
N THR A 52 -5.30 6.48 -9.14
CA THR A 52 -5.87 5.84 -10.32
C THR A 52 -4.99 6.04 -11.54
N ASN A 53 -4.84 4.99 -12.33
CA ASN A 53 -4.02 5.05 -13.54
C ASN A 53 -4.78 5.71 -14.69
N ILE A 54 -6.08 5.83 -14.52
CA ILE A 54 -6.93 6.44 -15.54
C ILE A 54 -7.76 7.58 -14.96
N PRO A 55 -7.41 8.83 -15.34
CA PRO A 55 -6.30 9.09 -16.26
C PRO A 55 -4.95 8.80 -15.62
N ALA A 56 -3.88 9.01 -16.39
CA ALA A 56 -2.53 8.77 -15.90
C ALA A 56 -2.08 9.88 -14.96
N ASN A 57 -2.27 11.13 -15.39
CA ASN A 57 -1.88 12.28 -14.58
C ASN A 57 -2.91 12.55 -13.48
N THR A 58 -2.68 11.95 -12.32
CA THR A 58 -3.58 12.12 -11.18
C THR A 58 -2.80 12.37 -9.90
N LYS A 59 -3.46 13.02 -8.94
CA LYS A 59 -2.83 13.32 -7.65
C LYS A 59 -2.65 12.05 -6.83
N TYR A 60 -1.61 12.03 -6.00
CA TYR A 60 -1.33 10.88 -5.17
C TYR A 60 -1.97 11.02 -3.80
N LYS A 61 -2.61 9.95 -3.33
CA LYS A 61 -3.27 9.95 -2.03
C LYS A 61 -2.56 9.03 -1.05
N ASN A 62 -2.11 9.59 0.06
CA ASN A 62 -1.40 8.82 1.07
C ASN A 62 -2.13 8.90 2.42
N ALA A 63 -1.70 8.07 3.37
CA ALA A 63 -2.31 8.06 4.69
C ALA A 63 -1.25 7.86 5.78
N ASN A 64 -1.69 7.81 7.02
CA ASN A 64 -0.79 7.63 8.15
C ASN A 64 -1.36 6.63 9.16
N ALA A 65 -0.73 5.46 9.23
CA ALA A 65 -1.18 4.41 10.14
C ALA A 65 -0.01 3.52 10.57
N THR A 66 0.27 3.50 11.87
CA THR A 66 1.37 2.69 12.40
C THR A 66 0.90 1.27 12.70
N THR A 67 1.14 0.36 11.76
CA THR A 67 0.75 -1.03 11.93
C THR A 67 1.22 -1.88 10.76
N LEU A 68 1.06 -3.20 10.88
CA LEU A 68 1.47 -4.12 9.83
C LEU A 68 0.29 -4.45 8.92
N SER A 69 -0.66 -3.54 8.82
CA SER A 69 -1.84 -3.74 7.98
C SER A 69 -2.53 -2.41 7.69
N TYR A 70 -3.45 -2.44 6.73
CA TYR A 70 -4.18 -1.23 6.36
C TYR A 70 -5.36 -1.58 5.45
N LEU A 71 -6.53 -1.04 5.79
CA LEU A 71 -7.74 -1.28 5.00
C LEU A 71 -8.20 -0.01 4.31
N VAL A 72 -7.97 0.05 3.00
CA VAL A 72 -8.37 1.21 2.21
C VAL A 72 -9.87 1.18 1.91
N THR A 73 -10.48 2.36 1.88
CA THR A 73 -11.91 2.47 1.60
C THR A 73 -12.23 3.78 0.89
N GLY A 74 -13.30 3.77 0.10
CA GLY A 74 -13.69 4.96 -0.63
C GLY A 74 -13.06 5.04 -2.00
N LEU A 75 -13.08 3.93 -2.73
CA LEU A 75 -12.50 3.87 -4.06
C LEU A 75 -13.58 3.69 -5.12
N LYS A 76 -13.23 3.90 -6.38
CA LYS A 76 -14.17 3.75 -7.48
C LYS A 76 -14.20 2.31 -7.98
N PRO A 77 -15.41 1.82 -8.29
CA PRO A 77 -15.60 0.45 -8.78
C PRO A 77 -15.06 0.26 -10.19
N ASN A 78 -14.77 -0.99 -10.55
CA ASN A 78 -14.23 -1.32 -11.86
C ASN A 78 -13.21 -0.27 -12.29
N THR A 79 -12.21 -0.03 -11.44
CA THR A 79 -11.17 0.94 -11.73
C THR A 79 -9.82 0.48 -11.21
N LEU A 80 -8.81 0.53 -12.07
CA LEU A 80 -7.46 0.11 -11.69
C LEU A 80 -6.90 1.01 -10.60
N TYR A 81 -6.41 0.40 -9.53
CA TYR A 81 -5.84 1.14 -8.41
C TYR A 81 -4.47 0.59 -8.02
N GLU A 82 -3.60 1.46 -7.53
CA GLU A 82 -2.26 1.06 -7.13
C GLU A 82 -2.07 1.23 -5.62
N PHE A 83 -1.35 0.30 -5.01
CA PHE A 83 -1.09 0.35 -3.57
C PHE A 83 0.36 0.02 -3.27
N SER A 84 0.96 0.79 -2.37
CA SER A 84 2.35 0.58 -1.98
C SER A 84 2.59 1.00 -0.53
N VAL A 85 3.52 0.31 0.13
CA VAL A 85 3.84 0.62 1.52
C VAL A 85 5.30 1.04 1.67
N MET A 86 5.51 2.17 2.33
CA MET A 86 6.86 2.68 2.55
C MET A 86 7.11 2.95 4.03
N VAL A 87 8.38 2.91 4.43
CA VAL A 87 8.76 3.15 5.81
C VAL A 87 9.67 4.37 5.93
N THR A 88 9.45 5.16 6.99
CA THR A 88 10.24 6.35 7.22
C THR A 88 10.62 6.49 8.69
N LYS A 89 11.89 6.76 8.95
CA LYS A 89 12.38 6.92 10.32
C LYS A 89 13.82 7.45 10.32
N GLY A 90 14.15 8.22 11.36
CA GLY A 90 15.49 8.78 11.47
C GLY A 90 15.82 9.71 10.31
N ARG A 91 14.86 10.54 9.93
CA ARG A 91 15.07 11.47 8.83
C ARG A 91 15.40 10.74 7.54
N ARG A 92 14.92 9.50 7.43
CA ARG A 92 15.17 8.69 6.25
C ARG A 92 13.88 8.04 5.75
N SER A 93 13.96 7.41 4.58
CA SER A 93 12.80 6.75 3.99
C SER A 93 13.22 5.66 3.02
N SER A 94 12.30 4.75 2.72
CA SER A 94 12.58 3.65 1.81
C SER A 94 11.69 3.73 0.56
N THR A 95 12.20 3.22 -0.55
CA THR A 95 11.46 3.23 -1.80
C THR A 95 10.11 2.53 -1.64
N TRP A 96 9.25 2.67 -2.66
CA TRP A 96 7.94 2.05 -2.63
C TRP A 96 8.02 0.57 -2.97
N SER A 97 7.78 -0.28 -1.98
CA SER A 97 7.84 -1.72 -2.16
C SER A 97 6.99 -2.15 -3.36
N MET A 98 7.03 -3.44 -3.67
CA MET A 98 6.26 -3.97 -4.80
C MET A 98 4.83 -3.44 -4.79
N THR A 99 4.47 -2.69 -5.82
CA THR A 99 3.14 -2.12 -5.92
C THR A 99 2.11 -3.19 -6.28
N ALA A 100 1.06 -3.29 -5.47
CA ALA A 100 0.01 -4.27 -5.70
C ALA A 100 -1.20 -3.64 -6.38
N HIS A 101 -1.55 -4.14 -7.55
CA HIS A 101 -2.69 -3.62 -8.30
C HIS A 101 -3.96 -4.40 -7.97
N GLY A 102 -4.99 -3.69 -7.51
CA GLY A 102 -6.24 -4.33 -7.17
C GLY A 102 -7.43 -3.67 -7.84
N THR A 103 -8.12 -4.43 -8.68
CA THR A 103 -9.28 -3.91 -9.40
C THR A 103 -10.58 -4.26 -8.67
N THR A 104 -11.16 -3.28 -8.00
CA THR A 104 -12.40 -3.47 -7.26
C THR A 104 -13.47 -4.11 -8.14
N PHE A 105 -14.52 -4.62 -7.50
CA PHE A 105 -15.60 -5.26 -8.24
C PHE A 105 -16.56 -4.22 -8.81
N GLU A 106 -17.36 -4.63 -9.79
CA GLU A 106 -18.31 -3.74 -10.43
C GLU A 106 -19.43 -3.35 -9.47
N LEU A 107 -19.81 -2.08 -9.50
CA LEU A 107 -20.87 -1.57 -8.64
C LEU A 107 -22.18 -1.41 -9.40
N SER A 108 -22.10 -0.77 -10.56
CA SER A 108 -23.27 -0.54 -11.40
C SER A 108 -23.27 -1.46 -12.61
N GLY A 109 -23.89 -2.63 -12.46
CA GLY A 109 -23.95 -3.59 -13.55
C GLY A 109 -23.39 -4.94 -13.15
N PRO A 110 -24.14 -5.67 -12.32
CA PRO A 110 -23.73 -7.01 -11.86
C PRO A 110 -23.76 -8.05 -12.97
N SER A 111 -22.73 -8.88 -13.03
CA SER A 111 -22.64 -9.92 -14.04
C SER A 111 -21.94 -11.16 -13.50
N SER A 112 -22.50 -12.33 -13.82
CA SER A 112 -21.94 -13.59 -13.35
C SER A 112 -21.69 -14.54 -14.52
N GLY A 113 -20.43 -14.87 -14.75
CA GLY A 113 -20.08 -15.76 -15.84
C GLY A 113 -20.84 -15.46 -17.12
N GLY A 1 18.71 6.50 -12.20
CA GLY A 1 20.01 6.14 -11.66
C GLY A 1 20.23 6.70 -10.27
N SER A 2 20.39 5.80 -9.29
CA SER A 2 20.60 6.21 -7.91
C SER A 2 20.92 5.00 -7.03
N SER A 3 21.89 5.17 -6.13
CA SER A 3 22.29 4.09 -5.24
C SER A 3 23.08 4.64 -4.05
N GLY A 4 23.33 3.78 -3.07
CA GLY A 4 24.07 4.19 -1.89
C GLY A 4 24.81 3.04 -1.24
N SER A 5 26.08 3.26 -0.94
CA SER A 5 26.90 2.23 -0.30
C SER A 5 27.03 2.47 1.19
N SER A 6 25.93 2.91 1.82
CA SER A 6 25.92 3.20 3.24
C SER A 6 25.00 2.23 3.98
N GLY A 7 23.81 2.00 3.41
CA GLY A 7 22.85 1.11 4.02
C GLY A 7 21.55 1.80 4.40
N PRO A 8 20.79 2.22 3.38
CA PRO A 8 19.51 2.90 3.58
C PRO A 8 18.44 1.98 4.16
N MET A 9 17.19 2.46 4.18
CA MET A 9 16.08 1.67 4.70
C MET A 9 15.46 0.82 3.60
N MET A 10 15.07 -0.41 3.95
CA MET A 10 14.46 -1.32 3.00
C MET A 10 12.95 -1.34 3.16
N PRO A 11 12.22 -1.35 2.02
CA PRO A 11 10.76 -1.37 2.01
C PRO A 11 10.19 -2.70 2.50
N PRO A 12 8.88 -2.72 2.77
CA PRO A 12 8.20 -3.93 3.24
C PRO A 12 8.09 -5.01 2.16
N VAL A 13 7.52 -6.15 2.52
CA VAL A 13 7.35 -7.25 1.59
C VAL A 13 6.01 -7.94 1.77
N GLY A 14 5.72 -8.89 0.89
CA GLY A 14 4.45 -9.62 0.97
C GLY A 14 3.26 -8.71 0.78
N VAL A 15 3.41 -7.70 -0.06
CA VAL A 15 2.33 -6.76 -0.34
C VAL A 15 1.22 -7.41 -1.16
N GLN A 16 0.05 -7.54 -0.57
CA GLN A 16 -1.10 -8.14 -1.24
C GLN A 16 -2.36 -7.34 -1.00
N ALA A 17 -3.31 -7.43 -1.94
CA ALA A 17 -4.57 -6.71 -1.82
C ALA A 17 -5.75 -7.68 -1.82
N SER A 18 -6.60 -7.55 -0.81
CA SER A 18 -7.78 -8.41 -0.69
C SER A 18 -9.05 -7.66 -1.08
N ILE A 19 -9.60 -8.02 -2.24
CA ILE A 19 -10.82 -7.38 -2.73
C ILE A 19 -12.04 -7.87 -1.95
N LEU A 20 -12.59 -6.99 -1.12
CA LEU A 20 -13.77 -7.33 -0.32
C LEU A 20 -15.02 -6.70 -0.91
N SER A 21 -14.90 -5.45 -1.35
CA SER A 21 -16.02 -4.73 -1.94
C SER A 21 -15.54 -3.74 -3.00
N HIS A 22 -16.48 -2.99 -3.57
CA HIS A 22 -16.17 -2.02 -4.60
C HIS A 22 -15.34 -0.87 -4.02
N ASP A 23 -15.54 -0.60 -2.73
CA ASP A 23 -14.80 0.48 -2.06
C ASP A 23 -14.11 -0.05 -0.81
N THR A 24 -13.66 -1.30 -0.87
CA THR A 24 -12.97 -1.92 0.25
C THR A 24 -11.82 -2.80 -0.22
N ILE A 25 -10.64 -2.56 0.33
CA ILE A 25 -9.45 -3.33 -0.03
C ILE A 25 -8.46 -3.40 1.12
N ARG A 26 -8.24 -4.60 1.64
CA ARG A 26 -7.31 -4.80 2.75
C ARG A 26 -5.88 -4.98 2.24
N ILE A 27 -4.96 -4.20 2.78
CA ILE A 27 -3.56 -4.27 2.37
C ILE A 27 -2.68 -4.72 3.53
N THR A 28 -2.22 -5.97 3.48
CA THR A 28 -1.37 -6.51 4.53
C THR A 28 0.05 -6.76 4.02
N TRP A 29 1.03 -6.44 4.85
CA TRP A 29 2.43 -6.62 4.47
C TRP A 29 3.25 -7.10 5.66
N ALA A 30 4.55 -7.30 5.44
CA ALA A 30 5.44 -7.76 6.50
C ALA A 30 6.81 -7.07 6.39
N ASP A 31 7.68 -7.35 7.35
CA ASP A 31 9.01 -6.77 7.37
C ASP A 31 9.97 -7.63 8.18
N ASN A 32 10.89 -8.29 7.49
CA ASN A 32 11.87 -9.15 8.15
C ASN A 32 12.79 -8.35 9.06
N SER A 33 12.96 -7.06 8.73
CA SER A 33 13.80 -6.19 9.53
C SER A 33 13.36 -6.16 10.98
N LEU A 34 12.05 -6.16 11.19
CA LEU A 34 11.48 -6.13 12.54
C LEU A 34 12.28 -7.04 13.48
N PRO A 35 12.33 -6.66 14.76
CA PRO A 35 13.05 -7.42 15.79
C PRO A 35 12.37 -8.75 16.11
N LYS A 36 12.82 -9.39 17.17
CA LYS A 36 12.26 -10.68 17.58
C LYS A 36 10.76 -10.71 17.35
N HIS A 37 10.05 -9.74 17.92
CA HIS A 37 8.60 -9.65 17.77
C HIS A 37 8.22 -8.74 16.60
N GLN A 38 7.01 -8.90 16.11
CA GLN A 38 6.52 -8.09 15.00
C GLN A 38 6.09 -6.71 15.48
N LYS A 39 5.55 -6.64 16.69
CA LYS A 39 5.09 -5.38 17.26
C LYS A 39 6.01 -4.24 16.85
N ILE A 40 5.51 -3.37 15.97
CA ILE A 40 6.28 -2.24 15.49
C ILE A 40 6.41 -1.17 16.57
N THR A 41 7.49 -1.26 17.36
CA THR A 41 7.73 -0.29 18.43
C THR A 41 9.09 0.38 18.27
N ASP A 42 9.38 0.80 17.04
CA ASP A 42 10.65 1.47 16.76
C ASP A 42 10.41 2.91 16.30
N SER A 43 9.48 3.58 16.94
CA SER A 43 9.15 4.96 16.60
C SER A 43 9.11 5.15 15.08
N ARG A 44 8.49 4.21 14.39
CA ARG A 44 8.39 4.27 12.93
C ARG A 44 6.92 4.18 12.49
N TYR A 45 6.61 4.82 11.38
CA TYR A 45 5.25 4.81 10.85
C TYR A 45 5.25 4.43 9.38
N TYR A 46 4.21 3.72 8.95
CA TYR A 46 4.09 3.28 7.57
C TYR A 46 3.16 4.21 6.79
N THR A 47 3.49 4.45 5.53
CA THR A 47 2.70 5.33 4.68
C THR A 47 2.15 4.56 3.48
N VAL A 48 0.82 4.41 3.44
CA VAL A 48 0.17 3.71 2.35
C VAL A 48 -0.39 4.68 1.32
N ARG A 49 0.11 4.58 0.09
CA ARG A 49 -0.33 5.46 -0.98
C ARG A 49 -1.29 4.73 -1.92
N TRP A 50 -2.07 5.49 -2.67
CA TRP A 50 -3.04 4.91 -3.61
C TRP A 50 -3.48 5.94 -4.64
N LYS A 51 -3.58 5.51 -5.89
CA LYS A 51 -4.00 6.39 -6.97
C LYS A 51 -4.60 5.60 -8.13
N THR A 52 -5.38 6.28 -8.96
CA THR A 52 -6.03 5.63 -10.10
C THR A 52 -5.17 5.75 -11.35
N ASN A 53 -5.10 4.66 -12.11
CA ASN A 53 -4.31 4.64 -13.34
C ASN A 53 -4.89 5.60 -14.38
N ILE A 54 -6.21 5.70 -14.41
CA ILE A 54 -6.90 6.59 -15.35
C ILE A 54 -7.71 7.64 -14.61
N PRO A 55 -7.44 8.92 -14.92
CA PRO A 55 -6.43 9.30 -15.91
C PRO A 55 -5.02 9.03 -15.42
N ALA A 56 -4.06 9.06 -16.33
CA ALA A 56 -2.66 8.82 -15.99
C ALA A 56 -2.09 9.97 -15.17
N ASN A 57 -2.17 11.18 -15.72
CA ASN A 57 -1.66 12.36 -15.03
C ASN A 57 -2.53 12.72 -13.83
N THR A 58 -2.28 12.07 -12.70
CA THR A 58 -3.04 12.31 -11.48
C THR A 58 -2.13 12.31 -10.26
N LYS A 59 -2.52 13.09 -9.24
CA LYS A 59 -1.75 13.17 -8.01
C LYS A 59 -1.76 11.84 -7.27
N TYR A 60 -0.94 11.76 -6.21
CA TYR A 60 -0.86 10.54 -5.41
C TYR A 60 -1.40 10.77 -4.00
N LYS A 61 -1.86 9.71 -3.36
CA LYS A 61 -2.40 9.79 -2.01
C LYS A 61 -1.41 9.22 -0.99
N ASN A 62 -1.71 9.41 0.28
CA ASN A 62 -0.85 8.92 1.35
C ASN A 62 -1.60 8.88 2.68
N ALA A 63 -1.22 7.93 3.54
CA ALA A 63 -1.85 7.79 4.85
C ALA A 63 -0.81 7.66 5.95
N ASN A 64 -1.28 7.60 7.20
CA ASN A 64 -0.38 7.46 8.34
C ASN A 64 -0.93 6.45 9.33
N ALA A 65 -0.27 5.30 9.42
CA ALA A 65 -0.68 4.25 10.35
C ALA A 65 0.48 3.32 10.68
N THR A 66 0.74 3.13 11.96
CA THR A 66 1.82 2.27 12.41
C THR A 66 1.34 0.85 12.61
N THR A 67 1.55 0.01 11.60
CA THR A 67 1.14 -1.40 11.67
C THR A 67 1.58 -2.16 10.43
N LEU A 68 1.35 -3.46 10.43
CA LEU A 68 1.73 -4.31 9.30
C LEU A 68 0.55 -4.56 8.38
N SER A 69 -0.41 -3.64 8.41
CA SER A 69 -1.60 -3.76 7.57
C SER A 69 -2.27 -2.40 7.39
N TYR A 70 -3.26 -2.34 6.51
CA TYR A 70 -3.98 -1.10 6.23
C TYR A 70 -5.14 -1.34 5.28
N LEU A 71 -6.32 -0.89 5.67
CA LEU A 71 -7.52 -1.06 4.84
C LEU A 71 -7.89 0.25 4.15
N VAL A 72 -7.97 0.21 2.82
CA VAL A 72 -8.32 1.38 2.04
C VAL A 72 -9.81 1.40 1.71
N THR A 73 -10.43 2.57 1.89
CA THR A 73 -11.86 2.72 1.62
C THR A 73 -12.13 4.03 0.87
N GLY A 74 -13.23 4.06 0.13
CA GLY A 74 -13.59 5.25 -0.63
C GLY A 74 -13.00 5.25 -2.03
N LEU A 75 -12.94 4.08 -2.64
CA LEU A 75 -12.40 3.95 -3.98
C LEU A 75 -13.51 3.76 -5.00
N LYS A 76 -13.20 4.00 -6.28
CA LYS A 76 -14.17 3.85 -7.35
C LYS A 76 -14.32 2.39 -7.75
N PRO A 77 -15.55 1.99 -8.10
CA PRO A 77 -15.86 0.62 -8.50
C PRO A 77 -15.26 0.27 -9.86
N ASN A 78 -14.87 -0.98 -10.03
CA ASN A 78 -14.28 -1.43 -11.28
C ASN A 78 -13.29 -0.42 -11.83
N THR A 79 -12.35 0.00 -10.99
CA THR A 79 -11.34 0.97 -11.37
C THR A 79 -9.95 0.56 -10.91
N LEU A 80 -8.99 0.60 -11.82
CA LEU A 80 -7.61 0.22 -11.49
C LEU A 80 -7.03 1.15 -10.44
N TYR A 81 -6.50 0.57 -9.36
CA TYR A 81 -5.91 1.34 -8.29
C TYR A 81 -4.53 0.80 -7.92
N GLU A 82 -3.66 1.69 -7.43
CA GLU A 82 -2.31 1.30 -7.04
C GLU A 82 -2.19 1.22 -5.52
N PHE A 83 -1.31 0.33 -5.05
CA PHE A 83 -1.10 0.16 -3.62
C PHE A 83 0.37 -0.09 -3.31
N SER A 84 0.94 0.76 -2.46
CA SER A 84 2.34 0.65 -2.09
C SER A 84 2.57 1.12 -0.65
N VAL A 85 3.50 0.46 0.04
CA VAL A 85 3.81 0.80 1.42
C VAL A 85 5.28 1.16 1.58
N MET A 86 5.55 2.17 2.39
CA MET A 86 6.92 2.62 2.64
C MET A 86 7.14 2.92 4.11
N VAL A 87 8.37 2.75 4.57
CA VAL A 87 8.72 3.01 5.97
C VAL A 87 9.58 4.26 6.09
N THR A 88 9.26 5.09 7.08
CA THR A 88 10.01 6.32 7.31
C THR A 88 10.63 6.34 8.70
N LYS A 89 11.79 6.99 8.83
CA LYS A 89 12.49 7.08 10.10
C LYS A 89 13.22 8.41 10.23
N GLY A 90 13.84 8.63 11.39
CA GLY A 90 14.58 9.86 11.61
C GLY A 90 15.34 10.31 10.39
N ARG A 91 14.73 11.20 9.61
CA ARG A 91 15.36 11.71 8.40
C ARG A 91 15.80 10.57 7.49
N ARG A 92 14.92 9.58 7.31
CA ARG A 92 15.22 8.43 6.47
C ARG A 92 13.97 7.94 5.76
N SER A 93 14.15 7.35 4.59
CA SER A 93 13.03 6.84 3.80
C SER A 93 13.50 5.79 2.80
N SER A 94 12.65 4.80 2.54
CA SER A 94 12.99 3.73 1.60
C SER A 94 12.11 3.82 0.36
N THR A 95 12.51 3.10 -0.69
CA THR A 95 11.76 3.09 -1.94
C THR A 95 10.37 2.51 -1.75
N TRP A 96 9.58 2.50 -2.82
CA TRP A 96 8.23 1.97 -2.76
C TRP A 96 8.21 0.47 -3.07
N SER A 97 7.75 -0.32 -2.11
CA SER A 97 7.68 -1.77 -2.28
C SER A 97 6.90 -2.13 -3.54
N MET A 98 6.93 -3.41 -3.89
CA MET A 98 6.22 -3.90 -5.07
C MET A 98 4.78 -3.39 -5.09
N THR A 99 4.49 -2.47 -6.00
CA THR A 99 3.16 -1.90 -6.12
C THR A 99 2.12 -2.98 -6.43
N ALA A 100 1.20 -3.19 -5.51
CA ALA A 100 0.16 -4.20 -5.69
C ALA A 100 -1.05 -3.61 -6.39
N HIS A 101 -1.38 -4.18 -7.54
CA HIS A 101 -2.53 -3.72 -8.33
C HIS A 101 -3.79 -4.52 -7.98
N GLY A 102 -4.83 -3.80 -7.55
CA GLY A 102 -6.07 -4.45 -7.20
C GLY A 102 -7.28 -3.84 -7.88
N THR A 103 -8.01 -4.66 -8.63
CA THR A 103 -9.19 -4.18 -9.34
C THR A 103 -10.46 -4.44 -8.55
N THR A 104 -11.01 -3.38 -7.97
CA THR A 104 -12.23 -3.50 -7.19
C THR A 104 -13.37 -4.09 -8.01
N PHE A 105 -14.39 -4.60 -7.33
CA PHE A 105 -15.54 -5.19 -7.99
C PHE A 105 -16.52 -4.12 -8.46
N GLU A 106 -17.55 -4.54 -9.17
CA GLU A 106 -18.56 -3.62 -9.68
C GLU A 106 -19.52 -3.18 -8.57
N LEU A 107 -19.79 -1.89 -8.50
CA LEU A 107 -20.68 -1.35 -7.49
C LEU A 107 -22.09 -1.92 -7.64
N SER A 108 -22.62 -2.46 -6.55
CA SER A 108 -23.96 -3.05 -6.56
C SER A 108 -24.93 -2.16 -7.33
N GLY A 109 -25.29 -1.04 -6.72
CA GLY A 109 -26.21 -0.12 -7.36
C GLY A 109 -26.73 0.94 -6.40
N PRO A 110 -27.05 2.13 -6.93
CA PRO A 110 -27.56 3.24 -6.14
C PRO A 110 -28.98 2.98 -5.64
N SER A 111 -29.52 1.82 -5.96
CA SER A 111 -30.87 1.45 -5.53
C SER A 111 -31.14 1.93 -4.11
N SER A 112 -32.15 2.78 -3.96
CA SER A 112 -32.52 3.32 -2.66
C SER A 112 -33.63 2.49 -2.02
N GLY A 113 -34.55 2.01 -2.85
CA GLY A 113 -35.65 1.20 -2.35
C GLY A 113 -36.45 0.55 -3.47
N GLY A 1 17.19 -5.72 -17.75
CA GLY A 1 18.10 -5.34 -16.68
C GLY A 1 17.42 -5.28 -15.33
N SER A 2 18.22 -5.26 -14.27
CA SER A 2 17.68 -5.22 -12.91
C SER A 2 18.72 -4.68 -11.94
N SER A 3 18.25 -3.93 -10.94
CA SER A 3 19.15 -3.34 -9.95
C SER A 3 18.56 -3.50 -8.54
N GLY A 4 19.45 -3.55 -7.55
CA GLY A 4 19.01 -3.70 -6.17
C GLY A 4 19.76 -2.79 -5.22
N SER A 5 19.02 -2.17 -4.31
CA SER A 5 19.61 -1.26 -3.34
C SER A 5 19.60 -1.86 -1.94
N SER A 6 20.54 -2.78 -1.68
CA SER A 6 20.63 -3.44 -0.39
C SER A 6 21.55 -2.66 0.55
N GLY A 7 20.97 -2.03 1.56
CA GLY A 7 21.76 -1.28 2.52
C GLY A 7 20.89 -0.59 3.55
N PRO A 8 20.21 0.50 3.15
CA PRO A 8 19.34 1.26 4.04
C PRO A 8 18.08 0.50 4.43
N MET A 9 17.11 1.21 4.99
CA MET A 9 15.85 0.59 5.40
C MET A 9 15.23 -0.20 4.24
N MET A 10 14.64 -1.34 4.57
CA MET A 10 14.01 -2.19 3.56
C MET A 10 12.51 -1.92 3.49
N PRO A 11 11.97 -1.89 2.25
CA PRO A 11 10.56 -1.64 2.01
C PRO A 11 9.68 -2.80 2.47
N PRO A 12 8.38 -2.52 2.68
CA PRO A 12 7.41 -3.54 3.12
C PRO A 12 7.12 -4.57 2.04
N VAL A 13 7.41 -5.83 2.33
CA VAL A 13 7.18 -6.91 1.38
C VAL A 13 5.83 -7.57 1.62
N GLY A 14 5.54 -8.60 0.84
CA GLY A 14 4.27 -9.30 0.98
C GLY A 14 3.08 -8.41 0.72
N VAL A 15 3.34 -7.21 0.20
CA VAL A 15 2.27 -6.26 -0.10
C VAL A 15 1.23 -6.88 -1.03
N GLN A 16 0.02 -7.08 -0.51
CA GLN A 16 -1.06 -7.66 -1.30
C GLN A 16 -2.36 -6.91 -1.06
N ALA A 17 -3.36 -7.17 -1.90
CA ALA A 17 -4.66 -6.53 -1.78
C ALA A 17 -5.79 -7.55 -1.91
N SER A 18 -6.40 -7.91 -0.78
CA SER A 18 -7.49 -8.87 -0.78
C SER A 18 -8.83 -8.18 -1.05
N ILE A 19 -9.30 -8.30 -2.28
CA ILE A 19 -10.57 -7.69 -2.68
C ILE A 19 -11.71 -8.19 -1.79
N LEU A 20 -12.09 -7.38 -0.81
CA LEU A 20 -13.16 -7.73 0.10
C LEU A 20 -14.51 -7.34 -0.48
N SER A 21 -14.59 -6.14 -1.02
CA SER A 21 -15.83 -5.64 -1.61
C SER A 21 -15.54 -4.67 -2.75
N HIS A 22 -16.60 -4.13 -3.36
CA HIS A 22 -16.46 -3.19 -4.46
C HIS A 22 -15.77 -1.90 -3.99
N ASP A 23 -15.88 -1.63 -2.70
CA ASP A 23 -15.28 -0.43 -2.13
C ASP A 23 -14.50 -0.76 -0.87
N THR A 24 -14.00 -1.99 -0.79
CA THR A 24 -13.23 -2.44 0.37
C THR A 24 -12.05 -3.30 -0.07
N ILE A 25 -10.88 -3.01 0.48
CA ILE A 25 -9.67 -3.76 0.15
C ILE A 25 -8.73 -3.84 1.35
N ARG A 26 -8.21 -5.04 1.61
CA ARG A 26 -7.30 -5.24 2.73
C ARG A 26 -5.85 -5.20 2.26
N ILE A 27 -5.12 -4.17 2.70
CA ILE A 27 -3.72 -4.02 2.32
C ILE A 27 -2.80 -4.40 3.47
N THR A 28 -2.32 -5.64 3.45
CA THR A 28 -1.43 -6.13 4.49
C THR A 28 -0.04 -6.41 3.93
N TRP A 29 0.98 -6.20 4.76
CA TRP A 29 2.36 -6.44 4.34
C TRP A 29 3.18 -7.02 5.50
N ALA A 30 4.44 -7.32 5.21
CA ALA A 30 5.33 -7.88 6.23
C ALA A 30 6.65 -7.12 6.28
N ASP A 31 7.06 -6.75 7.49
CA ASP A 31 8.31 -6.01 7.68
C ASP A 31 9.35 -6.88 8.38
N ASN A 32 10.04 -7.71 7.59
CA ASN A 32 11.07 -8.58 8.13
C ASN A 32 11.95 -7.84 9.13
N SER A 33 12.15 -6.56 8.89
CA SER A 33 12.98 -5.73 9.75
C SER A 33 12.69 -6.04 11.22
N LEU A 34 11.42 -6.28 11.54
CA LEU A 34 11.01 -6.58 12.90
C LEU A 34 11.74 -7.81 13.43
N PRO A 35 12.06 -7.78 14.74
CA PRO A 35 12.76 -8.90 15.39
C PRO A 35 11.89 -10.14 15.52
N LYS A 36 12.36 -11.10 16.31
CA LYS A 36 11.62 -12.35 16.51
C LYS A 36 10.15 -12.06 16.75
N HIS A 37 9.86 -10.96 17.45
CA HIS A 37 8.48 -10.58 17.74
C HIS A 37 7.99 -9.52 16.76
N GLN A 38 6.68 -9.48 16.56
CA GLN A 38 6.07 -8.52 15.64
C GLN A 38 5.58 -7.29 16.39
N LYS A 39 6.49 -6.32 16.57
CA LYS A 39 6.14 -5.09 17.26
C LYS A 39 7.04 -3.94 16.82
N ILE A 40 6.44 -2.92 16.22
CA ILE A 40 7.19 -1.76 15.75
C ILE A 40 7.83 -1.00 16.90
N THR A 41 7.00 -0.27 17.65
CA THR A 41 7.48 0.50 18.78
C THR A 41 8.88 1.04 18.54
N ASP A 42 9.09 1.62 17.36
CA ASP A 42 10.39 2.18 16.99
C ASP A 42 10.25 3.65 16.60
N SER A 43 9.16 4.26 17.00
CA SER A 43 8.91 5.68 16.69
C SER A 43 8.87 5.89 15.19
N ARG A 44 8.48 4.85 14.45
CA ARG A 44 8.40 4.93 12.99
C ARG A 44 6.94 4.90 12.53
N TYR A 45 6.71 5.30 11.28
CA TYR A 45 5.38 5.33 10.71
C TYR A 45 5.37 4.79 9.29
N TYR A 46 4.18 4.58 8.75
CA TYR A 46 4.04 4.06 7.39
C TYR A 46 3.13 4.95 6.56
N THR A 47 3.39 5.01 5.25
CA THR A 47 2.58 5.82 4.35
C THR A 47 2.07 4.99 3.19
N VAL A 48 0.75 5.03 2.97
CA VAL A 48 0.13 4.29 1.89
C VAL A 48 -0.43 5.23 0.82
N ARG A 49 0.09 5.11 -0.39
CA ARG A 49 -0.35 5.94 -1.50
C ARG A 49 -1.16 5.13 -2.51
N TRP A 50 -1.96 5.82 -3.32
CA TRP A 50 -2.77 5.16 -4.33
C TRP A 50 -3.37 6.18 -5.30
N LYS A 51 -3.51 5.77 -6.56
CA LYS A 51 -4.06 6.65 -7.58
C LYS A 51 -4.94 5.86 -8.55
N THR A 52 -5.61 6.59 -9.45
CA THR A 52 -6.48 5.94 -10.44
C THR A 52 -5.91 6.09 -11.85
N ASN A 53 -5.67 4.95 -12.49
CA ASN A 53 -5.12 4.95 -13.85
C ASN A 53 -5.89 5.90 -14.75
N ILE A 54 -7.17 6.11 -14.43
CA ILE A 54 -8.02 6.99 -15.22
C ILE A 54 -8.74 7.99 -14.33
N PRO A 55 -8.53 9.30 -14.61
CA PRO A 55 -7.66 9.74 -15.70
C PRO A 55 -6.20 9.46 -15.43
N ALA A 56 -5.33 10.11 -16.20
CA ALA A 56 -3.88 9.94 -16.03
C ALA A 56 -3.27 11.14 -15.32
N ASN A 57 -3.89 12.30 -15.47
CA ASN A 57 -3.40 13.52 -14.84
C ASN A 57 -4.09 13.76 -13.49
N THR A 58 -3.58 13.13 -12.45
CA THR A 58 -4.14 13.26 -11.12
C THR A 58 -3.05 13.26 -10.05
N LYS A 59 -3.18 14.15 -9.08
CA LYS A 59 -2.21 14.25 -7.99
C LYS A 59 -2.29 13.04 -7.08
N TYR A 60 -1.34 12.11 -7.26
CA TYR A 60 -1.31 10.90 -6.44
C TYR A 60 -1.80 11.17 -5.02
N LYS A 61 -2.51 10.21 -4.45
CA LYS A 61 -3.03 10.35 -3.09
C LYS A 61 -2.13 9.65 -2.09
N ASN A 62 -2.31 9.98 -0.81
CA ASN A 62 -1.50 9.39 0.24
C ASN A 62 -2.20 9.50 1.60
N ALA A 63 -2.00 8.50 2.45
CA ALA A 63 -2.62 8.49 3.77
C ALA A 63 -1.57 8.25 4.86
N ASN A 64 -2.00 8.36 6.11
CA ASN A 64 -1.10 8.17 7.25
C ASN A 64 -1.65 7.10 8.19
N ALA A 65 -0.84 6.08 8.45
CA ALA A 65 -1.24 5.00 9.34
C ALA A 65 -0.03 4.20 9.82
N THR A 66 0.23 4.24 11.12
CA THR A 66 1.35 3.52 11.70
C THR A 66 0.96 2.09 12.09
N THR A 67 1.26 1.15 11.20
CA THR A 67 0.94 -0.25 11.45
C THR A 67 1.49 -1.15 10.35
N LEU A 68 1.20 -2.44 10.45
CA LEU A 68 1.67 -3.41 9.47
C LEU A 68 0.55 -3.78 8.50
N SER A 69 -0.47 -2.93 8.42
CA SER A 69 -1.61 -3.18 7.53
C SER A 69 -2.33 -1.88 7.20
N TYR A 70 -3.40 -1.99 6.43
CA TYR A 70 -4.17 -0.83 6.03
C TYR A 70 -5.45 -1.25 5.29
N LEU A 71 -6.52 -0.47 5.47
CA LEU A 71 -7.78 -0.76 4.81
C LEU A 71 -8.26 0.44 4.00
N VAL A 72 -8.09 0.36 2.68
CA VAL A 72 -8.50 1.43 1.78
C VAL A 72 -9.99 1.34 1.47
N THR A 73 -10.74 2.37 1.86
CA THR A 73 -12.18 2.40 1.62
C THR A 73 -12.56 3.60 0.76
N GLY A 74 -13.71 3.50 0.10
CA GLY A 74 -14.17 4.59 -0.75
C GLY A 74 -13.56 4.54 -2.14
N LEU A 75 -13.68 3.39 -2.79
CA LEU A 75 -13.14 3.20 -4.13
C LEU A 75 -14.23 2.84 -5.12
N LYS A 76 -13.89 2.85 -6.40
CA LYS A 76 -14.86 2.52 -7.46
C LYS A 76 -14.74 1.05 -7.85
N PRO A 77 -15.87 0.46 -8.27
CA PRO A 77 -15.92 -0.94 -8.69
C PRO A 77 -15.19 -1.18 -10.00
N ASN A 78 -14.70 -2.40 -10.19
CA ASN A 78 -13.98 -2.75 -11.41
C ASN A 78 -13.10 -1.60 -11.88
N THR A 79 -12.48 -0.90 -10.93
CA THR A 79 -11.62 0.22 -11.25
C THR A 79 -10.18 -0.05 -10.81
N LEU A 80 -9.26 0.03 -11.76
CA LEU A 80 -7.84 -0.21 -11.48
C LEU A 80 -7.35 0.73 -10.38
N TYR A 81 -6.71 0.16 -9.37
CA TYR A 81 -6.19 0.94 -8.25
C TYR A 81 -4.79 0.48 -7.87
N GLU A 82 -3.94 1.44 -7.51
CA GLU A 82 -2.57 1.14 -7.14
C GLU A 82 -2.39 1.23 -5.63
N PHE A 83 -1.51 0.38 -5.08
CA PHE A 83 -1.26 0.37 -3.65
C PHE A 83 0.24 0.19 -3.37
N SER A 84 0.75 1.00 -2.45
CA SER A 84 2.17 0.94 -2.09
C SER A 84 2.37 1.29 -0.62
N VAL A 85 3.42 0.74 -0.03
CA VAL A 85 3.73 0.99 1.38
C VAL A 85 5.21 1.28 1.57
N MET A 86 5.52 2.31 2.36
CA MET A 86 6.90 2.68 2.63
C MET A 86 7.13 2.87 4.12
N VAL A 87 8.40 2.86 4.52
CA VAL A 87 8.76 3.02 5.93
C VAL A 87 9.80 4.12 6.10
N THR A 88 9.66 4.89 7.18
CA THR A 88 10.59 5.98 7.46
C THR A 88 10.97 6.01 8.93
N LYS A 89 12.26 5.88 9.21
CA LYS A 89 12.76 5.90 10.59
C LYS A 89 13.40 7.24 10.92
N GLY A 90 12.58 8.28 11.02
CA GLY A 90 13.09 9.60 11.34
C GLY A 90 13.90 10.19 10.21
N ARG A 91 15.21 9.99 10.26
CA ARG A 91 16.11 10.51 9.23
C ARG A 91 16.21 9.54 8.06
N ARG A 92 16.10 8.25 8.35
CA ARG A 92 16.18 7.22 7.33
C ARG A 92 14.84 7.04 6.62
N SER A 93 14.86 6.42 5.45
CA SER A 93 13.65 6.18 4.68
C SER A 93 13.91 5.18 3.56
N SER A 94 12.91 4.33 3.30
CA SER A 94 13.03 3.32 2.26
C SER A 94 12.26 3.74 1.01
N THR A 95 12.30 2.89 -0.01
CA THR A 95 11.61 3.17 -1.27
C THR A 95 10.21 2.56 -1.28
N TRP A 96 9.41 2.92 -2.28
CA TRP A 96 8.06 2.41 -2.40
C TRP A 96 8.07 0.94 -2.84
N SER A 97 7.42 0.09 -2.04
CA SER A 97 7.37 -1.34 -2.34
C SER A 97 6.66 -1.58 -3.66
N MET A 98 6.84 -2.78 -4.21
CA MET A 98 6.21 -3.14 -5.48
C MET A 98 4.75 -2.73 -5.50
N THR A 99 4.43 -1.73 -6.32
CA THR A 99 3.07 -1.24 -6.43
C THR A 99 2.10 -2.36 -6.76
N ALA A 100 1.25 -2.71 -5.80
CA ALA A 100 0.27 -3.77 -6.00
C ALA A 100 -1.04 -3.21 -6.56
N HIS A 101 -1.47 -3.76 -7.69
CA HIS A 101 -2.71 -3.32 -8.32
C HIS A 101 -3.88 -4.20 -7.89
N GLY A 102 -4.97 -3.55 -7.45
CA GLY A 102 -6.13 -4.29 -7.01
C GLY A 102 -7.40 -3.82 -7.72
N THR A 103 -8.00 -4.72 -8.50
CA THR A 103 -9.22 -4.41 -9.22
C THR A 103 -10.45 -4.89 -8.47
N THR A 104 -11.18 -3.95 -7.86
CA THR A 104 -12.38 -4.27 -7.11
C THR A 104 -13.34 -5.11 -7.94
N PHE A 105 -14.33 -5.70 -7.28
CA PHE A 105 -15.32 -6.52 -7.96
C PHE A 105 -16.31 -5.66 -8.71
N GLU A 106 -17.29 -6.30 -9.34
CA GLU A 106 -18.32 -5.59 -10.10
C GLU A 106 -19.52 -5.24 -9.22
N LEU A 107 -19.82 -3.96 -9.13
CA LEU A 107 -20.93 -3.48 -8.31
C LEU A 107 -22.24 -3.57 -9.09
N SER A 108 -22.28 -2.95 -10.26
CA SER A 108 -23.47 -2.95 -11.09
C SER A 108 -23.95 -4.38 -11.34
N GLY A 109 -25.25 -4.53 -11.57
CA GLY A 109 -25.81 -5.85 -11.82
C GLY A 109 -26.48 -5.93 -13.17
N PRO A 110 -26.43 -7.13 -13.79
CA PRO A 110 -27.04 -7.37 -15.11
C PRO A 110 -28.56 -7.36 -15.05
N SER A 111 -29.18 -6.88 -16.12
CA SER A 111 -30.63 -6.81 -16.20
C SER A 111 -31.25 -8.20 -16.04
N SER A 112 -30.76 -9.15 -16.82
CA SER A 112 -31.25 -10.52 -16.77
C SER A 112 -31.12 -11.11 -15.37
N GLY A 113 -32.18 -11.72 -14.88
CA GLY A 113 -32.15 -12.31 -13.56
C GLY A 113 -33.24 -13.34 -13.36
N GLY A 1 18.13 -0.98 -12.44
CA GLY A 1 17.99 0.11 -11.50
C GLY A 1 18.55 -0.24 -10.13
N SER A 2 17.95 -1.26 -9.51
CA SER A 2 18.40 -1.70 -8.18
C SER A 2 19.50 -2.74 -8.29
N SER A 3 20.73 -2.32 -8.02
CA SER A 3 21.88 -3.22 -8.09
C SER A 3 22.10 -3.92 -6.75
N GLY A 4 22.31 -3.13 -5.70
CA GLY A 4 22.52 -3.69 -4.38
C GLY A 4 23.58 -2.93 -3.60
N SER A 5 23.17 -2.34 -2.47
CA SER A 5 24.09 -1.59 -1.63
C SER A 5 23.44 -1.24 -0.29
N SER A 6 24.03 -1.74 0.78
CA SER A 6 23.51 -1.50 2.12
C SER A 6 23.51 0.00 2.44
N GLY A 7 22.35 0.54 2.77
CA GLY A 7 22.24 1.95 3.09
C GLY A 7 20.89 2.31 3.69
N PRO A 8 19.88 2.44 2.83
CA PRO A 8 18.51 2.79 3.26
C PRO A 8 17.85 1.65 4.02
N MET A 9 16.58 1.85 4.39
CA MET A 9 15.83 0.85 5.13
C MET A 9 15.09 -0.08 4.17
N MET A 10 14.80 -1.29 4.63
CA MET A 10 14.10 -2.27 3.82
C MET A 10 12.60 -1.98 3.77
N PRO A 11 12.06 -1.82 2.56
CA PRO A 11 10.64 -1.53 2.36
C PRO A 11 9.75 -2.72 2.72
N PRO A 12 8.45 -2.44 2.93
CA PRO A 12 7.47 -3.47 3.28
C PRO A 12 7.18 -4.41 2.11
N VAL A 13 7.45 -5.70 2.32
CA VAL A 13 7.22 -6.70 1.28
C VAL A 13 5.92 -7.46 1.54
N GLY A 14 5.65 -8.46 0.71
CA GLY A 14 4.44 -9.26 0.87
C GLY A 14 3.19 -8.45 0.63
N VAL A 15 3.36 -7.20 0.19
CA VAL A 15 2.22 -6.32 -0.08
C VAL A 15 1.16 -7.03 -0.90
N GLN A 16 0.08 -7.43 -0.25
CA GLN A 16 -1.01 -8.12 -0.93
C GLN A 16 -2.27 -7.26 -0.94
N ALA A 17 -3.05 -7.37 -2.02
CA ALA A 17 -4.27 -6.60 -2.16
C ALA A 17 -5.48 -7.53 -2.29
N SER A 18 -6.21 -7.70 -1.20
CA SER A 18 -7.39 -8.57 -1.19
C SER A 18 -8.66 -7.75 -1.45
N ILE A 19 -9.43 -8.18 -2.45
CA ILE A 19 -10.66 -7.49 -2.80
C ILE A 19 -11.84 -8.05 -2.01
N LEU A 20 -12.54 -7.16 -1.31
CA LEU A 20 -13.70 -7.56 -0.51
C LEU A 20 -14.98 -6.98 -1.08
N SER A 21 -14.95 -5.70 -1.42
CA SER A 21 -16.11 -5.02 -1.98
C SER A 21 -15.70 -3.98 -3.01
N HIS A 22 -16.69 -3.35 -3.64
CA HIS A 22 -16.42 -2.33 -4.66
C HIS A 22 -15.63 -1.17 -4.07
N ASP A 23 -15.79 -0.94 -2.78
CA ASP A 23 -15.09 0.15 -2.09
C ASP A 23 -14.39 -0.37 -0.84
N THR A 24 -13.97 -1.63 -0.88
CA THR A 24 -13.29 -2.25 0.24
C THR A 24 -12.11 -3.10 -0.23
N ILE A 25 -10.92 -2.79 0.28
CA ILE A 25 -9.73 -3.53 -0.09
C ILE A 25 -8.79 -3.68 1.11
N ARG A 26 -8.31 -4.91 1.32
CA ARG A 26 -7.41 -5.19 2.43
C ARG A 26 -5.96 -5.12 1.97
N ILE A 27 -5.17 -4.29 2.65
CA ILE A 27 -3.75 -4.13 2.32
C ILE A 27 -2.87 -4.52 3.49
N THR A 28 -2.24 -5.69 3.38
CA THR A 28 -1.36 -6.19 4.44
C THR A 28 0.04 -6.44 3.90
N TRP A 29 1.05 -6.11 4.71
CA TRP A 29 2.44 -6.30 4.33
C TRP A 29 3.24 -6.93 5.45
N ALA A 30 4.53 -7.11 5.23
CA ALA A 30 5.42 -7.70 6.24
C ALA A 30 6.71 -6.89 6.37
N ASP A 31 7.11 -6.63 7.61
CA ASP A 31 8.33 -5.87 7.86
C ASP A 31 9.49 -6.81 8.17
N ASN A 32 10.55 -6.71 7.39
CA ASN A 32 11.73 -7.55 7.58
C ASN A 32 12.73 -6.87 8.51
N SER A 33 12.88 -5.56 8.36
CA SER A 33 13.81 -4.80 9.18
C SER A 33 13.71 -5.21 10.64
N LEU A 34 12.49 -5.18 11.17
CA LEU A 34 12.25 -5.55 12.56
C LEU A 34 13.00 -6.83 12.92
N PRO A 35 13.38 -6.97 14.20
CA PRO A 35 14.10 -8.13 14.70
C PRO A 35 13.24 -9.39 14.73
N LYS A 36 13.80 -10.49 15.22
CA LYS A 36 13.08 -11.75 15.30
C LYS A 36 11.64 -11.53 15.72
N HIS A 37 11.45 -10.87 16.87
CA HIS A 37 10.12 -10.58 17.38
C HIS A 37 9.49 -9.41 16.63
N GLN A 38 8.37 -9.66 15.98
CA GLN A 38 7.66 -8.63 15.23
C GLN A 38 6.92 -7.69 16.17
N LYS A 39 7.48 -6.53 16.43
CA LYS A 39 6.86 -5.54 17.31
C LYS A 39 7.32 -4.13 16.94
N ILE A 40 6.35 -3.22 16.83
CA ILE A 40 6.63 -1.84 16.49
C ILE A 40 6.84 -0.99 17.74
N THR A 41 8.08 -0.56 17.96
CA THR A 41 8.41 0.25 19.13
C THR A 41 8.06 1.72 18.88
N ASP A 42 6.90 1.95 18.27
CA ASP A 42 6.45 3.31 17.98
C ASP A 42 7.62 4.21 17.62
N SER A 43 8.62 3.63 16.94
CA SER A 43 9.79 4.38 16.53
C SER A 43 9.64 4.92 15.12
N ARG A 44 8.98 4.14 14.26
CA ARG A 44 8.76 4.54 12.87
C ARG A 44 7.29 4.42 12.50
N TYR A 45 6.95 4.83 11.28
CA TYR A 45 5.58 4.78 10.81
C TYR A 45 5.53 4.29 9.36
N TYR A 46 4.32 4.00 8.88
CA TYR A 46 4.13 3.52 7.53
C TYR A 46 3.21 4.46 6.75
N THR A 47 3.64 4.81 5.53
CA THR A 47 2.85 5.70 4.68
C THR A 47 2.41 4.99 3.40
N VAL A 48 1.10 4.76 3.29
CA VAL A 48 0.55 4.09 2.12
C VAL A 48 0.05 5.10 1.10
N ARG A 49 0.25 4.78 -0.18
CA ARG A 49 -0.17 5.66 -1.27
C ARG A 49 -1.09 4.93 -2.24
N TRP A 50 -2.03 5.66 -2.82
CA TRP A 50 -2.97 5.07 -3.77
C TRP A 50 -3.45 6.12 -4.77
N LYS A 51 -3.53 5.72 -6.04
CA LYS A 51 -3.97 6.62 -7.10
C LYS A 51 -4.78 5.86 -8.15
N THR A 52 -5.24 6.58 -9.17
CA THR A 52 -6.02 5.99 -10.25
C THR A 52 -5.17 5.77 -11.49
N ASN A 53 -5.24 4.57 -12.05
CA ASN A 53 -4.49 4.24 -13.25
C ASN A 53 -4.85 5.15 -14.40
N ILE A 54 -6.09 5.65 -14.38
CA ILE A 54 -6.57 6.54 -15.43
C ILE A 54 -6.84 7.94 -14.88
N PRO A 55 -6.22 8.95 -15.51
CA PRO A 55 -5.34 8.74 -16.67
C PRO A 55 -4.03 8.05 -16.28
N ALA A 56 -3.20 7.77 -17.28
CA ALA A 56 -1.92 7.12 -17.04
C ALA A 56 -1.28 7.62 -15.75
N ASN A 57 -0.99 8.92 -15.70
CA ASN A 57 -0.37 9.52 -14.52
C ASN A 57 -1.31 10.53 -13.88
N THR A 58 -1.49 10.42 -12.56
CA THR A 58 -2.37 11.33 -11.83
C THR A 58 -1.81 11.60 -10.43
N LYS A 59 -2.27 12.70 -9.83
CA LYS A 59 -1.83 13.07 -8.50
C LYS A 59 -1.77 11.86 -7.57
N TYR A 60 -0.78 11.84 -6.69
CA TYR A 60 -0.62 10.73 -5.75
C TYR A 60 -1.08 11.12 -4.36
N LYS A 61 -1.62 10.16 -3.62
CA LYS A 61 -2.10 10.40 -2.27
C LYS A 61 -1.26 9.63 -1.25
N ASN A 62 -1.29 10.09 -0.01
CA ASN A 62 -0.53 9.44 1.07
C ASN A 62 -1.30 9.48 2.38
N ALA A 63 -1.10 8.47 3.22
CA ALA A 63 -1.77 8.39 4.51
C ALA A 63 -0.77 8.17 5.64
N ASN A 64 -1.27 8.13 6.86
CA ASN A 64 -0.43 7.93 8.03
C ASN A 64 -1.04 6.92 8.99
N ALA A 65 -0.48 5.71 9.02
CA ALA A 65 -0.98 4.65 9.89
C ALA A 65 0.15 3.76 10.38
N THR A 66 0.41 3.79 11.68
CA THR A 66 1.47 2.97 12.27
C THR A 66 0.98 1.57 12.57
N THR A 67 1.26 0.63 11.67
CA THR A 67 0.86 -0.75 11.84
C THR A 67 1.39 -1.63 10.71
N LEU A 68 1.10 -2.93 10.78
CA LEU A 68 1.56 -3.87 9.76
C LEU A 68 0.44 -4.21 8.80
N SER A 69 -0.59 -3.36 8.76
CA SER A 69 -1.73 -3.57 7.88
C SER A 69 -2.52 -2.28 7.68
N TYR A 70 -3.29 -2.22 6.61
CA TYR A 70 -4.10 -1.04 6.31
C TYR A 70 -5.36 -1.41 5.56
N LEU A 71 -6.43 -0.65 5.77
CA LEU A 71 -7.70 -0.90 5.11
C LEU A 71 -8.17 0.34 4.34
N VAL A 72 -8.14 0.24 3.02
CA VAL A 72 -8.57 1.34 2.15
C VAL A 72 -10.02 1.17 1.72
N THR A 73 -10.76 2.27 1.71
CA THR A 73 -12.16 2.25 1.31
C THR A 73 -12.54 3.53 0.57
N GLY A 74 -13.71 3.52 -0.06
CA GLY A 74 -14.17 4.67 -0.79
C GLY A 74 -13.52 4.80 -2.15
N LEU A 75 -13.35 3.66 -2.83
CA LEU A 75 -12.74 3.65 -4.15
C LEU A 75 -13.78 3.44 -5.24
N LYS A 76 -13.36 3.61 -6.49
CA LYS A 76 -14.26 3.45 -7.63
C LYS A 76 -14.41 1.97 -8.00
N PRO A 77 -15.64 1.56 -8.32
CA PRO A 77 -15.94 0.17 -8.69
C PRO A 77 -15.35 -0.20 -10.05
N ASN A 78 -15.11 -1.49 -10.26
CA ASN A 78 -14.55 -1.98 -11.51
C ASN A 78 -13.46 -1.04 -12.01
N THR A 79 -12.66 -0.51 -11.09
CA THR A 79 -11.58 0.40 -11.45
C THR A 79 -10.26 -0.04 -10.83
N LEU A 80 -9.22 -0.09 -11.65
CA LEU A 80 -7.90 -0.49 -11.18
C LEU A 80 -7.24 0.62 -10.36
N TYR A 81 -6.66 0.24 -9.23
CA TYR A 81 -5.99 1.20 -8.37
C TYR A 81 -4.59 0.72 -7.98
N GLU A 82 -3.75 1.66 -7.54
CA GLU A 82 -2.39 1.33 -7.14
C GLU A 82 -2.24 1.37 -5.62
N PHE A 83 -1.43 0.47 -5.09
CA PHE A 83 -1.20 0.39 -3.66
C PHE A 83 0.28 0.19 -3.35
N SER A 84 0.78 0.94 -2.38
CA SER A 84 2.19 0.86 -1.99
C SER A 84 2.37 1.27 -0.52
N VAL A 85 3.40 0.70 0.10
CA VAL A 85 3.69 1.00 1.51
C VAL A 85 5.16 1.35 1.70
N MET A 86 5.43 2.36 2.50
CA MET A 86 6.79 2.78 2.78
C MET A 86 6.97 3.14 4.25
N VAL A 87 8.22 3.14 4.71
CA VAL A 87 8.52 3.45 6.11
C VAL A 87 9.59 4.54 6.20
N THR A 88 9.49 5.37 7.23
CA THR A 88 10.45 6.46 7.43
C THR A 88 10.90 6.52 8.88
N LYS A 89 12.20 6.64 9.09
CA LYS A 89 12.76 6.71 10.43
C LYS A 89 13.40 8.08 10.69
N GLY A 90 12.70 9.13 10.27
CA GLY A 90 13.20 10.48 10.47
C GLY A 90 13.88 11.02 9.22
N ARG A 91 15.16 10.71 9.06
CA ARG A 91 15.92 11.17 7.91
C ARG A 91 16.09 10.06 6.88
N ARG A 92 16.01 8.82 7.34
CA ARG A 92 16.15 7.67 6.45
C ARG A 92 14.78 7.12 6.06
N SER A 93 14.72 6.47 4.90
CA SER A 93 13.47 5.91 4.40
C SER A 93 13.74 4.83 3.35
N SER A 94 12.69 4.11 2.97
CA SER A 94 12.81 3.05 1.97
C SER A 94 11.92 3.33 0.76
N THR A 95 12.38 2.92 -0.41
CA THR A 95 11.62 3.13 -1.64
C THR A 95 10.23 2.51 -1.55
N TRP A 96 9.43 2.72 -2.57
CA TRP A 96 8.07 2.18 -2.61
C TRP A 96 8.08 0.70 -2.95
N SER A 97 7.64 -0.13 -2.01
CA SER A 97 7.61 -1.58 -2.21
C SER A 97 6.83 -1.93 -3.47
N MET A 98 6.83 -3.21 -3.81
CA MET A 98 6.12 -3.68 -5.00
C MET A 98 4.69 -3.15 -5.03
N THR A 99 4.34 -2.46 -6.11
CA THR A 99 3.00 -1.89 -6.25
C THR A 99 1.95 -2.98 -6.41
N ALA A 100 1.03 -3.06 -5.46
CA ALA A 100 -0.03 -4.05 -5.50
C ALA A 100 -1.24 -3.55 -6.29
N HIS A 101 -1.59 -4.27 -7.35
CA HIS A 101 -2.72 -3.90 -8.18
C HIS A 101 -3.96 -4.70 -7.81
N GLY A 102 -5.04 -4.01 -7.46
CA GLY A 102 -6.27 -4.67 -7.09
C GLY A 102 -7.49 -4.04 -7.73
N THR A 103 -8.19 -4.81 -8.56
CA THR A 103 -9.38 -4.32 -9.25
C THR A 103 -10.64 -4.63 -8.44
N THR A 104 -11.37 -3.57 -8.08
CA THR A 104 -12.60 -3.73 -7.31
C THR A 104 -13.70 -4.35 -8.15
N PHE A 105 -14.70 -4.93 -7.49
CA PHE A 105 -15.81 -5.55 -8.19
C PHE A 105 -16.78 -4.51 -8.72
N GLU A 106 -17.62 -4.91 -9.66
CA GLU A 106 -18.60 -4.00 -10.26
C GLU A 106 -19.66 -3.60 -9.24
N LEU A 107 -20.01 -2.32 -9.23
CA LEU A 107 -21.02 -1.81 -8.31
C LEU A 107 -22.41 -2.30 -8.69
N SER A 108 -22.81 -2.03 -9.93
CA SER A 108 -24.12 -2.44 -10.42
C SER A 108 -24.08 -3.89 -10.91
N GLY A 109 -24.58 -4.80 -10.08
CA GLY A 109 -24.60 -6.20 -10.45
C GLY A 109 -25.77 -6.56 -11.34
N PRO A 110 -25.58 -7.59 -12.17
CA PRO A 110 -26.61 -8.06 -13.11
C PRO A 110 -27.79 -8.71 -12.39
N SER A 111 -27.64 -8.93 -11.08
CA SER A 111 -28.69 -9.54 -10.28
C SER A 111 -29.01 -10.94 -10.81
N SER A 112 -27.98 -11.69 -11.17
CA SER A 112 -28.14 -13.04 -11.69
C SER A 112 -28.30 -14.04 -10.54
N GLY A 113 -28.66 -15.28 -10.89
CA GLY A 113 -28.82 -16.31 -9.88
C GLY A 113 -30.22 -16.90 -9.88
N GLY A 1 18.16 -5.38 -9.66
CA GLY A 1 18.75 -4.09 -9.36
C GLY A 1 18.92 -3.86 -7.88
N SER A 2 19.87 -4.57 -7.27
CA SER A 2 20.13 -4.44 -5.84
C SER A 2 20.22 -2.97 -5.44
N SER A 3 21.11 -2.24 -6.10
CA SER A 3 21.31 -0.82 -5.80
C SER A 3 21.44 -0.59 -4.30
N GLY A 4 22.18 -1.49 -3.63
CA GLY A 4 22.37 -1.36 -2.21
C GLY A 4 21.13 -1.74 -1.41
N SER A 5 20.85 -3.04 -1.36
CA SER A 5 19.68 -3.53 -0.64
C SER A 5 19.95 -3.57 0.86
N SER A 6 21.12 -4.07 1.23
CA SER A 6 21.51 -4.16 2.63
C SER A 6 22.13 -2.86 3.12
N GLY A 7 21.43 -2.17 4.00
CA GLY A 7 21.92 -0.91 4.54
C GLY A 7 20.80 0.07 4.85
N PRO A 8 20.22 0.66 3.80
CA PRO A 8 19.12 1.63 3.94
C PRO A 8 17.83 0.98 4.43
N MET A 9 16.87 1.80 4.84
CA MET A 9 15.59 1.30 5.32
C MET A 9 15.07 0.19 4.42
N MET A 10 14.54 -0.86 5.03
CA MET A 10 14.01 -1.99 4.29
C MET A 10 12.51 -1.82 4.03
N PRO A 11 12.13 -1.88 2.75
CA PRO A 11 10.73 -1.73 2.33
C PRO A 11 9.86 -2.91 2.75
N PRO A 12 8.55 -2.67 2.88
CA PRO A 12 7.60 -3.71 3.29
C PRO A 12 7.38 -4.75 2.20
N VAL A 13 7.57 -6.02 2.57
CA VAL A 13 7.41 -7.12 1.63
C VAL A 13 6.04 -7.77 1.79
N GLY A 14 5.76 -8.77 0.95
CA GLY A 14 4.49 -9.47 1.02
C GLY A 14 3.31 -8.53 0.89
N VAL A 15 3.45 -7.51 0.06
CA VAL A 15 2.39 -6.54 -0.15
C VAL A 15 1.33 -7.07 -1.12
N GLN A 16 0.14 -7.33 -0.60
CA GLN A 16 -0.96 -7.84 -1.41
C GLN A 16 -2.26 -7.11 -1.11
N ALA A 17 -3.16 -7.09 -2.09
CA ALA A 17 -4.45 -6.43 -1.92
C ALA A 17 -5.59 -7.42 -2.04
N SER A 18 -6.41 -7.52 -0.99
CA SER A 18 -7.54 -8.44 -0.97
C SER A 18 -8.84 -7.69 -1.22
N ILE A 19 -9.44 -7.93 -2.39
CA ILE A 19 -10.69 -7.29 -2.75
C ILE A 19 -11.84 -7.78 -1.89
N LEU A 20 -12.51 -6.85 -1.20
CA LEU A 20 -13.63 -7.21 -0.33
C LEU A 20 -14.94 -6.68 -0.91
N SER A 21 -14.91 -5.45 -1.40
CA SER A 21 -16.10 -4.83 -1.98
C SER A 21 -15.72 -3.75 -2.99
N HIS A 22 -16.72 -3.07 -3.52
CA HIS A 22 -16.48 -2.01 -4.51
C HIS A 22 -15.61 -0.92 -3.93
N ASP A 23 -15.83 -0.59 -2.66
CA ASP A 23 -15.06 0.45 -1.99
C ASP A 23 -14.35 -0.12 -0.75
N THR A 24 -13.88 -1.35 -0.86
CA THR A 24 -13.20 -2.01 0.24
C THR A 24 -12.01 -2.84 -0.26
N ILE A 25 -10.85 -2.62 0.34
CA ILE A 25 -9.64 -3.34 -0.06
C ILE A 25 -8.67 -3.46 1.12
N ARG A 26 -8.26 -4.68 1.43
CA ARG A 26 -7.33 -4.92 2.53
C ARG A 26 -5.89 -4.98 2.02
N ILE A 27 -5.02 -4.20 2.64
CA ILE A 27 -3.61 -4.15 2.25
C ILE A 27 -2.71 -4.58 3.40
N THR A 28 -2.15 -5.78 3.29
CA THR A 28 -1.27 -6.31 4.32
C THR A 28 0.15 -6.49 3.79
N TRP A 29 1.13 -6.42 4.69
CA TRP A 29 2.53 -6.56 4.32
C TRP A 29 3.37 -7.05 5.49
N ALA A 30 4.68 -7.15 5.29
CA ALA A 30 5.58 -7.60 6.33
C ALA A 30 6.88 -6.81 6.32
N ASP A 31 7.68 -6.97 7.36
CA ASP A 31 8.95 -6.27 7.47
C ASP A 31 10.03 -7.18 8.07
N ASN A 32 11.13 -7.32 7.36
CA ASN A 32 12.24 -8.16 7.81
C ASN A 32 13.07 -7.43 8.86
N SER A 33 13.14 -6.11 8.74
CA SER A 33 13.91 -5.30 9.69
C SER A 33 13.57 -5.67 11.12
N LEU A 34 12.27 -5.85 11.39
CA LEU A 34 11.81 -6.20 12.72
C LEU A 34 12.61 -7.38 13.28
N PRO A 35 12.78 -7.39 14.62
CA PRO A 35 13.52 -8.46 15.30
C PRO A 35 12.78 -9.78 15.29
N LYS A 36 13.19 -10.70 16.16
CA LYS A 36 12.56 -12.01 16.24
C LYS A 36 11.25 -11.93 17.02
N HIS A 37 10.44 -10.92 16.72
CA HIS A 37 9.16 -10.73 17.38
C HIS A 37 8.39 -9.57 16.77
N GLN A 38 7.34 -9.89 16.01
CA GLN A 38 6.52 -8.88 15.36
C GLN A 38 6.03 -7.85 16.38
N LYS A 39 6.81 -6.79 16.58
CA LYS A 39 6.45 -5.74 17.52
C LYS A 39 7.00 -4.39 17.06
N ILE A 40 6.09 -3.49 16.69
CA ILE A 40 6.49 -2.17 16.22
C ILE A 40 6.72 -1.22 17.40
N THR A 41 7.85 -1.38 18.07
CA THR A 41 8.19 -0.54 19.22
C THR A 41 9.16 0.57 18.82
N ASP A 42 8.62 1.61 18.17
CA ASP A 42 9.43 2.73 17.73
C ASP A 42 8.55 3.84 17.16
N SER A 43 9.13 5.01 16.95
CA SER A 43 8.40 6.15 16.41
C SER A 43 8.42 6.12 14.88
N ARG A 44 8.18 4.94 14.31
CA ARG A 44 8.16 4.78 12.87
C ARG A 44 6.73 4.69 12.35
N TYR A 45 6.45 5.43 11.28
CA TYR A 45 5.11 5.44 10.69
C TYR A 45 5.16 4.91 9.26
N TYR A 46 4.08 4.22 8.86
CA TYR A 46 4.00 3.65 7.52
C TYR A 46 3.13 4.52 6.62
N THR A 47 3.58 4.72 5.39
CA THR A 47 2.85 5.53 4.42
C THR A 47 2.36 4.68 3.25
N VAL A 48 1.04 4.54 3.14
CA VAL A 48 0.44 3.76 2.06
C VAL A 48 -0.21 4.67 1.01
N ARG A 49 0.35 4.67 -0.18
CA ARG A 49 -0.17 5.49 -1.27
C ARG A 49 -1.00 4.66 -2.24
N TRP A 50 -1.96 5.30 -2.88
CA TRP A 50 -2.83 4.61 -3.84
C TRP A 50 -3.23 5.54 -4.97
N LYS A 51 -3.15 5.05 -6.21
CA LYS A 51 -3.50 5.83 -7.38
C LYS A 51 -4.18 4.96 -8.43
N THR A 52 -4.97 5.58 -9.29
CA THR A 52 -5.67 4.86 -10.35
C THR A 52 -4.79 4.69 -11.58
N ASN A 53 -4.70 3.46 -12.07
CA ASN A 53 -3.88 3.17 -13.24
C ASN A 53 -4.29 4.03 -14.43
N ILE A 54 -5.59 4.28 -14.55
CA ILE A 54 -6.12 5.10 -15.63
C ILE A 54 -6.88 6.30 -15.09
N PRO A 55 -6.56 7.50 -15.62
CA PRO A 55 -5.52 7.65 -16.64
C PRO A 55 -4.12 7.38 -16.11
N ALA A 56 -3.12 7.54 -16.97
CA ALA A 56 -1.73 7.33 -16.57
C ALA A 56 -1.27 8.38 -15.57
N ASN A 57 -1.21 9.63 -16.01
CA ASN A 57 -0.79 10.72 -15.15
C ASN A 57 -1.92 11.14 -14.20
N THR A 58 -1.98 10.48 -13.05
CA THR A 58 -3.01 10.78 -12.06
C THR A 58 -2.39 11.06 -10.69
N LYS A 59 -2.93 12.05 -10.00
CA LYS A 59 -2.44 12.42 -8.68
C LYS A 59 -2.22 11.18 -7.81
N TYR A 60 -1.61 11.37 -6.65
CA TYR A 60 -1.36 10.27 -5.73
C TYR A 60 -2.01 10.53 -4.37
N LYS A 61 -1.93 9.53 -3.49
CA LYS A 61 -2.50 9.65 -2.16
C LYS A 61 -1.57 9.07 -1.10
N ASN A 62 -1.93 9.22 0.16
CA ASN A 62 -1.13 8.71 1.26
C ASN A 62 -1.96 8.57 2.53
N ALA A 63 -1.77 7.45 3.23
CA ALA A 63 -2.51 7.19 4.46
C ALA A 63 -1.57 6.98 5.64
N ASN A 64 -1.77 7.74 6.71
CA ASN A 64 -0.93 7.64 7.89
C ASN A 64 -1.46 6.57 8.85
N ALA A 65 -0.71 5.50 9.01
CA ALA A 65 -1.11 4.41 9.89
C ALA A 65 0.09 3.55 10.27
N THR A 66 0.44 3.55 11.55
CA THR A 66 1.57 2.77 12.03
C THR A 66 1.15 1.34 12.36
N THR A 67 1.36 0.43 11.42
CA THR A 67 1.01 -0.97 11.62
C THR A 67 1.47 -1.82 10.45
N LEU A 68 1.34 -3.14 10.59
CA LEU A 68 1.75 -4.06 9.54
C LEU A 68 0.57 -4.45 8.66
N SER A 69 -0.46 -3.60 8.66
CA SER A 69 -1.66 -3.85 7.86
C SER A 69 -2.54 -2.60 7.81
N TYR A 70 -2.99 -2.26 6.60
CA TYR A 70 -3.84 -1.10 6.40
C TYR A 70 -4.97 -1.41 5.42
N LEU A 71 -6.18 -0.98 5.78
CA LEU A 71 -7.34 -1.21 4.94
C LEU A 71 -7.83 0.10 4.32
N VAL A 72 -7.89 0.13 2.99
CA VAL A 72 -8.35 1.32 2.28
C VAL A 72 -9.85 1.28 2.03
N THR A 73 -10.49 2.43 2.16
CA THR A 73 -11.94 2.52 1.95
C THR A 73 -12.31 3.83 1.25
N GLY A 74 -13.31 3.76 0.39
CA GLY A 74 -13.75 4.96 -0.32
C GLY A 74 -13.13 5.05 -1.70
N LEU A 75 -13.24 3.98 -2.48
CA LEU A 75 -12.69 3.95 -3.82
C LEU A 75 -13.80 3.84 -4.87
N LYS A 76 -13.44 4.06 -6.12
CA LYS A 76 -14.41 3.99 -7.22
C LYS A 76 -14.49 2.57 -7.77
N PRO A 77 -15.71 2.13 -8.09
CA PRO A 77 -15.95 0.78 -8.63
C PRO A 77 -15.43 0.64 -10.06
N ASN A 78 -15.19 -0.60 -10.47
CA ASN A 78 -14.69 -0.88 -11.81
C ASN A 78 -13.61 0.12 -12.20
N THR A 79 -12.60 0.25 -11.34
CA THR A 79 -11.49 1.18 -11.60
C THR A 79 -10.20 0.66 -10.99
N LEU A 80 -9.19 0.46 -11.84
CA LEU A 80 -7.90 -0.03 -11.40
C LEU A 80 -7.30 0.89 -10.34
N TYR A 81 -6.82 0.30 -9.25
CA TYR A 81 -6.24 1.07 -8.16
C TYR A 81 -4.93 0.44 -7.70
N GLU A 82 -3.95 1.28 -7.36
CA GLU A 82 -2.65 0.81 -6.91
C GLU A 82 -2.52 0.97 -5.39
N PHE A 83 -1.66 0.16 -4.79
CA PHE A 83 -1.45 0.22 -3.35
C PHE A 83 0.01 -0.15 -3.00
N SER A 84 0.70 0.77 -2.36
CA SER A 84 2.09 0.56 -1.98
C SER A 84 2.30 0.88 -0.50
N VAL A 85 3.41 0.37 0.06
CA VAL A 85 3.73 0.59 1.46
C VAL A 85 5.19 0.97 1.63
N MET A 86 5.45 1.95 2.49
CA MET A 86 6.82 2.39 2.75
C MET A 86 6.99 2.79 4.21
N VAL A 87 8.23 2.70 4.70
CA VAL A 87 8.53 3.05 6.09
C VAL A 87 9.50 4.22 6.16
N THR A 88 9.31 5.08 7.16
CA THR A 88 10.17 6.24 7.34
C THR A 88 10.62 6.37 8.79
N LYS A 89 11.88 6.74 8.99
CA LYS A 89 12.43 6.90 10.33
C LYS A 89 13.34 8.12 10.40
N GLY A 90 13.04 9.02 11.34
CA GLY A 90 13.85 10.22 11.50
C GLY A 90 13.96 11.01 10.20
N ARG A 91 15.11 10.91 9.56
CA ARG A 91 15.35 11.62 8.30
C ARG A 91 15.69 10.65 7.18
N ARG A 92 15.17 9.44 7.27
CA ARG A 92 15.43 8.42 6.26
C ARG A 92 14.15 7.68 5.89
N SER A 93 14.23 6.80 4.90
CA SER A 93 13.08 6.04 4.45
C SER A 93 13.50 4.97 3.44
N SER A 94 12.52 4.21 2.95
CA SER A 94 12.78 3.15 1.99
C SER A 94 11.94 3.33 0.73
N THR A 95 12.34 2.68 -0.35
CA THR A 95 11.62 2.76 -1.62
C THR A 95 10.22 2.19 -1.49
N TRP A 96 9.46 2.28 -2.58
CA TRP A 96 8.09 1.75 -2.59
C TRP A 96 8.08 0.26 -2.92
N SER A 97 7.81 -0.56 -1.92
CA SER A 97 7.77 -2.01 -2.09
C SER A 97 6.98 -2.37 -3.36
N MET A 98 7.10 -3.63 -3.77
CA MET A 98 6.39 -4.11 -4.96
C MET A 98 5.00 -3.52 -5.04
N THR A 99 4.72 -2.78 -6.11
CA THR A 99 3.42 -2.16 -6.30
C THR A 99 2.32 -3.22 -6.45
N ALA A 100 1.33 -3.14 -5.57
CA ALA A 100 0.22 -4.09 -5.59
C ALA A 100 -0.97 -3.52 -6.36
N HIS A 101 -1.28 -4.12 -7.50
CA HIS A 101 -2.39 -3.67 -8.32
C HIS A 101 -3.66 -4.47 -8.02
N GLY A 102 -4.78 -3.76 -7.84
CA GLY A 102 -6.03 -4.43 -7.54
C GLY A 102 -7.23 -3.68 -8.10
N THR A 103 -8.08 -4.40 -8.83
CA THR A 103 -9.26 -3.79 -9.43
C THR A 103 -10.52 -4.17 -8.65
N THR A 104 -11.24 -3.17 -8.16
CA THR A 104 -12.46 -3.41 -7.40
C THR A 104 -13.55 -3.99 -8.28
N PHE A 105 -14.58 -4.56 -7.66
CA PHE A 105 -15.68 -5.15 -8.39
C PHE A 105 -16.65 -4.09 -8.89
N GLU A 106 -17.22 -4.31 -10.06
CA GLU A 106 -18.16 -3.37 -10.65
C GLU A 106 -19.37 -3.17 -9.75
N LEU A 107 -19.70 -1.92 -9.47
CA LEU A 107 -20.86 -1.60 -8.62
C LEU A 107 -22.12 -2.28 -9.14
N SER A 108 -22.58 -3.28 -8.39
CA SER A 108 -23.78 -4.02 -8.77
C SER A 108 -24.58 -4.43 -7.53
N GLY A 109 -25.86 -4.09 -7.53
CA GLY A 109 -26.71 -4.42 -6.39
C GLY A 109 -28.02 -3.67 -6.41
N PRO A 110 -29.01 -4.21 -7.14
CA PRO A 110 -30.33 -3.59 -7.26
C PRO A 110 -31.13 -3.68 -5.96
N SER A 111 -31.03 -4.83 -5.28
CA SER A 111 -31.74 -5.04 -4.03
C SER A 111 -30.90 -5.86 -3.06
N SER A 112 -30.56 -5.25 -1.93
CA SER A 112 -29.75 -5.93 -0.91
C SER A 112 -28.61 -6.69 -1.55
N GLY A 113 -27.97 -6.08 -2.55
CA GLY A 113 -26.87 -6.71 -3.24
C GLY A 113 -25.86 -7.31 -2.28
N GLY A 1 13.86 2.10 -14.22
CA GLY A 1 14.47 3.23 -13.54
C GLY A 1 15.37 2.82 -12.40
N SER A 2 16.52 3.47 -12.29
CA SER A 2 17.48 3.16 -11.24
C SER A 2 17.93 4.42 -10.52
N SER A 3 18.63 4.26 -9.40
CA SER A 3 19.12 5.39 -8.62
C SER A 3 20.28 4.96 -7.72
N GLY A 4 21.25 5.85 -7.57
CA GLY A 4 22.40 5.56 -6.73
C GLY A 4 22.06 5.54 -5.26
N SER A 5 22.30 4.40 -4.61
CA SER A 5 22.01 4.26 -3.19
C SER A 5 22.96 3.25 -2.54
N SER A 6 23.31 3.50 -1.29
CA SER A 6 24.22 2.62 -0.56
C SER A 6 23.45 1.45 0.04
N GLY A 7 22.70 1.71 1.11
CA GLY A 7 21.94 0.67 1.76
C GLY A 7 20.99 1.20 2.81
N PRO A 8 20.11 2.14 2.40
CA PRO A 8 19.14 2.76 3.30
C PRO A 8 18.04 1.78 3.73
N MET A 9 17.03 2.29 4.43
CA MET A 9 15.93 1.47 4.90
C MET A 9 15.30 0.69 3.74
N MET A 10 15.20 -0.62 3.89
CA MET A 10 14.62 -1.46 2.86
C MET A 10 13.09 -1.41 2.90
N PRO A 11 12.46 -1.41 1.72
CA PRO A 11 11.00 -1.35 1.61
C PRO A 11 10.33 -2.65 2.07
N PRO A 12 9.02 -2.59 2.32
CA PRO A 12 8.24 -3.73 2.78
C PRO A 12 8.08 -4.79 1.69
N VAL A 13 7.41 -5.89 2.02
CA VAL A 13 7.18 -6.98 1.07
C VAL A 13 5.84 -7.65 1.31
N GLY A 14 5.45 -8.53 0.39
CA GLY A 14 4.19 -9.23 0.51
C GLY A 14 3.00 -8.31 0.33
N VAL A 15 3.25 -7.13 -0.23
CA VAL A 15 2.19 -6.15 -0.46
C VAL A 15 1.10 -6.74 -1.36
N GLN A 16 0.01 -7.19 -0.74
CA GLN A 16 -1.11 -7.78 -1.48
C GLN A 16 -2.41 -7.04 -1.17
N ALA A 17 -3.29 -6.98 -2.16
CA ALA A 17 -4.57 -6.31 -2.00
C ALA A 17 -5.72 -7.31 -2.00
N SER A 18 -6.30 -7.52 -0.82
CA SER A 18 -7.41 -8.47 -0.69
C SER A 18 -8.74 -7.78 -0.97
N ILE A 19 -9.31 -8.07 -2.14
CA ILE A 19 -10.58 -7.49 -2.54
C ILE A 19 -11.71 -7.98 -1.64
N LEU A 20 -12.34 -7.05 -0.93
CA LEU A 20 -13.45 -7.39 -0.04
C LEU A 20 -14.78 -6.87 -0.59
N SER A 21 -14.75 -5.65 -1.13
CA SER A 21 -15.96 -5.05 -1.68
C SER A 21 -15.60 -4.10 -2.83
N HIS A 22 -16.62 -3.47 -3.40
CA HIS A 22 -16.42 -2.53 -4.50
C HIS A 22 -15.65 -1.30 -4.03
N ASP A 23 -15.74 -1.00 -2.74
CA ASP A 23 -15.05 0.14 -2.15
C ASP A 23 -14.33 -0.25 -0.87
N THR A 24 -13.94 -1.51 -0.77
CA THR A 24 -13.25 -2.02 0.40
C THR A 24 -12.12 -2.96 0.01
N ILE A 25 -10.91 -2.65 0.44
CA ILE A 25 -9.74 -3.48 0.14
C ILE A 25 -8.81 -3.58 1.34
N ARG A 26 -8.15 -4.72 1.49
CA ARG A 26 -7.23 -4.95 2.59
C ARG A 26 -5.80 -5.05 2.09
N ILE A 27 -4.94 -4.14 2.56
CA ILE A 27 -3.54 -4.13 2.16
C ILE A 27 -2.64 -4.59 3.30
N THR A 28 -2.24 -5.86 3.26
CA THR A 28 -1.37 -6.42 4.28
C THR A 28 0.04 -6.65 3.75
N TRP A 29 1.04 -6.23 4.51
CA TRP A 29 2.43 -6.39 4.12
C TRP A 29 3.27 -6.91 5.28
N ALA A 30 4.57 -7.03 5.05
CA ALA A 30 5.49 -7.52 6.08
C ALA A 30 6.86 -6.84 5.96
N ASP A 31 7.61 -6.86 7.05
CA ASP A 31 8.94 -6.25 7.06
C ASP A 31 9.97 -7.23 7.62
N ASN A 32 10.61 -7.99 6.72
CA ASN A 32 11.62 -8.96 7.12
C ASN A 32 12.45 -8.44 8.29
N SER A 33 12.75 -7.14 8.25
CA SER A 33 13.54 -6.51 9.30
C SER A 33 13.10 -6.99 10.68
N LEU A 34 11.79 -6.98 10.91
CA LEU A 34 11.23 -7.41 12.18
C LEU A 34 11.82 -8.76 12.61
N PRO A 35 11.95 -8.95 13.93
CA PRO A 35 12.49 -10.20 14.50
C PRO A 35 11.55 -11.38 14.30
N LYS A 36 11.81 -12.46 15.03
CA LYS A 36 10.99 -13.67 14.94
C LYS A 36 9.53 -13.35 15.24
N HIS A 37 9.30 -12.33 16.07
CA HIS A 37 7.95 -11.93 16.44
C HIS A 37 7.59 -10.60 15.77
N GLN A 38 6.54 -10.62 14.96
CA GLN A 38 6.09 -9.41 14.27
C GLN A 38 5.56 -8.37 15.26
N LYS A 39 6.42 -7.44 15.65
CA LYS A 39 6.04 -6.40 16.60
C LYS A 39 6.74 -5.08 16.26
N ILE A 40 5.95 -4.03 16.12
CA ILE A 40 6.50 -2.71 15.81
C ILE A 40 6.74 -1.89 17.08
N THR A 41 7.91 -2.09 17.68
CA THR A 41 8.26 -1.37 18.90
C THR A 41 9.41 -0.39 18.65
N ASP A 42 9.15 0.62 17.83
CA ASP A 42 10.16 1.62 17.52
C ASP A 42 9.51 2.90 16.98
N SER A 43 10.28 3.97 16.92
CA SER A 43 9.78 5.25 16.43
C SER A 43 9.75 5.28 14.91
N ARG A 44 8.74 4.62 14.34
CA ARG A 44 8.59 4.57 12.89
C ARG A 44 7.12 4.61 12.50
N TYR A 45 6.86 4.93 11.23
CA TYR A 45 5.49 5.02 10.73
C TYR A 45 5.42 4.55 9.28
N TYR A 46 4.29 3.95 8.93
CA TYR A 46 4.09 3.44 7.57
C TYR A 46 3.18 4.37 6.77
N THR A 47 3.59 4.66 5.54
CA THR A 47 2.82 5.54 4.67
C THR A 47 2.35 4.80 3.42
N VAL A 48 1.03 4.67 3.28
CA VAL A 48 0.46 3.98 2.13
C VAL A 48 -0.03 4.98 1.08
N ARG A 49 0.42 4.80 -0.15
CA ARG A 49 0.03 5.69 -1.24
C ARG A 49 -0.76 4.92 -2.31
N TRP A 50 -1.72 5.60 -2.93
CA TRP A 50 -2.55 4.99 -3.97
C TRP A 50 -2.92 6.02 -5.03
N LYS A 51 -3.19 5.52 -6.23
CA LYS A 51 -3.56 6.39 -7.35
C LYS A 51 -4.52 5.68 -8.30
N THR A 52 -4.87 6.34 -9.40
CA THR A 52 -5.77 5.77 -10.38
C THR A 52 -5.11 5.69 -11.75
N ASN A 53 -5.49 4.67 -12.52
CA ASN A 53 -4.93 4.48 -13.86
C ASN A 53 -5.52 5.48 -14.84
N ILE A 54 -6.83 5.72 -14.73
CA ILE A 54 -7.51 6.65 -15.61
C ILE A 54 -8.23 7.74 -14.82
N PRO A 55 -7.92 9.01 -15.12
CA PRO A 55 -6.95 9.35 -16.18
C PRO A 55 -5.52 9.00 -15.78
N ALA A 56 -4.61 9.09 -16.75
CA ALA A 56 -3.20 8.77 -16.50
C ALA A 56 -2.57 9.81 -15.59
N ASN A 57 -2.81 11.08 -15.88
CA ASN A 57 -2.27 12.17 -15.07
C ASN A 57 -3.13 12.43 -13.85
N THR A 58 -2.65 12.03 -12.68
CA THR A 58 -3.38 12.23 -11.44
C THR A 58 -2.43 12.32 -10.25
N LYS A 59 -2.66 13.30 -9.39
CA LYS A 59 -1.82 13.50 -8.21
C LYS A 59 -1.71 12.20 -7.41
N TYR A 60 -0.80 12.20 -6.44
CA TYR A 60 -0.59 11.03 -5.60
C TYR A 60 -1.17 11.25 -4.19
N LYS A 61 -1.68 10.19 -3.60
CA LYS A 61 -2.26 10.26 -2.27
C LYS A 61 -1.36 9.56 -1.24
N ASN A 62 -1.73 9.67 0.03
CA ASN A 62 -0.97 9.05 1.10
C ASN A 62 -1.83 8.81 2.32
N ALA A 63 -1.49 7.78 3.10
CA ALA A 63 -2.24 7.44 4.30
C ALA A 63 -1.31 7.18 5.48
N ASN A 64 -1.54 7.87 6.58
CA ASN A 64 -0.71 7.71 7.78
C ASN A 64 -1.31 6.66 8.71
N ALA A 65 -0.59 5.56 8.91
CA ALA A 65 -1.04 4.49 9.77
C ALA A 65 0.10 3.57 10.16
N THR A 66 0.41 3.51 11.46
CA THR A 66 1.49 2.66 11.95
C THR A 66 1.00 1.23 12.20
N THR A 67 1.22 0.36 11.23
CA THR A 67 0.80 -1.03 11.33
C THR A 67 1.26 -1.84 10.13
N LEU A 68 1.07 -3.16 10.19
CA LEU A 68 1.47 -4.05 9.11
C LEU A 68 0.29 -4.31 8.17
N SER A 69 -0.73 -3.46 8.25
CA SER A 69 -1.91 -3.60 7.40
C SER A 69 -2.73 -2.32 7.39
N TYR A 70 -3.18 -1.92 6.20
CA TYR A 70 -3.97 -0.71 6.06
C TYR A 70 -5.25 -0.98 5.26
N LEU A 71 -6.38 -0.64 5.86
CA LEU A 71 -7.68 -0.84 5.22
C LEU A 71 -8.15 0.42 4.51
N VAL A 72 -8.16 0.38 3.18
CA VAL A 72 -8.60 1.53 2.39
C VAL A 72 -10.06 1.41 2.01
N THR A 73 -10.73 2.55 1.86
CA THR A 73 -12.14 2.58 1.50
C THR A 73 -12.49 3.86 0.74
N GLY A 74 -13.35 3.72 -0.26
CA GLY A 74 -13.76 4.88 -1.04
C GLY A 74 -13.17 4.85 -2.45
N LEU A 75 -13.19 3.68 -3.07
CA LEU A 75 -12.66 3.53 -4.43
C LEU A 75 -13.78 3.22 -5.41
N LYS A 76 -13.51 3.46 -6.69
CA LYS A 76 -14.48 3.21 -7.74
C LYS A 76 -14.51 1.73 -8.12
N PRO A 77 -15.72 1.21 -8.40
CA PRO A 77 -15.89 -0.20 -8.79
C PRO A 77 -15.33 -0.51 -10.17
N ASN A 78 -15.01 -1.77 -10.41
CA ASN A 78 -14.45 -2.19 -11.68
C ASN A 78 -13.48 -1.15 -12.23
N THR A 79 -12.52 -0.75 -11.39
CA THR A 79 -11.53 0.24 -11.78
C THR A 79 -10.14 -0.16 -11.29
N LEU A 80 -9.13 0.17 -12.09
CA LEU A 80 -7.75 -0.16 -11.75
C LEU A 80 -7.28 0.67 -10.56
N TYR A 81 -6.73 0.00 -9.54
CA TYR A 81 -6.26 0.67 -8.35
C TYR A 81 -5.09 -0.09 -7.73
N GLU A 82 -4.02 0.64 -7.40
CA GLU A 82 -2.84 0.03 -6.81
C GLU A 82 -2.54 0.64 -5.44
N PHE A 83 -1.57 0.07 -4.74
CA PHE A 83 -1.19 0.55 -3.42
C PHE A 83 0.29 0.26 -3.13
N SER A 84 0.94 1.18 -2.43
CA SER A 84 2.35 1.03 -2.10
C SER A 84 2.60 1.39 -0.63
N VAL A 85 3.54 0.69 -0.01
CA VAL A 85 3.88 0.94 1.39
C VAL A 85 5.36 1.26 1.55
N MET A 86 5.65 2.21 2.44
CA MET A 86 7.03 2.62 2.67
C MET A 86 7.26 2.90 4.16
N VAL A 87 8.47 2.63 4.63
CA VAL A 87 8.81 2.86 6.03
C VAL A 87 9.77 4.05 6.18
N THR A 88 9.42 4.97 7.06
CA THR A 88 10.24 6.15 7.29
C THR A 88 10.33 6.47 8.78
N LYS A 89 11.55 6.72 9.25
CA LYS A 89 11.78 7.04 10.66
C LYS A 89 12.30 8.46 10.81
N GLY A 90 11.77 9.38 10.00
CA GLY A 90 12.19 10.76 10.07
C GLY A 90 13.13 11.13 8.94
N ARG A 91 14.42 10.86 9.12
CA ARG A 91 15.42 11.18 8.12
C ARG A 91 15.66 9.99 7.19
N ARG A 92 15.53 8.78 7.74
CA ARG A 92 15.73 7.57 6.96
C ARG A 92 14.40 7.03 6.44
N SER A 93 14.39 6.59 5.19
CA SER A 93 13.18 6.06 4.57
C SER A 93 13.53 4.97 3.56
N SER A 94 12.50 4.35 2.99
CA SER A 94 12.69 3.30 2.00
C SER A 94 11.81 3.54 0.77
N THR A 95 12.29 3.09 -0.39
CA THR A 95 11.55 3.25 -1.62
C THR A 95 10.15 2.64 -1.53
N TRP A 96 9.36 2.80 -2.58
CA TRP A 96 8.01 2.26 -2.61
C TRP A 96 8.01 0.82 -3.09
N SER A 97 7.83 -0.12 -2.17
CA SER A 97 7.82 -1.54 -2.51
C SER A 97 7.02 -1.78 -3.78
N MET A 98 7.18 -2.96 -4.37
CA MET A 98 6.48 -3.32 -5.59
C MET A 98 5.02 -2.93 -5.50
N THR A 99 4.63 -1.90 -6.27
CA THR A 99 3.26 -1.43 -6.28
C THR A 99 2.28 -2.58 -6.45
N ALA A 100 1.39 -2.76 -5.48
CA ALA A 100 0.40 -3.83 -5.54
C ALA A 100 -0.86 -3.37 -6.26
N HIS A 101 -1.26 -4.13 -7.29
CA HIS A 101 -2.44 -3.80 -8.07
C HIS A 101 -3.64 -4.62 -7.60
N GLY A 102 -4.81 -3.99 -7.57
CA GLY A 102 -6.01 -4.68 -7.16
C GLY A 102 -7.27 -4.10 -7.78
N THR A 103 -8.01 -4.94 -8.50
CA THR A 103 -9.24 -4.51 -9.16
C THR A 103 -10.46 -4.79 -8.29
N THR A 104 -11.20 -3.74 -7.97
CA THR A 104 -12.40 -3.87 -7.15
C THR A 104 -13.54 -4.52 -7.93
N PHE A 105 -14.44 -5.18 -7.21
CA PHE A 105 -15.58 -5.84 -7.84
C PHE A 105 -16.58 -4.82 -8.37
N GLU A 106 -17.53 -5.29 -9.18
CA GLU A 106 -18.55 -4.42 -9.75
C GLU A 106 -19.59 -4.04 -8.70
N LEU A 107 -20.12 -2.83 -8.82
CA LEU A 107 -21.13 -2.35 -7.88
C LEU A 107 -22.52 -2.84 -8.26
N SER A 108 -22.85 -4.06 -7.84
CA SER A 108 -24.15 -4.65 -8.14
C SER A 108 -24.61 -4.25 -9.53
N GLY A 109 -23.67 -4.18 -10.47
CA GLY A 109 -24.00 -3.81 -11.84
C GLY A 109 -23.54 -2.40 -12.19
N PRO A 110 -23.23 -2.18 -13.47
CA PRO A 110 -22.76 -0.88 -13.96
C PRO A 110 -23.86 0.18 -13.94
N SER A 111 -23.52 1.35 -13.41
CA SER A 111 -24.49 2.45 -13.32
C SER A 111 -24.54 3.23 -14.63
N SER A 112 -25.67 3.14 -15.32
CA SER A 112 -25.84 3.84 -16.59
C SER A 112 -26.71 5.09 -16.41
N GLY A 113 -27.85 4.92 -15.76
CA GLY A 113 -28.75 6.04 -15.54
C GLY A 113 -29.63 6.33 -16.74
N GLY A 1 13.45 -8.47 -11.69
CA GLY A 1 13.89 -8.35 -10.31
C GLY A 1 15.37 -8.12 -10.20
N SER A 2 15.80 -7.52 -9.09
CA SER A 2 17.21 -7.23 -8.86
C SER A 2 17.52 -7.15 -7.37
N SER A 3 18.59 -7.82 -6.97
CA SER A 3 18.99 -7.83 -5.57
C SER A 3 18.91 -6.43 -4.96
N GLY A 4 18.62 -6.36 -3.67
CA GLY A 4 18.53 -5.07 -2.99
C GLY A 4 19.86 -4.37 -2.90
N SER A 5 19.81 -3.04 -2.77
CA SER A 5 21.03 -2.25 -2.68
C SER A 5 21.26 -1.77 -1.25
N SER A 6 22.51 -1.80 -0.81
CA SER A 6 22.87 -1.38 0.54
C SER A 6 22.94 0.15 0.63
N GLY A 7 22.12 0.72 1.50
CA GLY A 7 22.11 2.17 1.67
C GLY A 7 20.85 2.65 2.36
N PRO A 8 19.79 2.88 1.57
CA PRO A 8 18.50 3.36 2.09
C PRO A 8 17.79 2.31 2.92
N MET A 9 16.78 2.73 3.66
CA MET A 9 16.00 1.82 4.50
C MET A 9 15.37 0.72 3.67
N MET A 10 15.16 -0.45 4.27
CA MET A 10 14.55 -1.58 3.58
C MET A 10 13.04 -1.54 3.69
N PRO A 11 12.36 -1.41 2.54
CA PRO A 11 10.89 -1.36 2.49
C PRO A 11 10.25 -2.69 2.83
N PRO A 12 8.92 -2.68 3.03
CA PRO A 12 8.16 -3.89 3.36
C PRO A 12 8.08 -4.87 2.20
N VAL A 13 7.47 -6.03 2.44
CA VAL A 13 7.33 -7.04 1.41
C VAL A 13 6.02 -7.80 1.56
N GLY A 14 5.69 -8.62 0.56
CA GLY A 14 4.46 -9.39 0.62
C GLY A 14 3.23 -8.52 0.44
N VAL A 15 3.41 -7.37 -0.20
CA VAL A 15 2.29 -6.45 -0.43
C VAL A 15 1.20 -7.11 -1.26
N GLN A 16 0.04 -7.31 -0.64
CA GLN A 16 -1.09 -7.93 -1.32
C GLN A 16 -2.31 -7.00 -1.32
N ALA A 17 -3.33 -7.38 -2.05
CA ALA A 17 -4.56 -6.59 -2.13
C ALA A 17 -5.79 -7.48 -2.16
N SER A 18 -6.52 -7.51 -1.05
CA SER A 18 -7.72 -8.34 -0.95
C SER A 18 -8.97 -7.53 -1.34
N ILE A 19 -9.66 -8.01 -2.36
CA ILE A 19 -10.87 -7.34 -2.84
C ILE A 19 -12.10 -7.82 -2.08
N LEU A 20 -12.42 -7.15 -0.98
CA LEU A 20 -13.57 -7.50 -0.17
C LEU A 20 -14.86 -6.92 -0.76
N SER A 21 -14.77 -5.68 -1.25
CA SER A 21 -15.93 -5.01 -1.83
C SER A 21 -15.49 -4.01 -2.90
N HIS A 22 -16.46 -3.46 -3.62
CA HIS A 22 -16.17 -2.47 -4.66
C HIS A 22 -15.48 -1.24 -4.07
N ASP A 23 -15.74 -0.97 -2.81
CA ASP A 23 -15.14 0.18 -2.13
C ASP A 23 -14.40 -0.27 -0.87
N THR A 24 -13.93 -1.51 -0.87
CA THR A 24 -13.21 -2.05 0.27
C THR A 24 -12.04 -2.92 -0.18
N ILE A 25 -10.86 -2.65 0.36
CA ILE A 25 -9.67 -3.41 0.01
C ILE A 25 -8.74 -3.55 1.21
N ARG A 26 -8.21 -4.76 1.41
CA ARG A 26 -7.30 -5.01 2.52
C ARG A 26 -5.86 -5.10 2.03
N ILE A 27 -4.96 -4.38 2.71
CA ILE A 27 -3.55 -4.39 2.34
C ILE A 27 -2.69 -4.87 3.49
N THR A 28 -2.18 -6.10 3.37
CA THR A 28 -1.34 -6.68 4.41
C THR A 28 0.08 -6.91 3.89
N TRP A 29 1.06 -6.46 4.65
CA TRP A 29 2.46 -6.62 4.28
C TRP A 29 3.29 -7.15 5.45
N ALA A 30 4.58 -7.36 5.21
CA ALA A 30 5.48 -7.85 6.24
C ALA A 30 6.76 -7.04 6.29
N ASP A 31 7.24 -6.76 7.50
CA ASP A 31 8.47 -6.00 7.68
C ASP A 31 9.54 -6.84 8.36
N ASN A 32 10.36 -7.51 7.57
CA ASN A 32 11.42 -8.35 8.08
C ASN A 32 12.23 -7.60 9.14
N SER A 33 12.44 -6.32 8.91
CA SER A 33 13.20 -5.49 9.85
C SER A 33 12.86 -5.84 11.29
N LEU A 34 11.56 -6.01 11.55
CA LEU A 34 11.10 -6.35 12.89
C LEU A 34 11.83 -7.57 13.45
N PRO A 35 11.91 -7.67 14.77
CA PRO A 35 12.57 -8.79 15.45
C PRO A 35 11.81 -10.11 15.29
N LYS A 36 12.29 -11.14 15.97
CA LYS A 36 11.66 -12.45 15.91
C LYS A 36 10.14 -12.32 15.79
N HIS A 37 9.56 -11.53 16.69
CA HIS A 37 8.12 -11.31 16.68
C HIS A 37 7.75 -10.03 15.94
N GLN A 38 6.45 -9.81 15.75
CA GLN A 38 5.98 -8.61 15.05
C GLN A 38 5.43 -7.59 16.03
N LYS A 39 6.34 -6.87 16.70
CA LYS A 39 5.95 -5.86 17.67
C LYS A 39 6.56 -4.50 17.30
N ILE A 40 5.80 -3.70 16.56
CA ILE A 40 6.26 -2.38 16.14
C ILE A 40 6.44 -1.46 17.35
N THR A 41 7.62 -1.54 17.96
CA THR A 41 7.92 -0.71 19.12
C THR A 41 9.09 0.24 18.83
N ASP A 42 8.82 1.26 18.03
CA ASP A 42 9.85 2.24 17.68
C ASP A 42 9.21 3.48 17.05
N SER A 43 10.05 4.44 16.69
CA SER A 43 9.58 5.69 16.08
C SER A 43 9.58 5.58 14.56
N ARG A 44 8.66 4.78 14.03
CA ARG A 44 8.55 4.59 12.58
C ARG A 44 7.09 4.57 12.15
N TYR A 45 6.76 5.37 11.15
CA TYR A 45 5.41 5.45 10.64
C TYR A 45 5.32 4.90 9.22
N TYR A 46 4.22 4.22 8.92
CA TYR A 46 4.02 3.63 7.60
C TYR A 46 3.13 4.52 6.74
N THR A 47 3.60 4.83 5.53
CA THR A 47 2.85 5.68 4.61
C THR A 47 2.37 4.88 3.40
N VAL A 48 1.05 4.74 3.28
CA VAL A 48 0.45 4.00 2.18
C VAL A 48 -0.09 4.95 1.11
N ARG A 49 0.36 4.77 -0.13
CA ARG A 49 -0.09 5.62 -1.22
C ARG A 49 -0.95 4.82 -2.21
N TRP A 50 -1.91 5.49 -2.83
CA TRP A 50 -2.79 4.85 -3.79
C TRP A 50 -3.33 5.86 -4.80
N LYS A 51 -3.51 5.40 -6.04
CA LYS A 51 -4.01 6.28 -7.10
C LYS A 51 -4.80 5.47 -8.12
N THR A 52 -5.40 6.16 -9.09
CA THR A 52 -6.18 5.52 -10.13
C THR A 52 -5.34 5.30 -11.39
N ASN A 53 -5.16 4.04 -11.77
CA ASN A 53 -4.37 3.70 -12.95
C ASN A 53 -4.64 4.69 -14.08
N ILE A 54 -5.91 5.08 -14.22
CA ILE A 54 -6.31 6.03 -15.27
C ILE A 54 -6.86 7.30 -14.66
N PRO A 55 -6.45 8.45 -15.22
CA PRO A 55 -5.50 8.49 -16.34
C PRO A 55 -4.10 8.07 -15.93
N ALA A 56 -3.38 7.45 -16.85
CA ALA A 56 -2.02 7.00 -16.59
C ALA A 56 -1.28 7.98 -15.68
N ASN A 57 -1.40 9.26 -15.99
CA ASN A 57 -0.74 10.30 -15.20
C ASN A 57 -1.74 11.00 -14.27
N THR A 58 -1.71 10.63 -12.99
CA THR A 58 -2.60 11.22 -12.01
C THR A 58 -1.89 11.49 -10.70
N LYS A 59 -2.48 12.35 -9.86
CA LYS A 59 -1.89 12.70 -8.58
C LYS A 59 -1.89 11.50 -7.64
N TYR A 60 -0.88 11.43 -6.77
CA TYR A 60 -0.77 10.34 -5.82
C TYR A 60 -1.20 10.78 -4.43
N LYS A 61 -2.04 9.97 -3.79
CA LYS A 61 -2.52 10.28 -2.45
C LYS A 61 -1.77 9.47 -1.40
N ASN A 62 -1.60 10.06 -0.21
CA ASN A 62 -0.90 9.39 0.87
C ASN A 62 -1.64 9.58 2.19
N ALA A 63 -1.59 8.56 3.05
CA ALA A 63 -2.25 8.61 4.34
C ALA A 63 -1.29 8.24 5.46
N ASN A 64 -1.80 8.26 6.70
CA ASN A 64 -0.98 7.93 7.86
C ASN A 64 -1.58 6.75 8.62
N ALA A 65 -0.77 5.72 8.83
CA ALA A 65 -1.22 4.52 9.53
C ALA A 65 -0.03 3.70 10.02
N THR A 66 0.11 3.58 11.34
CA THR A 66 1.20 2.81 11.92
C THR A 66 0.77 1.38 12.23
N THR A 67 1.07 0.46 11.32
CA THR A 67 0.71 -0.95 11.49
C THR A 67 1.28 -1.80 10.37
N LEU A 68 0.96 -3.09 10.40
CA LEU A 68 1.43 -4.02 9.38
C LEU A 68 0.35 -4.29 8.35
N SER A 69 -0.69 -3.46 8.35
CA SER A 69 -1.80 -3.60 7.41
C SER A 69 -2.40 -2.24 7.06
N TYR A 70 -3.48 -2.26 6.29
CA TYR A 70 -4.14 -1.03 5.88
C TYR A 70 -5.44 -1.33 5.12
N LEU A 71 -6.53 -0.72 5.57
CA LEU A 71 -7.83 -0.93 4.94
C LEU A 71 -8.33 0.35 4.29
N VAL A 72 -8.40 0.34 2.96
CA VAL A 72 -8.86 1.50 2.21
C VAL A 72 -10.35 1.41 1.90
N THR A 73 -11.04 2.54 2.01
CA THR A 73 -12.47 2.58 1.75
C THR A 73 -12.84 3.81 0.92
N GLY A 74 -13.90 3.68 0.13
CA GLY A 74 -14.35 4.79 -0.69
C GLY A 74 -13.64 4.83 -2.04
N LEU A 75 -13.71 3.72 -2.77
CA LEU A 75 -13.07 3.62 -4.08
C LEU A 75 -14.11 3.37 -5.17
N LYS A 76 -13.73 3.66 -6.41
CA LYS A 76 -14.63 3.45 -7.55
C LYS A 76 -14.66 1.99 -7.96
N PRO A 77 -15.85 1.49 -8.30
CA PRO A 77 -16.04 0.10 -8.72
C PRO A 77 -15.44 -0.17 -10.09
N ASN A 78 -15.11 -1.44 -10.36
CA ASN A 78 -14.53 -1.82 -11.64
C ASN A 78 -13.45 -0.84 -12.07
N THR A 79 -12.56 -0.52 -11.14
CA THR A 79 -11.47 0.42 -11.42
C THR A 79 -10.17 -0.03 -10.77
N LEU A 80 -9.14 -0.24 -11.57
CA LEU A 80 -7.85 -0.68 -11.07
C LEU A 80 -7.17 0.43 -10.26
N TYR A 81 -6.73 0.09 -9.06
CA TYR A 81 -6.08 1.05 -8.19
C TYR A 81 -4.68 0.57 -7.80
N GLU A 82 -3.87 1.50 -7.30
CA GLU A 82 -2.50 1.18 -6.90
C GLU A 82 -2.34 1.27 -5.38
N PHE A 83 -1.43 0.47 -4.84
CA PHE A 83 -1.19 0.46 -3.40
C PHE A 83 0.27 0.14 -3.10
N SER A 84 0.89 0.97 -2.25
CA SER A 84 2.28 0.78 -1.89
C SER A 84 2.53 1.22 -0.44
N VAL A 85 3.40 0.50 0.25
CA VAL A 85 3.73 0.81 1.63
C VAL A 85 5.21 1.17 1.78
N MET A 86 5.50 2.16 2.62
CA MET A 86 6.87 2.58 2.85
C MET A 86 7.10 2.89 4.33
N VAL A 87 8.37 2.94 4.72
CA VAL A 87 8.73 3.22 6.11
C VAL A 87 9.77 4.32 6.20
N THR A 88 9.60 5.21 7.18
CA THR A 88 10.53 6.32 7.37
C THR A 88 10.86 6.51 8.85
N LYS A 89 12.13 6.81 9.12
CA LYS A 89 12.57 7.02 10.49
C LYS A 89 13.17 8.42 10.67
N GLY A 90 12.44 9.43 10.20
CA GLY A 90 12.91 10.79 10.32
C GLY A 90 13.70 11.24 9.10
N ARG A 91 15.02 11.10 9.16
CA ARG A 91 15.88 11.49 8.05
C ARG A 91 16.02 10.36 7.03
N ARG A 92 16.07 9.13 7.54
CA ARG A 92 16.21 7.96 6.67
C ARG A 92 14.84 7.46 6.23
N SER A 93 14.80 6.87 5.04
CA SER A 93 13.55 6.35 4.49
C SER A 93 13.82 5.35 3.36
N SER A 94 12.80 4.59 3.00
CA SER A 94 12.92 3.59 1.94
C SER A 94 12.01 3.94 0.76
N THR A 95 12.23 3.26 -0.36
CA THR A 95 11.44 3.49 -1.56
C THR A 95 10.06 2.83 -1.43
N TRP A 96 9.29 2.90 -2.51
CA TRP A 96 7.95 2.31 -2.52
C TRP A 96 8.01 0.82 -2.90
N SER A 97 7.64 -0.03 -1.96
CA SER A 97 7.66 -1.47 -2.20
C SER A 97 6.81 -1.84 -3.43
N MET A 98 6.93 -3.08 -3.87
CA MET A 98 6.19 -3.55 -5.03
C MET A 98 4.74 -3.05 -4.98
N THR A 99 4.33 -2.34 -6.03
CA THR A 99 2.98 -1.82 -6.10
C THR A 99 1.97 -2.92 -6.36
N ALA A 100 1.03 -3.10 -5.43
CA ALA A 100 0.01 -4.13 -5.56
C ALA A 100 -1.18 -3.61 -6.36
N HIS A 101 -1.41 -4.18 -7.54
CA HIS A 101 -2.52 -3.77 -8.40
C HIS A 101 -3.75 -4.61 -8.10
N GLY A 102 -4.81 -3.94 -7.64
CA GLY A 102 -6.05 -4.64 -7.33
C GLY A 102 -7.25 -4.00 -7.98
N THR A 103 -8.05 -4.81 -8.67
CA THR A 103 -9.24 -4.31 -9.34
C THR A 103 -10.49 -4.58 -8.52
N THR A 104 -11.21 -3.52 -8.16
CA THR A 104 -12.42 -3.64 -7.37
C THR A 104 -13.53 -4.34 -8.16
N PHE A 105 -14.52 -4.86 -7.46
CA PHE A 105 -15.64 -5.55 -8.10
C PHE A 105 -16.62 -4.55 -8.69
N GLU A 106 -17.61 -5.07 -9.42
CA GLU A 106 -18.62 -4.22 -10.04
C GLU A 106 -19.72 -3.87 -9.05
N LEU A 107 -19.98 -2.58 -8.90
CA LEU A 107 -21.01 -2.10 -7.97
C LEU A 107 -22.36 -1.97 -8.69
N SER A 108 -22.36 -1.24 -9.81
CA SER A 108 -23.57 -1.04 -10.58
C SER A 108 -23.75 -2.13 -11.63
N GLY A 109 -24.56 -3.13 -11.30
CA GLY A 109 -24.80 -4.22 -12.21
C GLY A 109 -24.43 -5.57 -11.62
N PRO A 110 -25.00 -6.64 -12.19
CA PRO A 110 -24.74 -8.01 -11.72
C PRO A 110 -23.34 -8.47 -12.03
N SER A 111 -22.84 -9.43 -11.26
CA SER A 111 -21.49 -9.96 -11.45
C SER A 111 -21.43 -11.44 -11.07
N SER A 112 -20.39 -12.12 -11.52
CA SER A 112 -20.21 -13.54 -11.23
C SER A 112 -19.99 -13.76 -9.74
N GLY A 113 -21.00 -14.33 -9.07
CA GLY A 113 -20.89 -14.58 -7.66
C GLY A 113 -20.10 -15.83 -7.34
N GLY A 1 22.09 -5.84 -13.73
CA GLY A 1 22.64 -5.59 -12.42
C GLY A 1 23.10 -4.15 -12.24
N SER A 2 23.13 -3.70 -10.99
CA SER A 2 23.54 -2.33 -10.69
C SER A 2 24.15 -2.24 -9.29
N SER A 3 25.13 -1.36 -9.14
CA SER A 3 25.80 -1.18 -7.85
C SER A 3 26.04 0.29 -7.57
N GLY A 4 26.29 0.62 -6.31
CA GLY A 4 26.53 2.01 -5.93
C GLY A 4 26.67 2.17 -4.43
N SER A 5 26.98 3.39 -4.00
CA SER A 5 27.15 3.68 -2.58
C SER A 5 25.86 4.22 -1.98
N SER A 6 24.94 3.31 -1.66
CA SER A 6 23.65 3.69 -1.09
C SER A 6 22.84 2.45 -0.71
N GLY A 7 21.90 2.63 0.20
CA GLY A 7 21.06 1.53 0.64
C GLY A 7 20.39 1.79 1.97
N PRO A 8 19.47 2.76 1.99
CA PRO A 8 18.74 3.13 3.21
C PRO A 8 17.75 2.05 3.64
N MET A 9 16.93 2.37 4.64
CA MET A 9 15.94 1.43 5.15
C MET A 9 15.24 0.71 4.00
N MET A 10 15.10 -0.61 4.13
CA MET A 10 14.45 -1.41 3.10
C MET A 10 12.94 -1.42 3.30
N PRO A 11 12.20 -1.37 2.18
CA PRO A 11 10.73 -1.38 2.21
C PRO A 11 10.15 -2.72 2.65
N PRO A 12 8.84 -2.74 2.91
CA PRO A 12 8.13 -3.95 3.34
C PRO A 12 8.05 -5.00 2.24
N VAL A 13 7.47 -6.15 2.57
CA VAL A 13 7.33 -7.23 1.61
C VAL A 13 5.97 -7.92 1.76
N GLY A 14 5.74 -8.95 0.95
CA GLY A 14 4.49 -9.68 1.00
C GLY A 14 3.28 -8.77 0.80
N VAL A 15 3.46 -7.73 0.00
CA VAL A 15 2.39 -6.79 -0.28
C VAL A 15 1.31 -7.42 -1.15
N GLN A 16 0.13 -7.63 -0.58
CA GLN A 16 -0.98 -8.23 -1.31
C GLN A 16 -2.28 -7.46 -1.06
N ALA A 17 -3.22 -7.58 -1.98
CA ALA A 17 -4.50 -6.90 -1.86
C ALA A 17 -5.65 -7.91 -1.81
N SER A 18 -6.46 -7.81 -0.76
CA SER A 18 -7.60 -8.71 -0.59
C SER A 18 -8.92 -7.98 -0.87
N ILE A 19 -9.42 -8.13 -2.10
CA ILE A 19 -10.66 -7.50 -2.50
C ILE A 19 -11.83 -7.99 -1.66
N LEU A 20 -12.50 -7.08 -0.97
CA LEU A 20 -13.63 -7.43 -0.14
C LEU A 20 -14.94 -6.91 -0.73
N SER A 21 -14.87 -5.72 -1.34
CA SER A 21 -16.04 -5.11 -1.96
C SER A 21 -15.63 -4.06 -2.97
N HIS A 22 -16.62 -3.38 -3.55
CA HIS A 22 -16.37 -2.34 -4.53
C HIS A 22 -15.51 -1.22 -3.95
N ASP A 23 -15.76 -0.90 -2.68
CA ASP A 23 -15.01 0.15 -2.00
C ASP A 23 -14.35 -0.38 -0.73
N THR A 24 -13.91 -1.64 -0.79
CA THR A 24 -13.26 -2.26 0.36
C THR A 24 -12.11 -3.16 -0.07
N ILE A 25 -10.90 -2.85 0.42
CA ILE A 25 -9.72 -3.62 0.07
C ILE A 25 -8.76 -3.69 1.25
N ARG A 26 -8.22 -4.88 1.50
CA ARG A 26 -7.29 -5.09 2.60
C ARG A 26 -5.84 -5.13 2.08
N ILE A 27 -4.99 -4.30 2.68
CA ILE A 27 -3.60 -4.24 2.29
C ILE A 27 -2.67 -4.67 3.42
N THR A 28 -2.24 -5.92 3.39
CA THR A 28 -1.36 -6.46 4.42
C THR A 28 0.06 -6.64 3.90
N TRP A 29 1.04 -6.33 4.74
CA TRP A 29 2.45 -6.45 4.35
C TRP A 29 3.29 -6.89 5.54
N ALA A 30 4.57 -7.16 5.29
CA ALA A 30 5.49 -7.58 6.34
C ALA A 30 6.74 -6.71 6.35
N ASP A 31 7.23 -6.39 7.54
CA ASP A 31 8.43 -5.57 7.68
C ASP A 31 9.59 -6.40 8.22
N ASN A 32 10.32 -7.04 7.31
CA ASN A 32 11.45 -7.87 7.69
C ASN A 32 12.37 -7.13 8.67
N SER A 33 12.45 -5.81 8.51
CA SER A 33 13.28 -4.98 9.38
C SER A 33 13.09 -5.37 10.84
N LEU A 34 11.82 -5.49 11.25
CA LEU A 34 11.50 -5.84 12.63
C LEU A 34 12.49 -6.86 13.17
N PRO A 35 12.67 -6.86 14.50
CA PRO A 35 13.59 -7.79 15.18
C PRO A 35 13.10 -9.24 15.14
N LYS A 36 13.82 -10.12 15.82
CA LYS A 36 13.46 -11.53 15.86
C LYS A 36 11.96 -11.70 16.11
N HIS A 37 11.36 -10.71 16.76
CA HIS A 37 9.93 -10.74 17.07
C HIS A 37 9.21 -9.54 16.47
N GLN A 38 8.32 -9.80 15.53
CA GLN A 38 7.56 -8.74 14.87
C GLN A 38 6.74 -7.96 15.88
N LYS A 39 7.30 -6.88 16.39
CA LYS A 39 6.61 -6.04 17.37
C LYS A 39 6.92 -4.56 17.14
N ILE A 40 5.95 -3.84 16.59
CA ILE A 40 6.12 -2.41 16.32
C ILE A 40 6.15 -1.61 17.61
N THR A 41 7.30 -1.00 17.90
CA THR A 41 7.46 -0.20 19.11
C THR A 41 6.95 1.22 18.90
N ASP A 42 5.91 1.36 18.09
CA ASP A 42 5.33 2.67 17.81
C ASP A 42 6.41 3.75 17.77
N SER A 43 7.42 3.53 16.95
CA SER A 43 8.52 4.47 16.83
C SER A 43 8.75 4.86 15.37
N ARG A 44 7.77 4.54 14.52
CA ARG A 44 7.87 4.86 13.10
C ARG A 44 6.49 5.15 12.52
N TYR A 45 6.46 5.61 11.27
CA TYR A 45 5.21 5.93 10.60
C TYR A 45 5.23 5.46 9.15
N TYR A 46 4.24 4.67 8.78
CA TYR A 46 4.13 4.15 7.42
C TYR A 46 3.30 5.07 6.54
N THR A 47 3.59 5.06 5.24
CA THR A 47 2.86 5.90 4.29
C THR A 47 2.41 5.10 3.08
N VAL A 48 1.11 4.85 2.99
CA VAL A 48 0.55 4.09 1.88
C VAL A 48 -0.05 5.02 0.83
N ARG A 49 0.44 4.91 -0.40
CA ARG A 49 -0.04 5.74 -1.50
C ARG A 49 -0.91 4.92 -2.46
N TRP A 50 -1.81 5.60 -3.16
CA TRP A 50 -2.70 4.94 -4.11
C TRP A 50 -3.22 5.93 -5.14
N LYS A 51 -3.57 5.42 -6.31
CA LYS A 51 -4.09 6.26 -7.39
C LYS A 51 -4.83 5.41 -8.43
N THR A 52 -5.69 6.06 -9.21
CA THR A 52 -6.46 5.38 -10.24
C THR A 52 -5.91 5.68 -11.63
N ASN A 53 -6.14 4.76 -12.56
CA ASN A 53 -5.66 4.94 -13.93
C ASN A 53 -6.64 5.77 -14.74
N ILE A 54 -7.69 6.25 -14.08
CA ILE A 54 -8.70 7.08 -14.74
C ILE A 54 -8.98 8.35 -13.94
N PRO A 55 -8.76 9.50 -14.58
CA PRO A 55 -8.27 9.57 -15.96
C PRO A 55 -6.83 9.11 -16.08
N ALA A 56 -6.20 9.43 -17.22
CA ALA A 56 -4.82 9.05 -17.46
C ALA A 56 -3.85 10.06 -16.85
N ASN A 57 -4.23 10.60 -15.69
CA ASN A 57 -3.40 11.58 -15.00
C ASN A 57 -4.00 11.93 -13.64
N THR A 58 -3.34 11.49 -12.57
CA THR A 58 -3.81 11.76 -11.23
C THR A 58 -2.64 11.85 -10.25
N LYS A 59 -2.78 12.69 -9.23
CA LYS A 59 -1.75 12.86 -8.23
C LYS A 59 -1.60 11.62 -7.37
N TYR A 60 -0.52 11.56 -6.60
CA TYR A 60 -0.26 10.41 -5.74
C TYR A 60 -0.78 10.67 -4.32
N LYS A 61 -1.71 9.83 -3.88
CA LYS A 61 -2.29 9.96 -2.55
C LYS A 61 -1.40 9.31 -1.50
N ASN A 62 -1.75 9.49 -0.23
CA ASN A 62 -0.98 8.92 0.87
C ASN A 62 -1.84 8.76 2.12
N ALA A 63 -1.53 7.76 2.93
CA ALA A 63 -2.27 7.51 4.16
C ALA A 63 -1.33 7.34 5.34
N ASN A 64 -1.73 7.89 6.48
CA ASN A 64 -0.92 7.81 7.70
C ASN A 64 -1.48 6.77 8.66
N ALA A 65 -0.71 5.71 8.88
CA ALA A 65 -1.14 4.64 9.79
C ALA A 65 0.05 3.78 10.21
N THR A 66 0.20 3.60 11.52
CA THR A 66 1.29 2.80 12.07
C THR A 66 0.86 1.37 12.32
N THR A 67 1.13 0.49 11.36
CA THR A 67 0.77 -0.92 11.48
C THR A 67 1.29 -1.72 10.29
N LEU A 68 1.14 -3.04 10.38
CA LEU A 68 1.59 -3.93 9.31
C LEU A 68 0.45 -4.24 8.34
N SER A 69 -0.54 -3.36 8.29
CA SER A 69 -1.69 -3.54 7.42
C SER A 69 -2.46 -2.23 7.26
N TYR A 70 -3.44 -2.24 6.35
CA TYR A 70 -4.25 -1.06 6.11
C TYR A 70 -5.47 -1.41 5.27
N LEU A 71 -6.64 -0.97 5.71
CA LEU A 71 -7.89 -1.24 5.01
C LEU A 71 -8.36 0.00 4.24
N VAL A 72 -7.94 0.11 2.99
CA VAL A 72 -8.30 1.24 2.15
C VAL A 72 -9.77 1.15 1.73
N THR A 73 -10.50 2.25 1.94
CA THR A 73 -11.91 2.30 1.58
C THR A 73 -12.26 3.60 0.87
N GLY A 74 -13.38 3.60 0.15
CA GLY A 74 -13.80 4.80 -0.56
C GLY A 74 -13.28 4.83 -1.98
N LEU A 75 -13.25 3.67 -2.64
CA LEU A 75 -12.77 3.57 -4.00
C LEU A 75 -13.91 3.28 -4.96
N LYS A 76 -13.74 3.65 -6.23
CA LYS A 76 -14.75 3.43 -7.24
C LYS A 76 -14.82 1.95 -7.63
N PRO A 77 -16.02 1.49 -8.03
CA PRO A 77 -16.23 0.10 -8.43
C PRO A 77 -15.55 -0.23 -9.76
N ASN A 78 -15.08 -1.47 -9.88
CA ASN A 78 -14.40 -1.91 -11.08
C ASN A 78 -13.48 -0.83 -11.63
N THR A 79 -12.65 -0.26 -10.75
CA THR A 79 -11.72 0.78 -11.14
C THR A 79 -10.30 0.43 -10.76
N LEU A 80 -9.36 0.65 -11.68
CA LEU A 80 -7.96 0.35 -11.44
C LEU A 80 -7.39 1.26 -10.36
N TYR A 81 -6.71 0.67 -9.38
CA TYR A 81 -6.11 1.43 -8.30
C TYR A 81 -4.74 0.85 -7.92
N GLU A 82 -3.87 1.71 -7.40
CA GLU A 82 -2.54 1.29 -6.99
C GLU A 82 -2.42 1.28 -5.47
N PHE A 83 -1.44 0.51 -4.96
CA PHE A 83 -1.22 0.42 -3.53
C PHE A 83 0.25 0.15 -3.22
N SER A 84 0.81 0.92 -2.30
CA SER A 84 2.21 0.77 -1.93
C SER A 84 2.39 1.01 -0.43
N VAL A 85 3.54 0.58 0.10
CA VAL A 85 3.84 0.75 1.51
C VAL A 85 5.33 1.03 1.73
N MET A 86 5.62 2.09 2.49
CA MET A 86 7.00 2.46 2.77
C MET A 86 7.16 2.85 4.24
N VAL A 87 8.37 2.65 4.77
CA VAL A 87 8.66 2.97 6.16
C VAL A 87 9.69 4.11 6.26
N THR A 88 9.49 4.98 7.24
CA THR A 88 10.40 6.11 7.43
C THR A 88 10.70 6.32 8.92
N LYS A 89 11.97 6.47 9.24
CA LYS A 89 12.40 6.68 10.62
C LYS A 89 13.88 7.03 10.70
N GLY A 90 14.26 7.76 11.74
CA GLY A 90 15.66 8.14 11.90
C GLY A 90 16.16 8.98 10.75
N ARG A 91 15.47 10.07 10.45
CA ARG A 91 15.85 10.96 9.36
C ARG A 91 16.16 10.16 8.10
N ARG A 92 15.53 9.00 7.97
CA ARG A 92 15.73 8.15 6.80
C ARG A 92 14.40 7.63 6.27
N SER A 93 14.43 7.04 5.08
CA SER A 93 13.23 6.51 4.45
C SER A 93 13.57 5.35 3.51
N SER A 94 12.55 4.58 3.14
CA SER A 94 12.74 3.44 2.25
C SER A 94 11.93 3.61 0.96
N THR A 95 12.44 3.06 -0.13
CA THR A 95 11.77 3.15 -1.42
C THR A 95 10.37 2.57 -1.35
N TRP A 96 9.63 2.69 -2.45
CA TRP A 96 8.27 2.16 -2.51
C TRP A 96 8.26 0.68 -2.80
N SER A 97 7.51 -0.08 -2.00
CA SER A 97 7.43 -1.52 -2.17
C SER A 97 6.68 -1.88 -3.46
N MET A 98 6.72 -3.16 -3.82
CA MET A 98 6.04 -3.63 -5.03
C MET A 98 4.63 -3.06 -5.12
N THR A 99 4.33 -2.42 -6.25
CA THR A 99 3.02 -1.84 -6.46
C THR A 99 1.98 -2.90 -6.79
N ALA A 100 1.12 -3.20 -5.81
CA ALA A 100 0.07 -4.20 -6.00
C ALA A 100 -1.18 -3.58 -6.61
N HIS A 101 -1.56 -4.08 -7.78
CA HIS A 101 -2.74 -3.58 -8.47
C HIS A 101 -3.98 -4.38 -8.08
N GLY A 102 -5.02 -3.68 -7.62
CA GLY A 102 -6.25 -4.35 -7.23
C GLY A 102 -7.47 -3.71 -7.85
N THR A 103 -8.18 -4.48 -8.67
CA THR A 103 -9.37 -4.00 -9.34
C THR A 103 -10.63 -4.38 -8.55
N THR A 104 -11.22 -3.40 -7.87
CA THR A 104 -12.42 -3.64 -7.09
C THR A 104 -13.52 -4.29 -7.94
N PHE A 105 -14.55 -4.78 -7.27
CA PHE A 105 -15.66 -5.42 -7.96
C PHE A 105 -16.68 -4.39 -8.45
N GLU A 106 -17.55 -4.82 -9.36
CA GLU A 106 -18.57 -3.93 -9.91
C GLU A 106 -19.67 -3.65 -8.88
N LEU A 107 -20.21 -2.44 -8.92
CA LEU A 107 -21.27 -2.05 -7.99
C LEU A 107 -22.63 -2.43 -8.53
N SER A 108 -23.00 -1.83 -9.66
CA SER A 108 -24.30 -2.10 -10.28
C SER A 108 -24.14 -2.31 -11.78
N GLY A 109 -24.92 -3.24 -12.33
CA GLY A 109 -24.86 -3.51 -13.75
C GLY A 109 -25.72 -4.71 -14.15
N PRO A 110 -25.50 -5.21 -15.38
CA PRO A 110 -26.26 -6.35 -15.90
C PRO A 110 -25.89 -7.65 -15.20
N SER A 111 -26.68 -8.70 -15.44
CA SER A 111 -26.44 -9.99 -14.84
C SER A 111 -26.80 -11.12 -15.81
N SER A 112 -26.26 -12.31 -15.53
CA SER A 112 -26.52 -13.47 -16.38
C SER A 112 -27.36 -14.51 -15.65
N GLY A 113 -27.76 -15.55 -16.37
CA GLY A 113 -28.57 -16.60 -15.77
C GLY A 113 -29.29 -17.44 -16.81
N GLY A 1 12.95 -0.51 -7.99
CA GLY A 1 14.38 -0.34 -8.22
C GLY A 1 15.23 -1.08 -7.20
N SER A 2 16.39 -1.55 -7.63
CA SER A 2 17.28 -2.28 -6.74
C SER A 2 18.51 -1.45 -6.40
N SER A 3 18.48 -0.80 -5.23
CA SER A 3 19.59 0.03 -4.80
C SER A 3 20.91 -0.70 -4.96
N GLY A 4 20.98 -1.93 -4.47
CA GLY A 4 22.20 -2.71 -4.57
C GLY A 4 23.03 -2.65 -3.30
N SER A 5 23.63 -1.49 -3.04
CA SER A 5 24.47 -1.31 -1.86
C SER A 5 23.70 -0.59 -0.76
N SER A 6 24.12 -0.80 0.48
CA SER A 6 23.47 -0.17 1.63
C SER A 6 23.18 1.30 1.35
N GLY A 7 22.02 1.76 1.81
CA GLY A 7 21.64 3.15 1.61
C GLY A 7 20.25 3.45 2.11
N PRO A 8 19.27 3.48 1.21
CA PRO A 8 17.87 3.76 1.55
C PRO A 8 17.23 2.63 2.34
N MET A 9 16.52 2.98 3.40
CA MET A 9 15.86 1.99 4.24
C MET A 9 15.16 0.93 3.39
N MET A 10 15.03 -0.27 3.93
CA MET A 10 14.39 -1.37 3.22
C MET A 10 12.88 -1.33 3.40
N PRO A 11 12.14 -1.23 2.27
CA PRO A 11 10.68 -1.18 2.29
C PRO A 11 10.05 -2.51 2.70
N PRO A 12 8.73 -2.49 2.93
CA PRO A 12 7.99 -3.68 3.34
C PRO A 12 7.87 -4.70 2.21
N VAL A 13 7.36 -5.89 2.53
CA VAL A 13 7.20 -6.94 1.54
C VAL A 13 5.84 -7.63 1.68
N GLY A 14 5.59 -8.62 0.85
CA GLY A 14 4.33 -9.34 0.89
C GLY A 14 3.13 -8.42 0.71
N VAL A 15 3.38 -7.22 0.17
CA VAL A 15 2.32 -6.26 -0.06
C VAL A 15 1.27 -6.80 -1.01
N GLN A 16 0.12 -7.17 -0.47
CA GLN A 16 -0.97 -7.71 -1.28
C GLN A 16 -2.28 -6.98 -1.00
N ALA A 17 -3.19 -7.01 -1.97
CA ALA A 17 -4.47 -6.34 -1.82
C ALA A 17 -5.62 -7.30 -2.09
N SER A 18 -6.50 -7.47 -1.10
CA SER A 18 -7.64 -8.37 -1.24
C SER A 18 -8.91 -7.58 -1.54
N ILE A 19 -9.74 -8.13 -2.43
CA ILE A 19 -10.99 -7.49 -2.80
C ILE A 19 -12.10 -7.85 -1.83
N LEU A 20 -12.44 -6.91 -0.95
CA LEU A 20 -13.50 -7.14 0.03
C LEU A 20 -14.81 -6.49 -0.42
N SER A 21 -14.69 -5.34 -1.10
CA SER A 21 -15.86 -4.63 -1.58
C SER A 21 -15.49 -3.69 -2.73
N HIS A 22 -16.51 -3.13 -3.38
CA HIS A 22 -16.28 -2.21 -4.50
C HIS A 22 -15.34 -1.08 -4.09
N ASP A 23 -15.39 -0.70 -2.82
CA ASP A 23 -14.53 0.36 -2.30
C ASP A 23 -13.79 -0.09 -1.05
N THR A 24 -13.69 -1.40 -0.87
CA THR A 24 -13.02 -1.97 0.29
C THR A 24 -11.93 -2.96 -0.13
N ILE A 25 -10.72 -2.74 0.38
CA ILE A 25 -9.60 -3.61 0.06
C ILE A 25 -8.62 -3.72 1.23
N ARG A 26 -8.24 -4.94 1.56
CA ARG A 26 -7.31 -5.18 2.66
C ARG A 26 -5.86 -5.13 2.18
N ILE A 27 -5.05 -4.34 2.86
CA ILE A 27 -3.64 -4.20 2.50
C ILE A 27 -2.73 -4.65 3.64
N THR A 28 -2.11 -5.82 3.48
CA THR A 28 -1.22 -6.36 4.50
C THR A 28 0.18 -6.57 3.94
N TRP A 29 1.19 -6.31 4.78
CA TRP A 29 2.58 -6.47 4.36
C TRP A 29 3.42 -7.00 5.52
N ALA A 30 4.70 -7.23 5.24
CA ALA A 30 5.62 -7.73 6.26
C ALA A 30 6.88 -6.88 6.34
N ASP A 31 7.78 -7.23 7.24
CA ASP A 31 9.03 -6.49 7.42
C ASP A 31 10.18 -7.44 7.74
N ASN A 32 11.22 -7.40 6.91
CA ASN A 32 12.38 -8.25 7.09
C ASN A 32 13.27 -7.72 8.22
N SER A 33 13.46 -6.41 8.23
CA SER A 33 14.30 -5.77 9.25
C SER A 33 14.07 -6.41 10.61
N LEU A 34 12.82 -6.79 10.89
CA LEU A 34 12.47 -7.41 12.16
C LEU A 34 12.89 -8.88 12.17
N PRO A 35 13.25 -9.38 13.37
CA PRO A 35 13.67 -10.77 13.54
C PRO A 35 12.51 -11.76 13.37
N LYS A 36 12.80 -13.04 13.53
CA LYS A 36 11.78 -14.07 13.41
C LYS A 36 10.45 -13.61 13.99
N HIS A 37 10.51 -12.84 15.06
CA HIS A 37 9.31 -12.33 15.71
C HIS A 37 9.01 -10.91 15.24
N GLN A 38 7.96 -10.77 14.43
CA GLN A 38 7.57 -9.46 13.91
C GLN A 38 6.98 -8.59 15.02
N LYS A 39 7.83 -7.77 15.63
CA LYS A 39 7.40 -6.88 16.70
C LYS A 39 8.00 -5.49 16.53
N ILE A 40 7.15 -4.51 16.22
CA ILE A 40 7.60 -3.14 16.03
C ILE A 40 8.02 -2.52 17.36
N THR A 41 9.29 -2.11 17.44
CA THR A 41 9.82 -1.50 18.65
C THR A 41 10.64 -0.25 18.32
N ASP A 42 9.96 0.76 17.80
CA ASP A 42 10.63 2.01 17.44
C ASP A 42 9.60 3.13 17.23
N SER A 43 10.08 4.30 16.86
CA SER A 43 9.21 5.45 16.63
C SER A 43 9.12 5.77 15.14
N ARG A 44 8.61 4.82 14.36
CA ARG A 44 8.47 5.00 12.93
C ARG A 44 7.00 4.96 12.52
N TYR A 45 6.72 5.35 11.28
CA TYR A 45 5.36 5.37 10.76
C TYR A 45 5.31 4.84 9.33
N TYR A 46 4.18 4.22 8.98
CA TYR A 46 4.01 3.67 7.64
C TYR A 46 3.05 4.52 6.83
N THR A 47 3.34 4.65 5.53
CA THR A 47 2.50 5.44 4.64
C THR A 47 2.04 4.62 3.44
N VAL A 48 0.73 4.60 3.21
CA VAL A 48 0.16 3.85 2.09
C VAL A 48 -0.51 4.77 1.09
N ARG A 49 0.07 4.88 -0.09
CA ARG A 49 -0.47 5.75 -1.15
C ARG A 49 -1.28 4.93 -2.14
N TRP A 50 -2.21 5.59 -2.82
CA TRP A 50 -3.06 4.93 -3.80
C TRP A 50 -3.52 5.91 -4.87
N LYS A 51 -3.66 5.42 -6.10
CA LYS A 51 -4.10 6.26 -7.21
C LYS A 51 -4.68 5.41 -8.34
N THR A 52 -5.33 6.06 -9.29
CA THR A 52 -5.93 5.37 -10.43
C THR A 52 -5.28 5.80 -11.75
N ASN A 53 -5.36 4.92 -12.74
CA ASN A 53 -4.78 5.22 -14.05
C ASN A 53 -5.66 6.20 -14.82
N ILE A 54 -6.75 6.63 -14.20
CA ILE A 54 -7.67 7.57 -14.82
C ILE A 54 -8.11 8.65 -13.84
N PRO A 55 -7.90 9.92 -14.23
CA PRO A 55 -7.30 10.27 -15.52
C PRO A 55 -5.82 9.90 -15.58
N ALA A 56 -5.12 10.46 -16.56
CA ALA A 56 -3.69 10.20 -16.74
C ALA A 56 -2.91 10.64 -15.51
N ASN A 57 -2.93 11.95 -15.24
CA ASN A 57 -2.21 12.51 -14.10
C ASN A 57 -3.16 12.81 -12.96
N THR A 58 -2.80 12.37 -11.75
CA THR A 58 -3.63 12.59 -10.58
C THR A 58 -2.77 12.79 -9.34
N LYS A 59 -3.39 13.30 -8.27
CA LYS A 59 -2.68 13.54 -7.02
C LYS A 59 -2.53 12.25 -6.22
N TYR A 60 -1.28 11.84 -5.99
CA TYR A 60 -1.00 10.62 -5.25
C TYR A 60 -1.51 10.74 -3.81
N LYS A 61 -2.34 9.79 -3.40
CA LYS A 61 -2.89 9.77 -2.05
C LYS A 61 -1.88 9.24 -1.05
N ASN A 62 -2.19 9.37 0.23
CA ASN A 62 -1.30 8.90 1.29
C ASN A 62 -2.06 8.74 2.61
N ALA A 63 -1.67 7.74 3.38
CA ALA A 63 -2.31 7.48 4.68
C ALA A 63 -1.28 7.39 5.79
N ASN A 64 -1.75 7.45 7.03
CA ASN A 64 -0.87 7.38 8.19
C ASN A 64 -1.37 6.36 9.20
N ALA A 65 -0.62 5.28 9.36
CA ALA A 65 -0.99 4.22 10.30
C ALA A 65 0.20 3.33 10.63
N THR A 66 0.61 3.34 11.89
CA THR A 66 1.74 2.53 12.33
C THR A 66 1.32 1.09 12.61
N THR A 67 1.52 0.22 11.62
CA THR A 67 1.16 -1.18 11.75
C THR A 67 1.60 -1.98 10.54
N LEU A 68 1.49 -3.30 10.63
CA LEU A 68 1.87 -4.18 9.53
C LEU A 68 0.67 -4.51 8.65
N SER A 69 -0.28 -3.59 8.59
CA SER A 69 -1.48 -3.78 7.77
C SER A 69 -2.23 -2.46 7.60
N TYR A 70 -3.16 -2.46 6.66
CA TYR A 70 -3.96 -1.26 6.39
C TYR A 70 -5.11 -1.57 5.44
N LEU A 71 -6.28 -1.01 5.73
CA LEU A 71 -7.46 -1.22 4.90
C LEU A 71 -7.88 0.07 4.20
N VAL A 72 -7.70 0.10 2.88
CA VAL A 72 -8.06 1.27 2.08
C VAL A 72 -9.56 1.37 1.90
N THR A 73 -10.06 2.59 1.72
CA THR A 73 -11.48 2.81 1.53
C THR A 73 -11.73 4.12 0.78
N GLY A 74 -12.71 4.09 -0.12
CA GLY A 74 -13.05 5.29 -0.89
C GLY A 74 -12.55 5.20 -2.32
N LEU A 75 -12.56 3.99 -2.88
CA LEU A 75 -12.11 3.77 -4.24
C LEU A 75 -13.30 3.63 -5.18
N LYS A 76 -13.08 3.91 -6.46
CA LYS A 76 -14.13 3.81 -7.47
C LYS A 76 -14.30 2.38 -7.94
N PRO A 77 -15.56 1.96 -8.13
CA PRO A 77 -15.89 0.60 -8.59
C PRO A 77 -15.48 0.36 -10.03
N ASN A 78 -15.16 -0.88 -10.35
CA ASN A 78 -14.75 -1.25 -11.70
C ASN A 78 -13.73 -0.26 -12.25
N THR A 79 -12.64 -0.07 -11.50
CA THR A 79 -11.59 0.85 -11.91
C THR A 79 -10.23 0.37 -11.42
N LEU A 80 -9.21 0.52 -12.27
CA LEU A 80 -7.86 0.11 -11.93
C LEU A 80 -7.31 0.92 -10.76
N TYR A 81 -6.72 0.24 -9.80
CA TYR A 81 -6.16 0.89 -8.62
C TYR A 81 -4.98 0.10 -8.06
N GLU A 82 -3.95 0.82 -7.63
CA GLU A 82 -2.76 0.18 -7.07
C GLU A 82 -2.52 0.65 -5.63
N PHE A 83 -1.69 -0.10 -4.90
CA PHE A 83 -1.38 0.24 -3.52
C PHE A 83 0.08 -0.06 -3.20
N SER A 84 0.70 0.79 -2.39
CA SER A 84 2.10 0.62 -2.02
C SER A 84 2.31 0.98 -0.55
N VAL A 85 3.42 0.52 0.01
CA VAL A 85 3.75 0.78 1.41
C VAL A 85 5.20 1.21 1.55
N MET A 86 5.46 2.13 2.48
CA MET A 86 6.82 2.61 2.72
C MET A 86 7.05 2.87 4.21
N VAL A 87 8.30 2.99 4.60
CA VAL A 87 8.66 3.24 5.99
C VAL A 87 9.60 4.43 6.11
N THR A 88 9.45 5.19 7.19
CA THR A 88 10.28 6.36 7.43
C THR A 88 10.75 6.41 8.88
N LYS A 89 12.07 6.36 9.08
CA LYS A 89 12.65 6.40 10.41
C LYS A 89 13.18 7.80 10.73
N GLY A 90 12.31 8.80 10.62
CA GLY A 90 12.71 10.16 10.91
C GLY A 90 13.39 10.83 9.71
N ARG A 91 14.71 10.74 9.67
CA ARG A 91 15.47 11.35 8.58
C ARG A 91 15.68 10.34 7.45
N ARG A 92 15.53 9.06 7.77
CA ARG A 92 15.71 8.01 6.78
C ARG A 92 14.37 7.50 6.27
N SER A 93 14.38 6.86 5.11
CA SER A 93 13.16 6.34 4.52
C SER A 93 13.47 5.30 3.44
N SER A 94 12.51 4.43 3.15
CA SER A 94 12.68 3.40 2.14
C SER A 94 11.82 3.68 0.91
N THR A 95 12.27 3.22 -0.24
CA THR A 95 11.54 3.42 -1.49
C THR A 95 10.17 2.76 -1.43
N TRP A 96 9.36 3.00 -2.46
CA TRP A 96 8.02 2.42 -2.52
C TRP A 96 8.07 0.97 -2.98
N SER A 97 7.59 0.07 -2.14
CA SER A 97 7.59 -1.35 -2.45
C SER A 97 6.83 -1.61 -3.75
N MET A 98 6.97 -2.83 -4.27
CA MET A 98 6.31 -3.20 -5.52
C MET A 98 4.84 -2.79 -5.49
N THR A 99 4.45 -1.95 -6.45
CA THR A 99 3.07 -1.47 -6.54
C THR A 99 2.10 -2.62 -6.75
N ALA A 100 1.21 -2.83 -5.79
CA ALA A 100 0.22 -3.89 -5.88
C ALA A 100 -1.05 -3.41 -6.58
N HIS A 101 -1.36 -4.04 -7.71
CA HIS A 101 -2.55 -3.68 -8.47
C HIS A 101 -3.75 -4.54 -8.06
N GLY A 102 -4.91 -3.90 -7.94
CA GLY A 102 -6.10 -4.62 -7.54
C GLY A 102 -7.37 -4.01 -8.14
N THR A 103 -8.17 -4.83 -8.80
CA THR A 103 -9.40 -4.37 -9.42
C THR A 103 -10.60 -4.59 -8.49
N THR A 104 -11.25 -3.50 -8.11
CA THR A 104 -12.41 -3.58 -7.23
C THR A 104 -13.65 -4.05 -7.99
N PHE A 105 -14.62 -4.58 -7.25
CA PHE A 105 -15.86 -5.06 -7.86
C PHE A 105 -16.69 -3.90 -8.39
N GLU A 106 -17.50 -4.17 -9.41
CA GLU A 106 -18.35 -3.15 -10.01
C GLU A 106 -19.55 -2.84 -9.12
N LEU A 107 -19.98 -1.59 -9.14
CA LEU A 107 -21.12 -1.17 -8.33
C LEU A 107 -22.40 -1.15 -9.16
N SER A 108 -22.31 -0.59 -10.36
CA SER A 108 -23.46 -0.51 -11.26
C SER A 108 -24.14 -1.86 -11.40
N GLY A 109 -23.37 -2.89 -11.73
CA GLY A 109 -23.91 -4.22 -11.89
C GLY A 109 -23.29 -4.97 -13.06
N PRO A 110 -23.70 -6.23 -13.23
CA PRO A 110 -23.19 -7.08 -14.31
C PRO A 110 -23.68 -6.64 -15.68
N SER A 111 -22.81 -5.97 -16.43
CA SER A 111 -23.16 -5.48 -17.76
C SER A 111 -23.12 -6.62 -18.78
N SER A 112 -21.97 -7.27 -18.90
CA SER A 112 -21.80 -8.38 -19.83
C SER A 112 -21.79 -9.72 -19.10
N GLY A 113 -22.15 -10.77 -19.82
CA GLY A 113 -22.17 -12.10 -19.22
C GLY A 113 -23.18 -12.21 -18.10
N GLY A 1 20.09 6.34 -12.51
CA GLY A 1 19.76 5.23 -11.63
C GLY A 1 20.85 4.97 -10.60
N SER A 2 21.27 6.04 -9.91
CA SER A 2 22.30 5.91 -8.90
C SER A 2 21.82 6.42 -7.55
N SER A 3 21.93 5.59 -6.53
CA SER A 3 21.49 5.95 -5.19
C SER A 3 22.44 6.97 -4.57
N GLY A 4 23.71 6.61 -4.46
CA GLY A 4 24.70 7.49 -3.89
C GLY A 4 24.59 7.58 -2.38
N SER A 5 24.43 6.43 -1.73
CA SER A 5 24.30 6.38 -0.27
C SER A 5 24.99 5.13 0.28
N SER A 6 25.20 5.12 1.60
CA SER A 6 25.85 3.99 2.26
C SER A 6 24.90 2.80 2.34
N GLY A 7 23.69 3.03 2.82
CA GLY A 7 22.71 1.98 2.95
C GLY A 7 21.45 2.43 3.65
N PRO A 8 20.48 2.95 2.87
CA PRO A 8 19.21 3.43 3.40
C PRO A 8 18.32 2.30 3.89
N MET A 9 17.13 2.64 4.35
CA MET A 9 16.18 1.65 4.85
C MET A 9 15.49 0.92 3.70
N MET A 10 15.23 -0.37 3.90
CA MET A 10 14.58 -1.18 2.87
C MET A 10 13.06 -1.17 3.06
N PRO A 11 12.33 -1.18 1.94
CA PRO A 11 10.87 -1.18 1.96
C PRO A 11 10.28 -2.49 2.48
N PRO A 12 8.97 -2.48 2.74
CA PRO A 12 8.26 -3.67 3.25
C PRO A 12 8.15 -4.77 2.20
N VAL A 13 7.55 -5.89 2.58
CA VAL A 13 7.38 -7.01 1.67
C VAL A 13 6.00 -7.65 1.85
N GLY A 14 5.75 -8.72 1.11
CA GLY A 14 4.48 -9.41 1.20
C GLY A 14 3.31 -8.49 0.94
N VAL A 15 3.55 -7.39 0.22
CA VAL A 15 2.52 -6.43 -0.10
C VAL A 15 1.49 -7.02 -1.06
N GLN A 16 0.28 -7.25 -0.55
CA GLN A 16 -0.79 -7.81 -1.35
C GLN A 16 -2.06 -6.99 -1.23
N ALA A 17 -3.06 -7.31 -2.05
CA ALA A 17 -4.33 -6.59 -2.03
C ALA A 17 -5.50 -7.55 -2.22
N SER A 18 -6.28 -7.74 -1.16
CA SER A 18 -7.44 -8.64 -1.20
C SER A 18 -8.73 -7.85 -1.30
N ILE A 19 -9.33 -7.86 -2.49
CA ILE A 19 -10.58 -7.14 -2.72
C ILE A 19 -11.71 -7.71 -1.86
N LEU A 20 -12.33 -6.86 -1.05
CA LEU A 20 -13.41 -7.27 -0.18
C LEU A 20 -14.76 -6.77 -0.72
N SER A 21 -14.80 -5.51 -1.09
CA SER A 21 -16.03 -4.91 -1.62
C SER A 21 -15.72 -4.03 -2.83
N HIS A 22 -16.77 -3.45 -3.41
CA HIS A 22 -16.62 -2.59 -4.57
C HIS A 22 -15.88 -1.31 -4.19
N ASP A 23 -15.92 -0.96 -2.92
CA ASP A 23 -15.24 0.25 -2.44
C ASP A 23 -14.41 -0.06 -1.20
N THR A 24 -14.00 -1.32 -1.06
CA THR A 24 -13.20 -1.74 0.08
C THR A 24 -12.02 -2.61 -0.37
N ILE A 25 -10.89 -2.46 0.30
CA ILE A 25 -9.70 -3.24 -0.01
C ILE A 25 -8.82 -3.44 1.22
N ARG A 26 -8.25 -4.64 1.34
CA ARG A 26 -7.40 -4.96 2.48
C ARG A 26 -5.93 -4.97 2.05
N ILE A 27 -5.11 -4.21 2.76
CA ILE A 27 -3.68 -4.13 2.46
C ILE A 27 -2.85 -4.62 3.64
N THR A 28 -2.15 -5.74 3.44
CA THR A 28 -1.32 -6.31 4.48
C THR A 28 0.09 -6.59 3.97
N TRP A 29 1.09 -6.30 4.80
CA TRP A 29 2.49 -6.51 4.44
C TRP A 29 3.28 -7.08 5.60
N ALA A 30 4.52 -7.48 5.33
CA ALA A 30 5.37 -8.04 6.37
C ALA A 30 6.65 -7.21 6.53
N ASP A 31 7.29 -7.34 7.70
CA ASP A 31 8.51 -6.60 7.97
C ASP A 31 9.67 -7.55 8.20
N ASN A 32 10.87 -7.11 7.83
CA ASN A 32 12.07 -7.93 7.99
C ASN A 32 13.05 -7.28 8.96
N SER A 33 12.52 -6.45 9.86
CA SER A 33 13.35 -5.77 10.85
C SER A 33 13.05 -6.26 12.25
N LEU A 34 11.79 -6.14 12.66
CA LEU A 34 11.37 -6.58 13.99
C LEU A 34 12.04 -7.90 14.37
N PRO A 35 12.35 -8.06 15.66
CA PRO A 35 13.00 -9.27 16.18
C PRO A 35 12.06 -10.48 16.15
N LYS A 36 12.47 -11.55 16.82
CA LYS A 36 11.67 -12.76 16.89
C LYS A 36 10.23 -12.44 17.27
N HIS A 37 10.02 -11.29 17.91
CA HIS A 37 8.69 -10.87 18.32
C HIS A 37 8.25 -9.63 17.55
N GLN A 38 7.37 -9.83 16.58
CA GLN A 38 6.86 -8.72 15.77
C GLN A 38 6.01 -7.78 16.61
N LYS A 39 6.61 -6.70 17.10
CA LYS A 39 5.91 -5.72 17.91
C LYS A 39 6.38 -4.30 17.60
N ILE A 40 5.49 -3.49 17.06
CA ILE A 40 5.82 -2.11 16.73
C ILE A 40 5.77 -1.21 17.96
N THR A 41 6.93 -0.66 18.33
CA THR A 41 7.02 0.22 19.49
C THR A 41 6.61 1.64 19.13
N ASP A 42 5.63 1.78 18.26
CA ASP A 42 5.14 3.09 17.84
C ASP A 42 6.32 4.02 17.54
N SER A 43 7.46 3.44 17.20
CA SER A 43 8.65 4.22 16.89
C SER A 43 8.71 4.56 15.41
N ARG A 44 8.04 3.75 14.59
CA ARG A 44 8.02 3.96 13.15
C ARG A 44 6.59 4.14 12.65
N TYR A 45 6.46 4.75 11.47
CA TYR A 45 5.15 4.99 10.88
C TYR A 45 5.14 4.63 9.40
N TYR A 46 4.20 3.78 9.01
CA TYR A 46 4.08 3.35 7.62
C TYR A 46 3.17 4.29 6.83
N THR A 47 3.51 4.49 5.55
CA THR A 47 2.71 5.36 4.69
C THR A 47 2.26 4.64 3.44
N VAL A 48 0.95 4.56 3.24
CA VAL A 48 0.38 3.89 2.08
C VAL A 48 -0.16 4.90 1.07
N ARG A 49 0.22 4.74 -0.20
CA ARG A 49 -0.22 5.63 -1.25
C ARG A 49 -1.10 4.90 -2.25
N TRP A 50 -1.96 5.64 -2.94
CA TRP A 50 -2.86 5.05 -3.93
C TRP A 50 -3.36 6.12 -4.90
N LYS A 51 -3.43 5.77 -6.18
CA LYS A 51 -3.90 6.69 -7.21
C LYS A 51 -4.61 5.94 -8.32
N THR A 52 -5.37 6.68 -9.13
CA THR A 52 -6.11 6.08 -10.25
C THR A 52 -5.28 6.12 -11.53
N ASN A 53 -5.09 4.95 -12.13
CA ASN A 53 -4.31 4.85 -13.37
C ASN A 53 -4.94 5.71 -14.47
N ILE A 54 -6.26 5.86 -14.41
CA ILE A 54 -6.98 6.65 -15.41
C ILE A 54 -7.94 7.62 -14.73
N PRO A 55 -7.79 8.92 -15.05
CA PRO A 55 -6.77 9.40 -15.97
C PRO A 55 -5.36 9.27 -15.40
N ALA A 56 -4.40 9.95 -16.03
CA ALA A 56 -3.02 9.91 -15.58
C ALA A 56 -2.65 11.20 -14.85
N ASN A 57 -3.27 12.30 -15.25
CA ASN A 57 -3.00 13.59 -14.64
C ASN A 57 -3.25 13.54 -13.13
N THR A 58 -4.22 12.73 -12.72
CA THR A 58 -4.55 12.59 -11.31
C THR A 58 -3.30 12.63 -10.44
N LYS A 59 -3.44 13.20 -9.25
CA LYS A 59 -2.31 13.31 -8.33
C LYS A 59 -2.20 12.06 -7.47
N TYR A 60 -1.11 11.95 -6.73
CA TYR A 60 -0.87 10.80 -5.86
C TYR A 60 -1.29 11.11 -4.42
N LYS A 61 -1.97 10.15 -3.78
CA LYS A 61 -2.42 10.32 -2.41
C LYS A 61 -1.65 9.40 -1.48
N ASN A 62 -1.61 9.76 -0.19
CA ASN A 62 -0.91 8.96 0.80
C ASN A 62 -1.53 9.16 2.19
N ALA A 63 -1.51 8.10 2.99
CA ALA A 63 -2.08 8.15 4.34
C ALA A 63 -1.00 7.87 5.38
N ASN A 64 -1.42 7.85 6.65
CA ASN A 64 -0.50 7.59 7.75
C ASN A 64 -1.10 6.62 8.76
N ALA A 65 -0.40 5.53 9.02
CA ALA A 65 -0.86 4.52 9.96
C ALA A 65 0.28 3.63 10.42
N THR A 66 0.46 3.53 11.73
CA THR A 66 1.52 2.71 12.31
C THR A 66 1.04 1.28 12.55
N THR A 67 1.32 0.39 11.61
CA THR A 67 0.91 -1.01 11.73
C THR A 67 1.47 -1.84 10.58
N LEU A 68 1.24 -3.15 10.63
CA LEU A 68 1.71 -4.05 9.60
C LEU A 68 0.60 -4.34 8.58
N SER A 69 -0.35 -3.42 8.47
CA SER A 69 -1.46 -3.57 7.54
C SER A 69 -2.19 -2.25 7.35
N TYR A 70 -3.28 -2.29 6.59
CA TYR A 70 -4.07 -1.09 6.32
C TYR A 70 -5.33 -1.43 5.52
N LEU A 71 -6.43 -0.77 5.87
CA LEU A 71 -7.70 -1.01 5.18
C LEU A 71 -8.16 0.25 4.44
N VAL A 72 -8.05 0.23 3.13
CA VAL A 72 -8.46 1.36 2.31
C VAL A 72 -9.92 1.24 1.88
N THR A 73 -10.62 2.36 1.88
CA THR A 73 -12.03 2.38 1.50
C THR A 73 -12.37 3.65 0.73
N GLY A 74 -13.56 3.67 0.14
CA GLY A 74 -14.00 4.83 -0.62
C GLY A 74 -13.45 4.83 -2.03
N LEU A 75 -13.32 3.65 -2.61
CA LEU A 75 -12.80 3.51 -3.98
C LEU A 75 -13.94 3.36 -4.98
N LYS A 76 -13.62 3.53 -6.25
CA LYS A 76 -14.61 3.40 -7.32
C LYS A 76 -14.64 1.99 -7.88
N PRO A 77 -15.84 1.49 -8.17
CA PRO A 77 -16.03 0.14 -8.71
C PRO A 77 -15.54 0.03 -10.15
N ASN A 78 -15.22 -1.20 -10.56
CA ASN A 78 -14.72 -1.45 -11.90
C ASN A 78 -13.67 -0.42 -12.30
N THR A 79 -12.65 -0.27 -11.47
CA THR A 79 -11.58 0.67 -11.73
C THR A 79 -10.27 0.23 -11.07
N LEU A 80 -9.28 -0.09 -11.89
CA LEU A 80 -7.99 -0.54 -11.38
C LEU A 80 -7.38 0.52 -10.46
N TYR A 81 -6.85 0.08 -9.32
CA TYR A 81 -6.24 0.98 -8.36
C TYR A 81 -4.86 0.49 -7.95
N GLU A 82 -3.95 1.43 -7.69
CA GLU A 82 -2.59 1.09 -7.29
C GLU A 82 -2.39 1.32 -5.80
N PHE A 83 -1.55 0.50 -5.18
CA PHE A 83 -1.28 0.62 -3.76
C PHE A 83 0.19 0.28 -3.46
N SER A 84 0.76 1.00 -2.49
CA SER A 84 2.16 0.78 -2.11
C SER A 84 2.39 1.17 -0.65
N VAL A 85 3.40 0.56 -0.04
CA VAL A 85 3.73 0.85 1.34
C VAL A 85 5.22 1.14 1.51
N MET A 86 5.54 2.02 2.44
CA MET A 86 6.93 2.39 2.70
C MET A 86 7.14 2.67 4.19
N VAL A 87 8.41 2.65 4.61
CA VAL A 87 8.76 2.91 6.01
C VAL A 87 9.68 4.11 6.13
N THR A 88 9.42 4.94 7.13
CA THR A 88 10.22 6.14 7.36
C THR A 88 10.63 6.26 8.83
N LYS A 89 11.88 6.62 9.07
CA LYS A 89 12.38 6.77 10.43
C LYS A 89 13.41 7.89 10.51
N GLY A 90 13.50 8.52 11.68
CA GLY A 90 14.45 9.60 11.86
C GLY A 90 14.39 10.62 10.74
N ARG A 91 15.35 10.54 9.82
CA ARG A 91 15.41 11.46 8.69
C ARG A 91 15.60 10.70 7.38
N ARG A 92 15.48 9.38 7.45
CA ARG A 92 15.65 8.55 6.27
C ARG A 92 14.36 7.80 5.93
N SER A 93 14.39 7.00 4.87
CA SER A 93 13.23 6.24 4.44
C SER A 93 13.61 5.19 3.41
N SER A 94 12.61 4.47 2.91
CA SER A 94 12.84 3.42 1.93
C SER A 94 11.96 3.63 0.69
N THR A 95 12.43 3.16 -0.46
CA THR A 95 11.69 3.29 -1.71
C THR A 95 10.29 2.70 -1.57
N TRP A 96 9.47 2.90 -2.60
CA TRP A 96 8.11 2.39 -2.60
C TRP A 96 8.08 0.90 -2.93
N SER A 97 7.60 0.10 -1.99
CA SER A 97 7.52 -1.34 -2.17
C SER A 97 6.86 -1.68 -3.51
N MET A 98 6.90 -2.96 -3.87
CA MET A 98 6.30 -3.42 -5.12
C MET A 98 4.86 -2.94 -5.26
N THR A 99 4.55 -2.29 -6.37
CA THR A 99 3.21 -1.77 -6.61
C THR A 99 2.21 -2.92 -6.73
N ALA A 100 1.24 -2.95 -5.81
CA ALA A 100 0.22 -3.98 -5.81
C ALA A 100 -1.06 -3.49 -6.49
N HIS A 101 -1.42 -4.16 -7.58
CA HIS A 101 -2.63 -3.80 -8.33
C HIS A 101 -3.84 -4.56 -7.82
N GLY A 102 -4.96 -3.84 -7.67
CA GLY A 102 -6.18 -4.48 -7.18
C GLY A 102 -7.42 -3.84 -7.75
N THR A 103 -8.16 -4.60 -8.57
CA THR A 103 -9.37 -4.09 -9.19
C THR A 103 -10.60 -4.45 -8.36
N THR A 104 -11.35 -3.43 -7.95
CA THR A 104 -12.55 -3.64 -7.15
C THR A 104 -13.66 -4.28 -7.97
N PHE A 105 -14.57 -4.97 -7.29
CA PHE A 105 -15.69 -5.63 -7.97
C PHE A 105 -16.71 -4.61 -8.45
N GLU A 106 -17.31 -4.88 -9.60
CA GLU A 106 -18.30 -3.98 -10.18
C GLU A 106 -19.42 -3.69 -9.18
N LEU A 107 -20.09 -2.56 -9.36
CA LEU A 107 -21.18 -2.17 -8.48
C LEU A 107 -22.43 -1.82 -9.28
N SER A 108 -22.33 -0.79 -10.11
CA SER A 108 -23.45 -0.34 -10.93
C SER A 108 -23.98 -1.50 -11.79
N GLY A 109 -25.07 -1.25 -12.49
CA GLY A 109 -25.67 -2.27 -13.35
C GLY A 109 -24.90 -2.45 -14.64
N PRO A 110 -25.61 -2.92 -15.68
CA PRO A 110 -25.01 -3.15 -17.00
C PRO A 110 -24.63 -1.85 -17.71
N SER A 111 -25.09 -0.73 -17.16
CA SER A 111 -24.80 0.58 -17.74
C SER A 111 -25.23 1.69 -16.80
N SER A 112 -24.69 2.89 -17.02
CA SER A 112 -25.01 4.04 -16.19
C SER A 112 -26.34 4.66 -16.61
N GLY A 113 -27.30 4.68 -15.69
CA GLY A 113 -28.59 5.25 -15.99
C GLY A 113 -29.28 4.55 -17.14
N GLY A 1 14.52 -6.50 -9.62
CA GLY A 1 15.67 -5.67 -9.33
C GLY A 1 16.53 -6.24 -8.22
N SER A 2 17.84 -6.06 -8.34
CA SER A 2 18.77 -6.56 -7.33
C SER A 2 20.10 -5.78 -7.38
N SER A 3 20.73 -5.64 -6.22
CA SER A 3 21.99 -4.92 -6.12
C SER A 3 22.72 -5.27 -4.84
N GLY A 4 24.04 -5.40 -4.93
CA GLY A 4 24.84 -5.73 -3.77
C GLY A 4 25.44 -4.52 -3.10
N SER A 5 24.58 -3.61 -2.64
CA SER A 5 25.03 -2.39 -1.99
C SER A 5 24.02 -1.93 -0.94
N SER A 6 24.43 -1.96 0.32
CA SER A 6 23.55 -1.55 1.42
C SER A 6 22.73 -0.33 1.03
N GLY A 7 21.40 -0.45 1.12
CA GLY A 7 20.54 0.66 0.77
C GLY A 7 19.76 1.18 1.97
N PRO A 8 18.63 1.86 1.69
CA PRO A 8 17.77 2.42 2.73
C PRO A 8 17.04 1.34 3.53
N MET A 9 16.30 1.75 4.56
CA MET A 9 15.56 0.83 5.39
C MET A 9 14.86 -0.23 4.54
N MET A 10 14.59 -1.39 5.14
CA MET A 10 13.92 -2.47 4.43
C MET A 10 12.43 -2.20 4.29
N PRO A 11 11.99 -2.05 3.03
CA PRO A 11 10.57 -1.77 2.72
C PRO A 11 9.67 -2.97 3.01
N PRO A 12 8.36 -2.72 3.06
CA PRO A 12 7.37 -3.77 3.33
C PRO A 12 7.23 -4.74 2.17
N VAL A 13 7.52 -6.01 2.43
CA VAL A 13 7.43 -7.05 1.40
C VAL A 13 6.09 -7.77 1.47
N GLY A 14 5.91 -8.75 0.58
CA GLY A 14 4.66 -9.51 0.57
C GLY A 14 3.44 -8.62 0.53
N VAL A 15 3.57 -7.47 -0.14
CA VAL A 15 2.46 -6.53 -0.25
C VAL A 15 1.41 -7.03 -1.23
N GLN A 16 0.19 -7.23 -0.74
CA GLN A 16 -0.90 -7.70 -1.57
C GLN A 16 -2.19 -6.95 -1.24
N ALA A 17 -3.24 -7.22 -2.02
CA ALA A 17 -4.53 -6.58 -1.82
C ALA A 17 -5.64 -7.61 -1.62
N SER A 18 -6.61 -7.28 -0.78
CA SER A 18 -7.72 -8.18 -0.50
C SER A 18 -9.05 -7.52 -0.85
N ILE A 19 -9.58 -7.88 -2.01
CA ILE A 19 -10.87 -7.33 -2.46
C ILE A 19 -12.00 -7.79 -1.57
N LEU A 20 -12.54 -6.87 -0.77
CA LEU A 20 -13.64 -7.19 0.13
C LEU A 20 -14.95 -6.59 -0.38
N SER A 21 -14.86 -5.38 -0.94
CA SER A 21 -16.04 -4.70 -1.46
C SER A 21 -15.67 -3.84 -2.67
N HIS A 22 -16.68 -3.30 -3.34
CA HIS A 22 -16.47 -2.45 -4.50
C HIS A 22 -15.55 -1.28 -4.16
N ASP A 23 -15.55 -0.88 -2.90
CA ASP A 23 -14.72 0.23 -2.44
C ASP A 23 -14.02 -0.12 -1.13
N THR A 24 -13.66 -1.39 -0.98
CA THR A 24 -12.99 -1.86 0.23
C THR A 24 -11.88 -2.85 -0.10
N ILE A 25 -10.66 -2.55 0.35
CA ILE A 25 -9.52 -3.42 0.10
C ILE A 25 -8.58 -3.44 1.30
N ARG A 26 -8.10 -4.63 1.65
CA ARG A 26 -7.19 -4.79 2.77
C ARG A 26 -5.75 -4.97 2.28
N ILE A 27 -4.93 -3.95 2.50
CA ILE A 27 -3.54 -3.98 2.09
C ILE A 27 -2.64 -4.47 3.22
N THR A 28 -2.20 -5.72 3.13
CA THR A 28 -1.34 -6.32 4.13
C THR A 28 0.08 -6.50 3.61
N TRP A 29 1.05 -6.42 4.52
CA TRP A 29 2.45 -6.57 4.14
C TRP A 29 3.27 -7.14 5.30
N ALA A 30 4.54 -7.40 5.05
CA ALA A 30 5.42 -7.94 6.08
C ALA A 30 6.78 -7.24 6.06
N ASP A 31 7.24 -6.81 7.24
CA ASP A 31 8.52 -6.13 7.36
C ASP A 31 9.61 -7.08 7.83
N ASN A 32 10.77 -6.99 7.20
CA ASN A 32 11.89 -7.86 7.56
C ASN A 32 12.81 -7.17 8.57
N SER A 33 12.94 -5.86 8.44
CA SER A 33 13.79 -5.09 9.34
C SER A 33 13.60 -5.54 10.79
N LEU A 34 12.35 -5.64 11.20
CA LEU A 34 12.04 -6.07 12.57
C LEU A 34 12.78 -7.35 12.93
N PRO A 35 13.02 -7.55 14.23
CA PRO A 35 13.73 -8.74 14.73
C PRO A 35 12.89 -10.00 14.59
N LYS A 36 13.31 -11.07 15.28
CA LYS A 36 12.60 -12.33 15.24
C LYS A 36 11.10 -12.12 15.45
N HIS A 37 10.76 -11.37 16.48
CA HIS A 37 9.36 -11.09 16.79
C HIS A 37 8.76 -10.10 15.79
N GLN A 38 7.44 -10.17 15.62
CA GLN A 38 6.76 -9.29 14.68
C GLN A 38 6.40 -7.97 15.35
N LYS A 39 6.02 -8.03 16.62
CA LYS A 39 5.65 -6.84 17.37
C LYS A 39 6.51 -5.65 16.97
N ILE A 40 5.91 -4.47 16.93
CA ILE A 40 6.62 -3.25 16.56
C ILE A 40 7.15 -2.53 17.79
N THR A 41 8.31 -2.98 18.27
CA THR A 41 8.93 -2.37 19.44
C THR A 41 9.75 -1.15 19.05
N ASP A 42 9.23 -0.36 18.12
CA ASP A 42 9.93 0.84 17.66
C ASP A 42 8.93 1.98 17.44
N SER A 43 9.45 3.18 17.18
CA SER A 43 8.62 4.35 16.96
C SER A 43 8.70 4.80 15.50
N ARG A 44 7.90 4.16 14.65
CA ARG A 44 7.88 4.50 13.22
C ARG A 44 6.45 4.65 12.72
N TYR A 45 6.31 5.08 11.48
CA TYR A 45 5.00 5.27 10.87
C TYR A 45 5.00 4.83 9.41
N TYR A 46 3.94 4.14 9.00
CA TYR A 46 3.81 3.66 7.63
C TYR A 46 3.01 4.64 6.79
N THR A 47 3.19 4.55 5.47
CA THR A 47 2.48 5.43 4.55
C THR A 47 1.99 4.66 3.32
N VAL A 48 0.68 4.48 3.23
CA VAL A 48 0.08 3.77 2.11
C VAL A 48 -0.43 4.72 1.05
N ARG A 49 0.11 4.62 -0.16
CA ARG A 49 -0.28 5.49 -1.26
C ARG A 49 -1.11 4.72 -2.28
N TRP A 50 -1.84 5.46 -3.11
CA TRP A 50 -2.69 4.84 -4.13
C TRP A 50 -3.17 5.88 -5.14
N LYS A 51 -3.36 5.45 -6.38
CA LYS A 51 -3.81 6.34 -7.44
C LYS A 51 -4.84 5.65 -8.34
N THR A 52 -5.32 6.37 -9.33
CA THR A 52 -6.31 5.83 -10.26
C THR A 52 -5.78 5.81 -11.69
N ASN A 53 -6.05 4.72 -12.41
CA ASN A 53 -5.59 4.57 -13.78
C ASN A 53 -6.23 5.64 -14.67
N ILE A 54 -7.43 6.06 -14.31
CA ILE A 54 -8.14 7.08 -15.08
C ILE A 54 -8.61 8.22 -14.18
N PRO A 55 -8.32 9.46 -14.62
CA PRO A 55 -7.62 9.71 -15.87
C PRO A 55 -6.15 9.30 -15.81
N ALA A 56 -5.36 9.80 -16.76
CA ALA A 56 -3.94 9.48 -16.81
C ALA A 56 -3.29 9.67 -15.44
N ASN A 57 -1.98 9.41 -15.37
CA ASN A 57 -1.25 9.54 -14.12
C ASN A 57 -1.84 10.63 -13.24
N THR A 58 -2.71 10.23 -12.32
CA THR A 58 -3.36 11.17 -11.42
C THR A 58 -2.55 11.35 -10.14
N LYS A 59 -2.73 12.49 -9.49
CA LYS A 59 -2.02 12.80 -8.26
C LYS A 59 -1.99 11.58 -7.33
N TYR A 60 -0.91 11.43 -6.57
CA TYR A 60 -0.78 10.32 -5.65
C TYR A 60 -1.22 10.71 -4.24
N LYS A 61 -1.90 9.79 -3.57
CA LYS A 61 -2.39 10.03 -2.21
C LYS A 61 -1.54 9.28 -1.19
N ASN A 62 -1.85 9.48 0.09
CA ASN A 62 -1.11 8.82 1.16
C ASN A 62 -1.99 8.66 2.39
N ALA A 63 -1.59 7.76 3.28
CA ALA A 63 -2.34 7.50 4.51
C ALA A 63 -1.41 7.48 5.72
N ASN A 64 -1.99 7.27 6.90
CA ASN A 64 -1.22 7.23 8.14
C ASN A 64 -1.77 6.16 9.09
N ALA A 65 -1.01 5.09 9.27
CA ALA A 65 -1.42 4.01 10.15
C ALA A 65 -0.23 3.15 10.56
N THR A 66 0.10 3.15 11.84
CA THR A 66 1.22 2.37 12.35
C THR A 66 0.81 0.92 12.61
N THR A 67 1.08 0.06 11.63
CA THR A 67 0.75 -1.36 11.75
C THR A 67 1.27 -2.14 10.56
N LEU A 68 1.14 -3.46 10.62
CA LEU A 68 1.60 -4.33 9.54
C LEU A 68 0.45 -4.71 8.62
N SER A 69 -0.63 -3.93 8.68
CA SER A 69 -1.80 -4.17 7.86
C SER A 69 -2.71 -2.94 7.81
N TYR A 70 -3.01 -2.49 6.61
CA TYR A 70 -3.86 -1.32 6.42
C TYR A 70 -5.00 -1.62 5.45
N LEU A 71 -6.12 -0.92 5.62
CA LEU A 71 -7.28 -1.10 4.75
C LEU A 71 -7.61 0.18 4.00
N VAL A 72 -7.46 0.15 2.68
CA VAL A 72 -7.75 1.31 1.85
C VAL A 72 -9.25 1.45 1.61
N THR A 73 -9.76 2.67 1.79
CA THR A 73 -11.18 2.94 1.60
C THR A 73 -11.38 4.12 0.65
N GLY A 74 -12.64 4.35 0.26
CA GLY A 74 -12.95 5.44 -0.64
C GLY A 74 -12.41 5.22 -2.03
N LEU A 75 -12.82 4.12 -2.67
CA LEU A 75 -12.37 3.80 -4.01
C LEU A 75 -13.55 3.73 -4.98
N LYS A 76 -13.24 3.58 -6.26
CA LYS A 76 -14.27 3.48 -7.29
C LYS A 76 -14.44 2.05 -7.78
N PRO A 77 -15.70 1.66 -8.04
CA PRO A 77 -16.02 0.31 -8.52
C PRO A 77 -15.55 0.06 -9.94
N ASN A 78 -15.29 -1.21 -10.26
CA ASN A 78 -14.83 -1.57 -11.60
C ASN A 78 -13.74 -0.62 -12.07
N THR A 79 -12.71 -0.45 -11.24
CA THR A 79 -11.59 0.43 -11.57
C THR A 79 -10.29 -0.07 -10.98
N LEU A 80 -9.20 0.07 -11.71
CA LEU A 80 -7.89 -0.37 -11.25
C LEU A 80 -7.26 0.67 -10.32
N TYR A 81 -6.64 0.20 -9.25
CA TYR A 81 -6.00 1.09 -8.28
C TYR A 81 -4.59 0.60 -7.96
N GLU A 82 -3.73 1.53 -7.53
CA GLU A 82 -2.36 1.20 -7.17
C GLU A 82 -2.17 1.23 -5.66
N PHE A 83 -1.30 0.36 -5.16
CA PHE A 83 -1.02 0.28 -3.73
C PHE A 83 0.47 0.11 -3.47
N SER A 84 0.99 0.89 -2.53
CA SER A 84 2.42 0.83 -2.19
C SER A 84 2.65 1.25 -0.75
N VAL A 85 3.32 0.39 0.02
CA VAL A 85 3.60 0.67 1.42
C VAL A 85 5.09 0.96 1.62
N MET A 86 5.39 1.98 2.43
CA MET A 86 6.77 2.34 2.71
C MET A 86 6.93 2.77 4.17
N VAL A 87 8.14 2.59 4.70
CA VAL A 87 8.42 2.95 6.08
C VAL A 87 9.39 4.12 6.15
N THR A 88 9.17 5.02 7.11
CA THR A 88 10.03 6.19 7.28
C THR A 88 10.36 6.41 8.75
N LYS A 89 11.62 6.76 9.02
CA LYS A 89 12.07 7.00 10.38
C LYS A 89 12.59 8.42 10.53
N GLY A 90 11.68 9.38 10.57
CA GLY A 90 12.07 10.78 10.71
C GLY A 90 12.85 11.28 9.52
N ARG A 91 14.16 11.09 9.55
CA ARG A 91 15.03 11.54 8.47
C ARG A 91 15.19 10.44 7.42
N ARG A 92 15.27 9.20 7.87
CA ARG A 92 15.44 8.06 6.97
C ARG A 92 14.14 7.76 6.23
N SER A 93 14.22 6.92 5.21
CA SER A 93 13.06 6.55 4.42
C SER A 93 13.38 5.40 3.47
N SER A 94 12.43 4.48 3.32
CA SER A 94 12.61 3.33 2.45
C SER A 94 11.90 3.54 1.11
N THR A 95 12.37 2.85 0.08
CA THR A 95 11.78 2.96 -1.25
C THR A 95 10.36 2.39 -1.26
N TRP A 96 9.60 2.74 -2.29
CA TRP A 96 8.22 2.27 -2.43
C TRP A 96 8.19 0.80 -2.78
N SER A 97 7.61 -0.01 -1.89
CA SER A 97 7.51 -1.45 -2.11
C SER A 97 6.80 -1.76 -3.42
N MET A 98 6.82 -3.02 -3.82
CA MET A 98 6.17 -3.45 -5.05
C MET A 98 4.75 -2.88 -5.15
N THR A 99 4.40 -2.38 -6.32
CA THR A 99 3.08 -1.81 -6.54
C THR A 99 2.03 -2.90 -6.76
N ALA A 100 1.20 -3.13 -5.76
CA ALA A 100 0.16 -4.15 -5.85
C ALA A 100 -1.11 -3.58 -6.48
N HIS A 101 -1.56 -4.21 -7.56
CA HIS A 101 -2.76 -3.77 -8.26
C HIS A 101 -3.97 -4.57 -7.81
N GLY A 102 -5.06 -3.87 -7.49
CA GLY A 102 -6.27 -4.54 -7.04
C GLY A 102 -7.52 -3.95 -7.68
N THR A 103 -8.19 -4.75 -8.51
CA THR A 103 -9.40 -4.29 -9.18
C THR A 103 -10.64 -4.67 -8.38
N THR A 104 -11.35 -3.64 -7.90
CA THR A 104 -12.56 -3.86 -7.12
C THR A 104 -13.70 -4.36 -7.99
N PHE A 105 -14.75 -4.88 -7.36
CA PHE A 105 -15.90 -5.39 -8.08
C PHE A 105 -16.76 -4.26 -8.61
N GLU A 106 -17.74 -4.59 -9.45
CA GLU A 106 -18.63 -3.60 -10.03
C GLU A 106 -19.74 -3.23 -9.05
N LEU A 107 -20.15 -1.96 -9.10
CA LEU A 107 -21.21 -1.48 -8.21
C LEU A 107 -22.50 -1.23 -8.99
N SER A 108 -23.35 -2.24 -9.08
CA SER A 108 -24.61 -2.13 -9.79
C SER A 108 -24.37 -1.83 -11.27
N GLY A 109 -23.33 -2.42 -11.83
CA GLY A 109 -23.00 -2.20 -13.23
C GLY A 109 -22.26 -0.90 -13.45
N PRO A 110 -21.83 -0.68 -14.70
CA PRO A 110 -21.10 0.54 -15.08
C PRO A 110 -21.97 1.78 -15.04
N SER A 111 -23.26 1.59 -14.83
CA SER A 111 -24.21 2.69 -14.77
C SER A 111 -25.10 2.59 -13.54
N SER A 112 -25.14 3.65 -12.75
CA SER A 112 -25.94 3.69 -11.54
C SER A 112 -26.79 4.95 -11.47
N GLY A 113 -26.12 6.10 -11.47
CA GLY A 113 -26.82 7.37 -11.41
C GLY A 113 -25.90 8.53 -11.06
N GLY A 1 23.77 0.46 -15.11
CA GLY A 1 24.90 1.18 -15.68
C GLY A 1 25.39 2.30 -14.78
N SER A 2 26.05 1.94 -13.68
CA SER A 2 26.55 2.94 -12.75
C SER A 2 27.71 2.36 -11.93
N SER A 3 28.50 3.25 -11.34
CA SER A 3 29.64 2.83 -10.53
C SER A 3 29.19 2.05 -9.30
N GLY A 4 28.19 2.59 -8.60
CA GLY A 4 27.68 1.93 -7.42
C GLY A 4 27.35 2.91 -6.31
N SER A 5 26.15 2.78 -5.74
CA SER A 5 25.72 3.66 -4.66
C SER A 5 24.96 2.88 -3.59
N SER A 6 25.03 3.37 -2.36
CA SER A 6 24.35 2.72 -1.24
C SER A 6 22.85 2.94 -1.31
N GLY A 7 22.11 2.26 -0.44
CA GLY A 7 20.67 2.39 -0.42
C GLY A 7 20.13 2.54 0.99
N PRO A 8 19.10 3.40 1.14
CA PRO A 8 18.47 3.65 2.44
C PRO A 8 17.66 2.46 2.94
N MET A 9 16.85 2.68 3.96
CA MET A 9 16.03 1.61 4.53
C MET A 9 15.40 0.77 3.42
N MET A 10 14.99 -0.45 3.78
CA MET A 10 14.38 -1.36 2.81
C MET A 10 12.86 -1.34 2.95
N PRO A 11 12.16 -1.42 1.81
CA PRO A 11 10.70 -1.42 1.77
C PRO A 11 10.11 -2.71 2.34
N PRO A 12 8.80 -2.68 2.64
CA PRO A 12 8.08 -3.84 3.19
C PRO A 12 7.93 -4.96 2.17
N VAL A 13 7.27 -6.04 2.59
CA VAL A 13 7.05 -7.19 1.71
C VAL A 13 5.66 -7.76 1.90
N GLY A 14 5.35 -8.83 1.16
CA GLY A 14 4.06 -9.46 1.26
C GLY A 14 2.92 -8.50 0.95
N VAL A 15 3.24 -7.43 0.25
CA VAL A 15 2.24 -6.42 -0.12
C VAL A 15 1.19 -7.01 -1.04
N GLN A 16 -0.01 -7.23 -0.50
CA GLN A 16 -1.11 -7.79 -1.29
C GLN A 16 -2.39 -6.98 -1.09
N ALA A 17 -3.34 -7.15 -2.01
CA ALA A 17 -4.61 -6.43 -1.94
C ALA A 17 -5.78 -7.38 -2.15
N SER A 18 -6.48 -7.70 -1.07
CA SER A 18 -7.63 -8.60 -1.14
C SER A 18 -8.92 -7.82 -1.41
N ILE A 19 -9.51 -8.04 -2.58
CA ILE A 19 -10.75 -7.36 -2.94
C ILE A 19 -11.92 -7.88 -2.13
N LEU A 20 -12.28 -7.15 -1.07
CA LEU A 20 -13.38 -7.53 -0.21
C LEU A 20 -14.70 -6.96 -0.73
N SER A 21 -14.66 -5.70 -1.15
CA SER A 21 -15.85 -5.04 -1.67
C SER A 21 -15.49 -4.09 -2.81
N HIS A 22 -16.50 -3.37 -3.31
CA HIS A 22 -16.28 -2.42 -4.40
C HIS A 22 -15.42 -1.25 -3.94
N ASP A 23 -15.54 -0.88 -2.67
CA ASP A 23 -14.76 0.21 -2.11
C ASP A 23 -14.02 -0.22 -0.85
N THR A 24 -13.72 -1.51 -0.78
CA THR A 24 -13.02 -2.06 0.38
C THR A 24 -11.93 -3.04 -0.04
N ILE A 25 -10.73 -2.87 0.50
CA ILE A 25 -9.61 -3.75 0.17
C ILE A 25 -8.69 -3.92 1.37
N ARG A 26 -8.29 -5.16 1.63
CA ARG A 26 -7.40 -5.47 2.74
C ARG A 26 -5.94 -5.43 2.30
N ILE A 27 -5.21 -4.45 2.80
CA ILE A 27 -3.79 -4.29 2.46
C ILE A 27 -2.90 -4.70 3.63
N THR A 28 -2.39 -5.93 3.59
CA THR A 28 -1.53 -6.42 4.65
C THR A 28 -0.13 -6.73 4.11
N TRP A 29 0.89 -6.40 4.91
CA TRP A 29 2.26 -6.64 4.51
C TRP A 29 3.08 -7.22 5.67
N ALA A 30 4.37 -7.41 5.45
CA ALA A 30 5.25 -7.95 6.47
C ALA A 30 6.57 -7.20 6.51
N ASP A 31 7.32 -7.40 7.60
CA ASP A 31 8.61 -6.74 7.76
C ASP A 31 9.67 -7.73 8.22
N ASN A 32 10.81 -7.74 7.54
CA ASN A 32 11.90 -8.63 7.87
C ASN A 32 12.95 -7.93 8.73
N SER A 33 13.13 -6.64 8.48
CA SER A 33 14.09 -5.85 9.24
C SER A 33 13.95 -6.09 10.74
N LEU A 34 12.74 -5.94 11.24
CA LEU A 34 12.47 -6.15 12.66
C LEU A 34 13.13 -7.42 13.17
N PRO A 35 13.44 -7.46 14.47
CA PRO A 35 14.08 -8.62 15.10
C PRO A 35 13.14 -9.82 15.19
N LYS A 36 13.62 -10.90 15.80
CA LYS A 36 12.84 -12.11 15.94
C LYS A 36 11.37 -11.77 16.20
N HIS A 37 11.10 -11.18 17.36
CA HIS A 37 9.73 -10.81 17.72
C HIS A 37 9.24 -9.66 16.86
N GLN A 38 7.99 -9.77 16.40
CA GLN A 38 7.40 -8.74 15.55
C GLN A 38 6.81 -7.62 16.39
N LYS A 39 7.68 -6.77 16.93
CA LYS A 39 7.24 -5.65 17.75
C LYS A 39 7.63 -4.32 17.12
N ILE A 40 6.63 -3.49 16.82
CA ILE A 40 6.87 -2.19 16.22
C ILE A 40 7.21 -1.15 17.27
N THR A 41 8.51 -1.00 17.56
CA THR A 41 8.97 -0.04 18.54
C THR A 41 10.14 0.78 18.01
N ASP A 42 10.06 1.18 16.75
CA ASP A 42 11.12 1.97 16.13
C ASP A 42 10.64 3.38 15.82
N SER A 43 9.69 3.86 16.61
CA SER A 43 9.15 5.20 16.43
C SER A 43 9.04 5.54 14.94
N ARG A 44 8.63 4.55 14.14
CA ARG A 44 8.50 4.75 12.71
C ARG A 44 7.03 4.76 12.29
N TYR A 45 6.75 5.30 11.12
CA TYR A 45 5.38 5.38 10.62
C TYR A 45 5.30 4.89 9.16
N TYR A 46 4.19 4.27 8.82
CA TYR A 46 3.99 3.76 7.47
C TYR A 46 3.23 4.76 6.61
N THR A 47 3.54 4.78 5.31
CA THR A 47 2.89 5.68 4.39
C THR A 47 2.42 4.95 3.13
N VAL A 48 1.13 4.61 3.11
CA VAL A 48 0.55 3.90 1.97
C VAL A 48 -0.07 4.88 0.97
N ARG A 49 0.34 4.77 -0.29
CA ARG A 49 -0.18 5.64 -1.34
C ARG A 49 -1.09 4.87 -2.29
N TRP A 50 -1.93 5.59 -3.01
CA TRP A 50 -2.84 4.98 -3.96
C TRP A 50 -3.38 6.02 -4.95
N LYS A 51 -3.56 5.61 -6.20
CA LYS A 51 -4.07 6.49 -7.23
C LYS A 51 -4.99 5.74 -8.19
N THR A 52 -5.47 6.44 -9.21
CA THR A 52 -6.37 5.85 -10.19
C THR A 52 -5.72 5.80 -11.57
N ASN A 53 -5.53 4.59 -12.09
CA ASN A 53 -4.92 4.41 -13.40
C ASN A 53 -5.56 5.34 -14.43
N ILE A 54 -6.86 5.56 -14.29
CA ILE A 54 -7.59 6.43 -15.20
C ILE A 54 -8.24 7.59 -14.46
N PRO A 55 -7.91 8.82 -14.90
CA PRO A 55 -7.01 9.05 -16.03
C PRO A 55 -5.56 8.70 -15.69
N ALA A 56 -4.65 8.99 -16.61
CA ALA A 56 -3.24 8.70 -16.41
C ALA A 56 -2.61 9.70 -15.44
N ASN A 57 -2.66 10.97 -15.80
CA ASN A 57 -2.10 12.03 -14.96
C ASN A 57 -3.03 12.37 -13.79
N THR A 58 -2.56 12.12 -12.58
CA THR A 58 -3.35 12.39 -11.39
C THR A 58 -2.48 12.38 -10.14
N LYS A 59 -2.59 13.45 -9.33
CA LYS A 59 -1.82 13.56 -8.10
C LYS A 59 -1.81 12.24 -7.34
N TYR A 60 -0.79 12.05 -6.51
CA TYR A 60 -0.66 10.83 -5.72
C TYR A 60 -1.18 11.05 -4.31
N LYS A 61 -1.94 10.08 -3.79
CA LYS A 61 -2.48 10.16 -2.44
C LYS A 61 -1.65 9.34 -1.46
N ASN A 62 -1.88 9.56 -0.18
CA ASN A 62 -1.15 8.83 0.87
C ASN A 62 -1.90 8.89 2.19
N ALA A 63 -1.51 8.02 3.13
CA ALA A 63 -2.14 7.98 4.44
C ALA A 63 -1.10 7.80 5.53
N ASN A 64 -1.58 7.68 6.78
CA ASN A 64 -0.68 7.51 7.92
C ASN A 64 -1.28 6.52 8.92
N ALA A 65 -0.58 5.40 9.11
CA ALA A 65 -1.04 4.38 10.05
C ALA A 65 0.11 3.45 10.45
N THR A 66 0.47 3.49 11.73
CA THR A 66 1.55 2.65 12.24
C THR A 66 1.05 1.25 12.56
N THR A 67 1.24 0.32 11.63
CA THR A 67 0.81 -1.05 11.83
C THR A 67 1.24 -1.93 10.65
N LEU A 68 1.08 -3.24 10.82
CA LEU A 68 1.45 -4.19 9.76
C LEU A 68 0.26 -4.50 8.87
N SER A 69 -0.73 -3.62 8.89
CA SER A 69 -1.93 -3.80 8.07
C SER A 69 -2.67 -2.48 7.89
N TYR A 70 -3.53 -2.43 6.89
CA TYR A 70 -4.31 -1.21 6.61
C TYR A 70 -5.40 -1.50 5.59
N LEU A 71 -6.60 -1.00 5.86
CA LEU A 71 -7.74 -1.19 4.97
C LEU A 71 -8.02 0.07 4.16
N VAL A 72 -7.72 0.02 2.87
CA VAL A 72 -7.95 1.17 1.99
C VAL A 72 -9.42 1.26 1.57
N THR A 73 -10.11 2.27 2.07
CA THR A 73 -11.51 2.47 1.75
C THR A 73 -11.72 3.76 0.96
N GLY A 74 -12.87 3.86 0.30
CA GLY A 74 -13.16 5.06 -0.48
C GLY A 74 -12.61 4.97 -1.90
N LEU A 75 -12.91 3.87 -2.58
CA LEU A 75 -12.43 3.67 -3.95
C LEU A 75 -13.61 3.52 -4.91
N LYS A 76 -13.38 3.84 -6.17
CA LYS A 76 -14.41 3.73 -7.19
C LYS A 76 -14.49 2.31 -7.74
N PRO A 77 -15.73 1.84 -7.98
CA PRO A 77 -15.97 0.50 -8.51
C PRO A 77 -15.53 0.36 -9.96
N ASN A 78 -15.07 -0.83 -10.32
CA ASN A 78 -14.62 -1.09 -11.69
C ASN A 78 -13.54 -0.10 -12.11
N THR A 79 -12.48 0.01 -11.29
CA THR A 79 -11.39 0.92 -11.58
C THR A 79 -10.07 0.39 -11.04
N LEU A 80 -9.01 0.53 -11.82
CA LEU A 80 -7.69 0.07 -11.41
C LEU A 80 -7.05 1.01 -10.40
N TYR A 81 -6.68 0.48 -9.25
CA TYR A 81 -6.06 1.29 -8.20
C TYR A 81 -4.68 0.77 -7.87
N GLU A 82 -3.82 1.66 -7.36
CA GLU A 82 -2.46 1.30 -7.00
C GLU A 82 -2.31 1.20 -5.47
N PHE A 83 -1.30 0.45 -5.03
CA PHE A 83 -1.04 0.28 -3.62
C PHE A 83 0.45 0.07 -3.35
N SER A 84 1.01 0.93 -2.49
CA SER A 84 2.43 0.84 -2.16
C SER A 84 2.67 1.26 -0.72
N VAL A 85 3.45 0.47 0.01
CA VAL A 85 3.76 0.76 1.40
C VAL A 85 5.23 1.09 1.58
N MET A 86 5.50 2.18 2.28
CA MET A 86 6.88 2.62 2.52
C MET A 86 7.11 2.90 4.00
N VAL A 87 8.34 2.71 4.46
CA VAL A 87 8.68 2.94 5.85
C VAL A 87 9.59 4.17 6.00
N THR A 88 9.46 4.86 7.13
CA THR A 88 10.26 6.04 7.39
C THR A 88 10.88 5.99 8.79
N LYS A 89 12.10 6.50 8.90
CA LYS A 89 12.80 6.52 10.18
C LYS A 89 13.49 7.87 10.41
N GLY A 90 13.95 8.08 11.64
CA GLY A 90 14.62 9.33 11.96
C GLY A 90 15.46 9.85 10.82
N ARG A 91 14.90 10.75 10.02
CA ARG A 91 15.60 11.32 8.88
C ARG A 91 15.98 10.24 7.88
N ARG A 92 15.02 9.39 7.54
CA ARG A 92 15.26 8.30 6.59
C ARG A 92 13.97 7.92 5.86
N SER A 93 14.11 7.20 4.75
CA SER A 93 12.97 6.78 3.97
C SER A 93 13.35 5.64 3.02
N SER A 94 12.37 4.79 2.71
CA SER A 94 12.60 3.66 1.82
C SER A 94 11.86 3.85 0.50
N THR A 95 12.21 3.03 -0.50
CA THR A 95 11.58 3.11 -1.80
C THR A 95 10.16 2.56 -1.76
N TRP A 96 9.40 2.79 -2.83
CA TRP A 96 8.03 2.32 -2.92
C TRP A 96 7.98 0.83 -3.25
N SER A 97 7.65 0.02 -2.25
CA SER A 97 7.58 -1.43 -2.42
C SER A 97 6.84 -1.78 -3.70
N MET A 98 6.93 -3.04 -4.10
CA MET A 98 6.26 -3.51 -5.32
C MET A 98 4.82 -3.00 -5.38
N THR A 99 4.57 -2.10 -6.32
CA THR A 99 3.23 -1.53 -6.48
C THR A 99 2.22 -2.61 -6.81
N ALA A 100 1.38 -2.96 -5.84
CA ALA A 100 0.36 -3.97 -6.04
C ALA A 100 -0.92 -3.36 -6.59
N HIS A 101 -1.34 -3.84 -7.76
CA HIS A 101 -2.55 -3.34 -8.40
C HIS A 101 -3.76 -4.19 -8.03
N GLY A 102 -4.84 -3.55 -7.61
CA GLY A 102 -6.03 -4.27 -7.23
C GLY A 102 -7.28 -3.71 -7.90
N THR A 103 -7.98 -4.56 -8.65
CA THR A 103 -9.19 -4.15 -9.35
C THR A 103 -10.43 -4.48 -8.52
N THR A 104 -11.12 -3.44 -8.05
CA THR A 104 -12.32 -3.62 -7.25
C THR A 104 -13.46 -4.20 -8.09
N PHE A 105 -14.51 -4.65 -7.42
CA PHE A 105 -15.66 -5.23 -8.10
C PHE A 105 -16.65 -4.14 -8.52
N GLU A 106 -17.66 -4.54 -9.28
CA GLU A 106 -18.68 -3.59 -9.74
C GLU A 106 -19.74 -3.37 -8.66
N LEU A 107 -20.00 -2.10 -8.35
CA LEU A 107 -20.99 -1.75 -7.34
C LEU A 107 -22.38 -2.24 -7.74
N SER A 108 -22.82 -1.85 -8.94
CA SER A 108 -24.12 -2.26 -9.45
C SER A 108 -24.00 -3.40 -10.45
N GLY A 109 -24.81 -4.43 -10.26
CA GLY A 109 -24.77 -5.57 -11.16
C GLY A 109 -26.14 -6.19 -11.36
N PRO A 110 -26.64 -6.88 -10.33
CA PRO A 110 -27.95 -7.52 -10.38
C PRO A 110 -29.10 -6.52 -10.42
N SER A 111 -28.78 -5.25 -10.20
CA SER A 111 -29.78 -4.20 -10.21
C SER A 111 -29.72 -3.39 -11.50
N SER A 112 -30.43 -3.86 -12.52
CA SER A 112 -30.45 -3.18 -13.82
C SER A 112 -31.02 -1.77 -13.68
N GLY A 113 -30.14 -0.79 -13.67
CA GLY A 113 -30.57 0.60 -13.55
C GLY A 113 -29.67 1.41 -12.64
N GLY A 1 15.88 -6.51 -6.22
CA GLY A 1 16.76 -5.37 -6.42
C GLY A 1 18.21 -5.70 -6.12
N SER A 2 19.07 -5.47 -7.11
CA SER A 2 20.50 -5.74 -6.96
C SER A 2 21.01 -5.24 -5.62
N SER A 3 21.85 -6.04 -4.98
CA SER A 3 22.41 -5.67 -3.67
C SER A 3 23.52 -4.63 -3.84
N GLY A 4 23.44 -3.57 -3.04
CA GLY A 4 24.44 -2.52 -3.11
C GLY A 4 25.19 -2.36 -1.81
N SER A 5 26.20 -1.48 -1.82
CA SER A 5 27.01 -1.24 -0.63
C SER A 5 26.21 -0.50 0.44
N SER A 6 25.79 0.72 0.12
CA SER A 6 25.01 1.53 1.05
C SER A 6 23.58 1.70 0.56
N GLY A 7 22.63 1.14 1.31
CA GLY A 7 21.23 1.25 0.93
C GLY A 7 20.37 1.81 2.05
N PRO A 8 19.34 2.59 1.67
CA PRO A 8 18.42 3.20 2.62
C PRO A 8 17.53 2.18 3.32
N MET A 9 16.65 2.65 4.19
CA MET A 9 15.74 1.78 4.92
C MET A 9 15.14 0.73 3.99
N MET A 10 14.98 -0.49 4.50
CA MET A 10 14.42 -1.58 3.73
C MET A 10 12.90 -1.59 3.82
N PRO A 11 12.22 -1.47 2.66
CA PRO A 11 10.76 -1.46 2.59
C PRO A 11 10.16 -2.82 2.90
N PRO A 12 8.84 -2.85 3.14
CA PRO A 12 8.11 -4.08 3.46
C PRO A 12 8.01 -5.02 2.26
N VAL A 13 7.38 -6.17 2.45
CA VAL A 13 7.23 -7.15 1.39
C VAL A 13 5.85 -7.81 1.45
N GLY A 14 5.62 -8.78 0.57
CA GLY A 14 4.34 -9.47 0.55
C GLY A 14 3.17 -8.51 0.45
N VAL A 15 3.40 -7.36 -0.18
CA VAL A 15 2.35 -6.36 -0.34
C VAL A 15 1.28 -6.84 -1.31
N GLN A 16 0.14 -7.24 -0.79
CA GLN A 16 -0.96 -7.72 -1.61
C GLN A 16 -2.26 -6.99 -1.26
N ALA A 17 -3.27 -7.16 -2.11
CA ALA A 17 -4.57 -6.52 -1.89
C ALA A 17 -5.69 -7.55 -1.81
N SER A 18 -6.59 -7.36 -0.86
CA SER A 18 -7.71 -8.28 -0.68
C SER A 18 -9.02 -7.63 -1.11
N ILE A 19 -9.55 -8.09 -2.25
CA ILE A 19 -10.79 -7.55 -2.77
C ILE A 19 -11.99 -8.07 -1.98
N LEU A 20 -12.49 -7.26 -1.06
CA LEU A 20 -13.63 -7.65 -0.23
C LEU A 20 -14.93 -7.08 -0.80
N SER A 21 -14.85 -5.84 -1.29
CA SER A 21 -16.03 -5.18 -1.86
C SER A 21 -15.63 -4.28 -3.03
N HIS A 22 -16.60 -3.57 -3.59
CA HIS A 22 -16.35 -2.67 -4.71
C HIS A 22 -15.48 -1.50 -4.28
N ASP A 23 -15.61 -1.11 -3.02
CA ASP A 23 -14.84 0.01 -2.49
C ASP A 23 -14.18 -0.37 -1.17
N THR A 24 -13.82 -1.65 -1.04
CA THR A 24 -13.18 -2.14 0.18
C THR A 24 -12.04 -3.10 -0.15
N ILE A 25 -10.86 -2.79 0.36
CA ILE A 25 -9.69 -3.62 0.12
C ILE A 25 -8.75 -3.61 1.32
N ARG A 26 -8.24 -4.78 1.67
CA ARG A 26 -7.32 -4.90 2.81
C ARG A 26 -5.88 -5.06 2.32
N ILE A 27 -5.03 -4.10 2.68
CA ILE A 27 -3.63 -4.13 2.28
C ILE A 27 -2.74 -4.62 3.43
N THR A 28 -2.29 -5.87 3.31
CA THR A 28 -1.44 -6.46 4.34
C THR A 28 -0.03 -6.68 3.82
N TRP A 29 0.97 -6.43 4.68
CA TRP A 29 2.36 -6.59 4.30
C TRP A 29 3.18 -7.12 5.48
N ALA A 30 4.47 -7.35 5.24
CA ALA A 30 5.35 -7.85 6.29
C ALA A 30 6.72 -7.17 6.22
N ASP A 31 7.35 -7.00 7.38
CA ASP A 31 8.67 -6.37 7.44
C ASP A 31 9.70 -7.32 8.02
N ASN A 32 10.43 -8.00 7.14
CA ASN A 32 11.45 -8.95 7.56
C ASN A 32 12.25 -8.40 8.75
N SER A 33 12.73 -7.17 8.60
CA SER A 33 13.51 -6.53 9.66
C SER A 33 12.94 -6.87 11.03
N LEU A 34 11.63 -6.76 11.17
CA LEU A 34 10.96 -7.06 12.43
C LEU A 34 11.42 -8.41 12.98
N PRO A 35 11.33 -8.56 14.31
CA PRO A 35 11.72 -9.80 15.00
C PRO A 35 10.78 -10.96 14.69
N LYS A 36 10.85 -12.00 15.51
CA LYS A 36 10.01 -13.18 15.33
C LYS A 36 8.55 -12.86 15.68
N HIS A 37 8.35 -12.14 16.78
CA HIS A 37 7.01 -11.76 17.22
C HIS A 37 6.55 -10.50 16.51
N GLN A 38 7.12 -10.23 15.33
CA GLN A 38 6.77 -9.05 14.56
C GLN A 38 6.40 -7.89 15.48
N LYS A 39 7.09 -7.79 16.61
CA LYS A 39 6.84 -6.73 17.57
C LYS A 39 7.52 -5.43 17.15
N ILE A 40 6.72 -4.41 16.86
CA ILE A 40 7.25 -3.12 16.44
C ILE A 40 8.01 -2.44 17.57
N THR A 41 9.33 -2.57 17.56
CA THR A 41 10.18 -1.97 18.58
C THR A 41 10.42 -0.49 18.29
N ASP A 42 10.43 -0.14 17.02
CA ASP A 42 10.66 1.24 16.61
C ASP A 42 9.34 1.95 16.33
N SER A 43 9.27 3.23 16.70
CA SER A 43 8.06 4.01 16.51
C SER A 43 8.10 4.74 15.17
N ARG A 44 7.93 4.00 14.09
CA ARG A 44 7.96 4.58 12.75
C ARG A 44 6.55 4.71 12.19
N TYR A 45 6.39 5.58 11.19
CA TYR A 45 5.09 5.81 10.57
C TYR A 45 5.08 5.30 9.14
N TYR A 46 4.12 4.42 8.84
CA TYR A 46 4.00 3.85 7.51
C TYR A 46 3.14 4.74 6.61
N THR A 47 3.57 4.92 5.37
CA THR A 47 2.85 5.75 4.41
C THR A 47 2.39 4.93 3.20
N VAL A 48 1.07 4.77 3.07
CA VAL A 48 0.51 4.02 1.96
C VAL A 48 -0.13 4.94 0.94
N ARG A 49 0.47 5.00 -0.24
CA ARG A 49 -0.04 5.85 -1.32
C ARG A 49 -0.83 5.02 -2.34
N TRP A 50 -1.89 5.62 -2.87
CA TRP A 50 -2.73 4.94 -3.85
C TRP A 50 -3.28 5.94 -4.87
N LYS A 51 -3.60 5.43 -6.06
CA LYS A 51 -4.14 6.27 -7.13
C LYS A 51 -4.82 5.43 -8.19
N THR A 52 -5.38 6.09 -9.21
CA THR A 52 -6.07 5.40 -10.29
C THR A 52 -5.21 5.35 -11.54
N ASN A 53 -5.35 4.28 -12.32
CA ASN A 53 -4.58 4.12 -13.55
C ASN A 53 -5.19 4.94 -14.68
N ILE A 54 -6.41 5.43 -14.46
CA ILE A 54 -7.10 6.23 -15.46
C ILE A 54 -7.92 7.34 -14.79
N PRO A 55 -7.64 8.60 -15.18
CA PRO A 55 -6.61 8.91 -16.18
C PRO A 55 -5.20 8.65 -15.65
N ALA A 56 -4.24 8.55 -16.57
CA ALA A 56 -2.85 8.31 -16.20
C ALA A 56 -2.39 9.30 -15.13
N ASN A 57 -2.59 10.59 -15.41
CA ASN A 57 -2.19 11.64 -14.48
C ASN A 57 -3.32 11.98 -13.52
N THR A 58 -3.19 11.51 -12.28
CA THR A 58 -4.20 11.76 -11.26
C THR A 58 -3.57 12.19 -9.95
N LYS A 59 -4.40 12.53 -8.97
CA LYS A 59 -3.92 12.97 -7.67
C LYS A 59 -3.46 11.77 -6.83
N TYR A 60 -2.42 11.97 -6.04
CA TYR A 60 -1.88 10.92 -5.19
C TYR A 60 -2.41 11.04 -3.76
N LYS A 61 -3.06 9.98 -3.30
CA LYS A 61 -3.61 9.97 -1.94
C LYS A 61 -2.84 9.00 -1.05
N ASN A 62 -2.40 9.49 0.11
CA ASN A 62 -1.64 8.68 1.05
C ASN A 62 -2.40 8.53 2.36
N ALA A 63 -1.95 7.60 3.20
CA ALA A 63 -2.59 7.36 4.49
C ALA A 63 -1.55 7.11 5.57
N ASN A 64 -1.74 7.76 6.72
CA ASN A 64 -0.81 7.62 7.84
C ASN A 64 -1.34 6.61 8.86
N ALA A 65 -0.62 5.51 9.02
CA ALA A 65 -1.02 4.47 9.97
C ALA A 65 0.17 3.59 10.34
N THR A 66 0.52 3.60 11.62
CA THR A 66 1.64 2.80 12.11
C THR A 66 1.20 1.39 12.46
N THR A 67 1.39 0.46 11.53
CA THR A 67 1.01 -0.93 11.74
C THR A 67 1.45 -1.80 10.56
N LEU A 68 1.07 -3.07 10.60
CA LEU A 68 1.41 -4.01 9.53
C LEU A 68 0.17 -4.46 8.78
N SER A 69 -0.84 -3.59 8.74
CA SER A 69 -2.08 -3.90 8.05
C SER A 69 -2.94 -2.64 7.89
N TYR A 70 -3.15 -2.23 6.64
CA TYR A 70 -3.94 -1.05 6.35
C TYR A 70 -5.06 -1.37 5.37
N LEU A 71 -6.28 -0.97 5.72
CA LEU A 71 -7.44 -1.22 4.88
C LEU A 71 -7.87 0.05 4.16
N VAL A 72 -7.78 0.03 2.83
CA VAL A 72 -8.16 1.18 2.02
C VAL A 72 -9.68 1.27 1.86
N THR A 73 -10.23 2.46 2.04
CA THR A 73 -11.67 2.67 1.91
C THR A 73 -11.96 3.94 1.12
N GLY A 74 -13.10 3.94 0.43
CA GLY A 74 -13.48 5.10 -0.36
C GLY A 74 -12.86 5.09 -1.75
N LEU A 75 -13.10 4.02 -2.49
CA LEU A 75 -12.56 3.88 -3.84
C LEU A 75 -13.68 3.81 -4.87
N LYS A 76 -13.31 3.59 -6.12
CA LYS A 76 -14.28 3.48 -7.21
C LYS A 76 -14.37 2.06 -7.73
N PRO A 77 -15.59 1.62 -8.06
CA PRO A 77 -15.85 0.27 -8.58
C PRO A 77 -15.29 0.07 -9.98
N ASN A 78 -14.99 -1.17 -10.33
CA ASN A 78 -14.46 -1.50 -11.64
C ASN A 78 -13.46 -0.44 -12.09
N THR A 79 -12.48 -0.14 -11.22
CA THR A 79 -11.46 0.85 -11.53
C THR A 79 -10.10 0.43 -10.99
N LEU A 80 -9.10 0.41 -11.86
CA LEU A 80 -7.76 0.04 -11.47
C LEU A 80 -7.16 1.04 -10.48
N TYR A 81 -6.58 0.54 -9.41
CA TYR A 81 -5.98 1.39 -8.39
C TYR A 81 -4.57 0.91 -8.03
N GLU A 82 -3.81 1.77 -7.39
CA GLU A 82 -2.44 1.43 -6.97
C GLU A 82 -2.32 1.36 -5.46
N PHE A 83 -1.46 0.48 -4.98
CA PHE A 83 -1.25 0.32 -3.54
C PHE A 83 0.21 0.03 -3.23
N SER A 84 0.77 0.77 -2.28
CA SER A 84 2.16 0.59 -1.89
C SER A 84 2.36 0.93 -0.42
N VAL A 85 3.47 0.47 0.14
CA VAL A 85 3.79 0.73 1.54
C VAL A 85 5.27 1.04 1.73
N MET A 86 5.55 2.07 2.52
CA MET A 86 6.93 2.47 2.78
C MET A 86 7.11 2.91 4.24
N VAL A 87 8.30 2.71 4.78
CA VAL A 87 8.60 3.09 6.15
C VAL A 87 9.56 4.27 6.21
N THR A 88 9.42 5.09 7.24
CA THR A 88 10.27 6.27 7.40
C THR A 88 10.72 6.41 8.85
N LYS A 89 12.03 6.50 9.05
CA LYS A 89 12.60 6.65 10.38
C LYS A 89 13.16 8.05 10.59
N GLY A 90 12.30 9.05 10.45
CA GLY A 90 12.72 10.43 10.61
C GLY A 90 13.40 10.99 9.39
N ARG A 91 14.74 10.92 9.36
CA ARG A 91 15.51 11.43 8.24
C ARG A 91 15.67 10.36 7.17
N ARG A 92 15.67 9.10 7.59
CA ARG A 92 15.82 7.97 6.67
C ARG A 92 14.47 7.54 6.13
N SER A 93 14.47 6.97 4.92
CA SER A 93 13.24 6.51 4.29
C SER A 93 13.50 5.29 3.42
N SER A 94 12.44 4.57 3.07
CA SER A 94 12.56 3.38 2.24
C SER A 94 11.75 3.53 0.95
N THR A 95 12.34 3.12 -0.16
CA THR A 95 11.67 3.21 -1.46
C THR A 95 10.30 2.55 -1.41
N TRP A 96 9.54 2.73 -2.49
CA TRP A 96 8.21 2.15 -2.58
C TRP A 96 8.27 0.68 -2.95
N SER A 97 7.75 -0.18 -2.08
CA SER A 97 7.74 -1.62 -2.31
C SER A 97 6.89 -1.97 -3.53
N MET A 98 6.95 -3.23 -3.94
CA MET A 98 6.18 -3.69 -5.09
C MET A 98 4.75 -3.20 -5.01
N THR A 99 4.31 -2.52 -6.07
CA THR A 99 2.95 -1.98 -6.13
C THR A 99 1.93 -3.09 -6.39
N ALA A 100 1.00 -3.26 -5.45
CA ALA A 100 -0.03 -4.27 -5.58
C ALA A 100 -1.24 -3.74 -6.33
N HIS A 101 -1.52 -4.33 -7.48
CA HIS A 101 -2.66 -3.92 -8.31
C HIS A 101 -3.91 -4.72 -7.95
N GLY A 102 -4.92 -4.03 -7.44
CA GLY A 102 -6.16 -4.68 -7.06
C GLY A 102 -7.37 -4.04 -7.71
N THR A 103 -8.02 -4.79 -8.60
CA THR A 103 -9.20 -4.30 -9.30
C THR A 103 -10.47 -4.64 -8.53
N THR A 104 -11.16 -3.61 -8.04
CA THR A 104 -12.40 -3.81 -7.29
C THR A 104 -13.51 -4.37 -8.18
N PHE A 105 -14.57 -4.86 -7.56
CA PHE A 105 -15.69 -5.42 -8.30
C PHE A 105 -16.60 -4.31 -8.83
N GLU A 106 -17.48 -4.66 -9.77
CA GLU A 106 -18.39 -3.70 -10.36
C GLU A 106 -19.56 -3.41 -9.42
N LEU A 107 -19.94 -2.14 -9.34
CA LEU A 107 -21.04 -1.73 -8.47
C LEU A 107 -22.26 -1.32 -9.31
N SER A 108 -22.05 -0.40 -10.24
CA SER A 108 -23.13 0.07 -11.09
C SER A 108 -23.18 -0.72 -12.39
N GLY A 109 -24.39 -0.94 -12.91
CA GLY A 109 -24.54 -1.67 -14.14
C GLY A 109 -25.93 -1.54 -14.74
N PRO A 110 -26.81 -2.49 -14.42
CA PRO A 110 -28.20 -2.48 -14.92
C PRO A 110 -29.03 -1.37 -14.29
N SER A 111 -29.81 -0.69 -15.13
CA SER A 111 -30.67 0.40 -14.66
C SER A 111 -31.80 0.67 -15.64
N SER A 112 -33.03 0.55 -15.15
CA SER A 112 -34.21 0.78 -15.98
C SER A 112 -34.17 2.16 -16.62
N GLY A 113 -34.50 2.23 -17.90
CA GLY A 113 -34.50 3.49 -18.61
C GLY A 113 -35.13 3.40 -19.98
N GLY A 1 18.85 1.27 -15.61
CA GLY A 1 20.02 0.81 -14.89
C GLY A 1 20.31 1.66 -13.66
N SER A 2 19.70 1.29 -12.54
CA SER A 2 19.89 2.03 -11.30
C SER A 2 21.15 1.57 -10.58
N SER A 3 21.90 2.52 -10.04
CA SER A 3 23.15 2.21 -9.34
C SER A 3 23.45 3.28 -8.28
N GLY A 4 23.96 2.83 -7.14
CA GLY A 4 24.29 3.77 -6.07
C GLY A 4 24.92 3.08 -4.88
N SER A 5 25.65 3.85 -4.08
CA SER A 5 26.32 3.30 -2.90
C SER A 5 25.62 3.75 -1.62
N SER A 6 24.55 3.05 -1.25
CA SER A 6 23.79 3.38 -0.05
C SER A 6 22.90 2.22 0.38
N GLY A 7 22.81 2.01 1.68
CA GLY A 7 21.99 0.92 2.20
C GLY A 7 20.92 1.40 3.16
N PRO A 8 19.95 2.17 2.64
CA PRO A 8 18.85 2.72 3.44
C PRO A 8 17.88 1.65 3.89
N MET A 9 16.79 2.07 4.54
CA MET A 9 15.79 1.13 5.02
C MET A 9 15.11 0.41 3.87
N MET A 10 14.69 -0.83 4.10
CA MET A 10 14.02 -1.62 3.08
C MET A 10 12.52 -1.43 3.14
N PRO A 11 11.87 -1.43 1.96
CA PRO A 11 10.42 -1.26 1.84
C PRO A 11 9.65 -2.47 2.38
N PRO A 12 8.35 -2.27 2.63
CA PRO A 12 7.47 -3.33 3.15
C PRO A 12 7.21 -4.41 2.10
N VAL A 13 7.56 -5.65 2.45
CA VAL A 13 7.35 -6.77 1.54
C VAL A 13 5.95 -7.37 1.71
N GLY A 14 5.67 -8.43 0.95
CA GLY A 14 4.37 -9.07 1.04
C GLY A 14 3.23 -8.10 0.82
N VAL A 15 3.44 -7.12 -0.04
CA VAL A 15 2.42 -6.12 -0.33
C VAL A 15 1.35 -6.68 -1.26
N GLN A 16 0.24 -7.11 -0.69
CA GLN A 16 -0.86 -7.67 -1.46
C GLN A 16 -2.18 -6.98 -1.11
N ALA A 17 -3.16 -7.13 -2.00
CA ALA A 17 -4.48 -6.53 -1.78
C ALA A 17 -5.57 -7.59 -1.78
N SER A 18 -6.44 -7.54 -0.77
CA SER A 18 -7.52 -8.50 -0.65
C SER A 18 -8.85 -7.86 -1.01
N ILE A 19 -9.39 -8.23 -2.17
CA ILE A 19 -10.65 -7.70 -2.64
C ILE A 19 -11.81 -8.17 -1.78
N LEU A 20 -12.36 -7.27 -0.98
CA LEU A 20 -13.48 -7.60 -0.10
C LEU A 20 -14.80 -7.11 -0.69
N SER A 21 -14.80 -5.87 -1.16
CA SER A 21 -16.00 -5.29 -1.76
C SER A 21 -15.64 -4.38 -2.93
N HIS A 22 -16.65 -3.71 -3.47
CA HIS A 22 -16.43 -2.80 -4.60
C HIS A 22 -15.56 -1.62 -4.19
N ASP A 23 -15.66 -1.23 -2.92
CA ASP A 23 -14.88 -0.11 -2.40
C ASP A 23 -14.18 -0.50 -1.09
N THR A 24 -13.72 -1.74 -1.02
CA THR A 24 -13.05 -2.24 0.16
C THR A 24 -11.88 -3.14 -0.20
N ILE A 25 -10.69 -2.80 0.30
CA ILE A 25 -9.49 -3.58 0.02
C ILE A 25 -8.54 -3.57 1.21
N ARG A 26 -8.10 -4.76 1.63
CA ARG A 26 -7.20 -4.89 2.76
C ARG A 26 -5.76 -5.05 2.27
N ILE A 27 -4.90 -4.10 2.65
CA ILE A 27 -3.50 -4.15 2.25
C ILE A 27 -2.62 -4.64 3.41
N THR A 28 -2.09 -5.85 3.26
CA THR A 28 -1.24 -6.44 4.27
C THR A 28 0.19 -6.61 3.76
N TRP A 29 1.16 -6.34 4.64
CA TRP A 29 2.56 -6.46 4.27
C TRP A 29 3.39 -6.99 5.45
N ALA A 30 4.67 -7.25 5.20
CA ALA A 30 5.55 -7.76 6.23
C ALA A 30 6.82 -6.91 6.33
N ASP A 31 7.40 -6.85 7.52
CA ASP A 31 8.61 -6.08 7.75
C ASP A 31 9.73 -6.96 8.29
N ASN A 32 10.48 -7.57 7.38
CA ASN A 32 11.58 -8.45 7.76
C ASN A 32 12.30 -7.90 9.00
N SER A 33 12.34 -6.58 9.12
CA SER A 33 13.00 -5.93 10.25
C SER A 33 12.46 -6.48 11.58
N LEU A 34 11.14 -6.52 11.70
CA LEU A 34 10.51 -7.01 12.91
C LEU A 34 11.01 -8.42 13.26
N PRO A 35 11.00 -8.74 14.56
CA PRO A 35 11.44 -10.05 15.05
C PRO A 35 10.48 -11.17 14.66
N LYS A 36 10.80 -12.38 15.10
CA LYS A 36 9.96 -13.54 14.81
C LYS A 36 8.49 -13.21 15.01
N HIS A 37 8.22 -12.27 15.92
CA HIS A 37 6.86 -11.86 16.22
C HIS A 37 6.49 -10.59 15.45
N GLN A 38 5.21 -10.48 15.07
CA GLN A 38 4.74 -9.32 14.33
C GLN A 38 4.23 -8.24 15.27
N LYS A 39 5.15 -7.43 15.79
CA LYS A 39 4.79 -6.35 16.70
C LYS A 39 5.70 -5.15 16.52
N ILE A 40 5.11 -4.01 16.17
CA ILE A 40 5.87 -2.79 15.96
C ILE A 40 6.09 -2.04 17.27
N THR A 41 7.33 -2.05 17.76
CA THR A 41 7.67 -1.37 19.00
C THR A 41 8.65 -0.24 18.77
N ASP A 42 8.51 0.43 17.63
CA ASP A 42 9.40 1.54 17.27
C ASP A 42 8.60 2.82 17.05
N SER A 43 9.30 3.93 16.88
CA SER A 43 8.66 5.22 16.66
C SER A 43 8.65 5.57 15.17
N ARG A 44 8.27 4.61 14.34
CA ARG A 44 8.23 4.81 12.90
C ARG A 44 6.79 4.89 12.41
N TYR A 45 6.61 5.39 11.19
CA TYR A 45 5.28 5.53 10.61
C TYR A 45 5.25 4.96 9.19
N TYR A 46 4.12 4.36 8.83
CA TYR A 46 3.96 3.78 7.50
C TYR A 46 3.13 4.69 6.60
N THR A 47 3.65 4.99 5.42
CA THR A 47 2.95 5.85 4.46
C THR A 47 2.46 5.06 3.26
N VAL A 48 1.14 4.96 3.11
CA VAL A 48 0.55 4.23 2.00
C VAL A 48 -0.02 5.18 0.96
N ARG A 49 0.57 5.17 -0.23
CA ARG A 49 0.11 6.04 -1.32
C ARG A 49 -0.74 5.26 -2.31
N TRP A 50 -1.79 5.91 -2.80
CA TRP A 50 -2.70 5.27 -3.76
C TRP A 50 -3.28 6.30 -4.71
N LYS A 51 -3.48 5.90 -5.97
CA LYS A 51 -4.03 6.79 -6.98
C LYS A 51 -4.98 6.04 -7.90
N THR A 52 -5.50 6.73 -8.92
CA THR A 52 -6.41 6.13 -9.86
C THR A 52 -5.73 5.85 -11.20
N ASN A 53 -5.60 4.57 -11.53
CA ASN A 53 -4.96 4.18 -12.78
C ASN A 53 -5.51 4.98 -13.95
N ILE A 54 -6.82 5.24 -13.94
CA ILE A 54 -7.46 6.00 -15.00
C ILE A 54 -8.31 7.14 -14.42
N PRO A 55 -8.02 8.37 -14.86
CA PRO A 55 -6.96 8.64 -15.84
C PRO A 55 -5.57 8.41 -15.26
N ALA A 56 -4.54 8.76 -16.03
CA ALA A 56 -3.16 8.59 -15.59
C ALA A 56 -2.62 9.90 -15.01
N ASN A 57 -1.50 9.80 -14.30
CA ASN A 57 -0.88 10.97 -13.69
C ASN A 57 -1.88 11.75 -12.85
N THR A 58 -2.65 11.02 -12.04
CA THR A 58 -3.65 11.64 -11.18
C THR A 58 -3.07 11.99 -9.81
N LYS A 59 -3.51 13.11 -9.26
CA LYS A 59 -3.03 13.55 -7.95
C LYS A 59 -2.77 12.35 -7.04
N TYR A 60 -1.71 12.45 -6.24
CA TYR A 60 -1.36 11.38 -5.31
C TYR A 60 -2.02 11.59 -3.95
N LYS A 61 -2.20 10.50 -3.22
CA LYS A 61 -2.83 10.55 -1.91
C LYS A 61 -2.11 9.63 -0.92
N ASN A 62 -1.67 10.19 0.20
CA ASN A 62 -0.97 9.42 1.22
C ASN A 62 -1.83 9.24 2.46
N ALA A 63 -1.49 8.25 3.28
CA ALA A 63 -2.24 7.98 4.50
C ALA A 63 -1.31 7.59 5.64
N ASN A 64 -1.59 8.11 6.83
CA ASN A 64 -0.78 7.83 8.01
C ASN A 64 -1.42 6.75 8.87
N ALA A 65 -0.73 5.62 9.03
CA ALA A 65 -1.22 4.52 9.83
C ALA A 65 -0.09 3.60 10.27
N THR A 66 0.08 3.48 11.58
CA THR A 66 1.14 2.63 12.13
C THR A 66 0.63 1.22 12.38
N THR A 67 0.89 0.32 11.43
CA THR A 67 0.46 -1.06 11.54
C THR A 67 0.98 -1.90 10.38
N LEU A 68 0.56 -3.16 10.33
CA LEU A 68 0.98 -4.06 9.27
C LEU A 68 -0.18 -4.39 8.34
N SER A 69 -1.22 -3.56 8.38
CA SER A 69 -2.40 -3.78 7.55
C SER A 69 -3.22 -2.49 7.43
N TYR A 70 -3.44 -2.05 6.19
CA TYR A 70 -4.21 -0.84 5.95
C TYR A 70 -5.45 -1.14 5.12
N LEU A 71 -6.60 -0.64 5.57
CA LEU A 71 -7.86 -0.85 4.88
C LEU A 71 -8.26 0.40 4.09
N VAL A 72 -8.08 0.34 2.77
CA VAL A 72 -8.42 1.47 1.91
C VAL A 72 -9.90 1.45 1.55
N THR A 73 -10.61 2.49 1.96
CA THR A 73 -12.04 2.60 1.68
C THR A 73 -12.35 3.85 0.87
N GLY A 74 -13.54 3.88 0.25
CA GLY A 74 -13.93 5.02 -0.54
C GLY A 74 -13.36 4.97 -1.95
N LEU A 75 -13.30 3.77 -2.51
CA LEU A 75 -12.77 3.59 -3.86
C LEU A 75 -13.91 3.51 -4.89
N LYS A 76 -13.55 3.43 -6.16
CA LYS A 76 -14.54 3.34 -7.23
C LYS A 76 -14.67 1.91 -7.72
N PRO A 77 -15.92 1.49 -7.98
CA PRO A 77 -16.21 0.13 -8.47
C PRO A 77 -15.74 -0.08 -9.90
N ASN A 78 -15.46 -1.33 -10.24
CA ASN A 78 -14.99 -1.67 -11.58
C ASN A 78 -13.92 -0.69 -12.05
N THR A 79 -12.92 -0.46 -11.21
CA THR A 79 -11.83 0.46 -11.54
C THR A 79 -10.50 -0.07 -11.01
N LEU A 80 -9.46 0.04 -11.84
CA LEU A 80 -8.13 -0.41 -11.47
C LEU A 80 -7.50 0.52 -10.44
N TYR A 81 -7.07 -0.05 -9.31
CA TYR A 81 -6.46 0.74 -8.25
C TYR A 81 -5.18 0.06 -7.75
N GLU A 82 -4.17 0.88 -7.47
CA GLU A 82 -2.89 0.36 -6.99
C GLU A 82 -2.55 0.95 -5.62
N PHE A 83 -1.61 0.32 -4.92
CA PHE A 83 -1.20 0.77 -3.60
C PHE A 83 0.28 0.50 -3.37
N SER A 84 0.91 1.31 -2.52
CA SER A 84 2.32 1.15 -2.21
C SER A 84 2.61 1.55 -0.76
N VAL A 85 3.27 0.66 -0.03
CA VAL A 85 3.61 0.91 1.36
C VAL A 85 5.11 1.17 1.52
N MET A 86 5.46 2.09 2.40
CA MET A 86 6.85 2.43 2.65
C MET A 86 7.09 2.74 4.12
N VAL A 87 8.29 2.46 4.61
CA VAL A 87 8.64 2.71 6.00
C VAL A 87 9.64 3.86 6.12
N THR A 88 9.51 4.64 7.20
CA THR A 88 10.40 5.77 7.43
C THR A 88 10.81 5.84 8.89
N LYS A 89 12.09 6.12 9.12
CA LYS A 89 12.63 6.22 10.46
C LYS A 89 13.14 7.63 10.75
N GLY A 90 12.22 8.58 10.85
CA GLY A 90 12.61 9.95 11.12
C GLY A 90 13.31 10.59 9.95
N ARG A 91 14.63 10.37 9.86
CA ARG A 91 15.43 10.93 8.78
C ARG A 91 15.61 9.92 7.65
N ARG A 92 15.71 8.65 8.02
CA ARG A 92 15.90 7.58 7.04
C ARG A 92 14.55 7.16 6.45
N SER A 93 14.61 6.48 5.31
CA SER A 93 13.40 6.02 4.63
C SER A 93 13.74 4.95 3.59
N SER A 94 12.73 4.20 3.18
CA SER A 94 12.91 3.15 2.18
C SER A 94 12.11 3.45 0.92
N THR A 95 12.53 2.85 -0.19
CA THR A 95 11.85 3.06 -1.47
C THR A 95 10.40 2.61 -1.40
N TRP A 96 9.68 2.78 -2.50
CA TRP A 96 8.28 2.39 -2.58
C TRP A 96 8.14 0.92 -2.96
N SER A 97 7.48 0.14 -2.11
CA SER A 97 7.28 -1.27 -2.36
C SER A 97 6.64 -1.50 -3.73
N MET A 98 6.70 -2.74 -4.21
CA MET A 98 6.14 -3.10 -5.50
C MET A 98 4.67 -2.70 -5.58
N THR A 99 4.38 -1.67 -6.37
CA THR A 99 3.02 -1.18 -6.53
C THR A 99 2.05 -2.35 -6.71
N ALA A 100 1.23 -2.59 -5.69
CA ALA A 100 0.24 -3.67 -5.74
C ALA A 100 -1.05 -3.21 -6.40
N HIS A 101 -1.48 -3.95 -7.43
CA HIS A 101 -2.70 -3.61 -8.14
C HIS A 101 -3.85 -4.48 -7.69
N GLY A 102 -5.05 -3.90 -7.59
CA GLY A 102 -6.21 -4.64 -7.15
C GLY A 102 -7.49 -4.10 -7.76
N THR A 103 -8.13 -4.90 -8.61
CA THR A 103 -9.37 -4.49 -9.26
C THR A 103 -10.59 -4.87 -8.41
N THR A 104 -11.39 -3.88 -8.06
CA THR A 104 -12.58 -4.11 -7.25
C THR A 104 -13.73 -4.64 -8.10
N PHE A 105 -14.72 -5.23 -7.45
CA PHE A 105 -15.88 -5.78 -8.15
C PHE A 105 -16.84 -4.66 -8.55
N GLU A 106 -17.89 -5.03 -9.28
CA GLU A 106 -18.89 -4.07 -9.73
C GLU A 106 -19.88 -3.75 -8.62
N LEU A 107 -20.26 -2.48 -8.52
CA LEU A 107 -21.21 -2.04 -7.49
C LEU A 107 -22.63 -2.45 -7.86
N SER A 108 -23.03 -3.66 -7.44
CA SER A 108 -24.36 -4.16 -7.74
C SER A 108 -25.41 -3.06 -7.55
N GLY A 109 -26.26 -2.90 -8.56
CA GLY A 109 -27.30 -1.88 -8.48
C GLY A 109 -27.83 -1.50 -9.86
N PRO A 110 -27.62 -0.24 -10.25
CA PRO A 110 -28.08 0.29 -11.53
C PRO A 110 -27.29 -0.31 -12.70
N SER A 111 -26.24 -1.05 -12.38
CA SER A 111 -25.41 -1.67 -13.41
C SER A 111 -26.03 -2.97 -13.90
N SER A 112 -27.25 -2.87 -14.44
CA SER A 112 -27.96 -4.03 -14.95
C SER A 112 -27.04 -4.91 -15.79
N GLY A 113 -26.46 -4.31 -16.83
CA GLY A 113 -25.56 -5.05 -17.70
C GLY A 113 -25.60 -4.56 -19.13
N GLY A 1 23.75 0.47 -11.98
CA GLY A 1 23.79 1.67 -12.78
C GLY A 1 24.21 2.89 -11.97
N SER A 2 23.23 3.57 -11.37
CA SER A 2 23.50 4.75 -10.57
C SER A 2 22.55 4.84 -9.38
N SER A 3 23.01 5.46 -8.30
CA SER A 3 22.20 5.60 -7.10
C SER A 3 22.32 7.01 -6.53
N GLY A 4 21.17 7.61 -6.20
CA GLY A 4 21.16 8.95 -5.65
C GLY A 4 20.64 8.99 -4.23
N SER A 5 21.38 8.37 -3.32
CA SER A 5 20.99 8.33 -1.91
C SER A 5 22.19 7.99 -1.03
N SER A 6 21.98 8.09 0.28
CA SER A 6 23.04 7.79 1.24
C SER A 6 22.90 6.37 1.78
N GLY A 7 21.78 6.11 2.45
CA GLY A 7 21.54 4.79 3.01
C GLY A 7 20.19 4.70 3.70
N PRO A 8 19.11 4.68 2.90
CA PRO A 8 17.75 4.59 3.41
C PRO A 8 17.44 3.22 4.01
N MET A 9 16.30 3.12 4.71
CA MET A 9 15.91 1.87 5.33
C MET A 9 15.36 0.90 4.29
N MET A 10 15.08 -0.33 4.72
CA MET A 10 14.55 -1.35 3.82
C MET A 10 13.02 -1.33 3.81
N PRO A 11 12.43 -1.32 2.61
CA PRO A 11 10.97 -1.29 2.44
C PRO A 11 10.32 -2.61 2.86
N PRO A 12 8.99 -2.59 3.01
CA PRO A 12 8.22 -3.78 3.40
C PRO A 12 8.17 -4.82 2.30
N VAL A 13 7.53 -5.95 2.59
CA VAL A 13 7.42 -7.04 1.63
C VAL A 13 6.10 -7.80 1.80
N GLY A 14 5.88 -8.80 0.95
CA GLY A 14 4.67 -9.59 1.04
C GLY A 14 3.42 -8.75 0.86
N VAL A 15 3.56 -7.60 0.18
CA VAL A 15 2.45 -6.71 -0.06
C VAL A 15 1.40 -7.37 -0.96
N GLN A 16 0.20 -7.52 -0.43
CA GLN A 16 -0.90 -8.13 -1.19
C GLN A 16 -2.08 -7.19 -1.31
N ALA A 17 -3.01 -7.52 -2.20
CA ALA A 17 -4.19 -6.69 -2.41
C ALA A 17 -5.46 -7.54 -2.42
N SER A 18 -6.19 -7.51 -1.31
CA SER A 18 -7.42 -8.28 -1.18
C SER A 18 -8.64 -7.41 -1.47
N ILE A 19 -9.63 -8.01 -2.12
CA ILE A 19 -10.86 -7.29 -2.47
C ILE A 19 -12.04 -7.78 -1.64
N LEU A 20 -12.70 -6.85 -0.97
CA LEU A 20 -13.85 -7.18 -0.13
C LEU A 20 -15.14 -6.60 -0.71
N SER A 21 -15.07 -5.34 -1.14
CA SER A 21 -16.22 -4.66 -1.71
C SER A 21 -15.79 -3.71 -2.82
N HIS A 22 -16.77 -3.07 -3.45
CA HIS A 22 -16.50 -2.12 -4.53
C HIS A 22 -15.75 -0.90 -4.00
N ASP A 23 -15.83 -0.69 -2.70
CA ASP A 23 -15.16 0.45 -2.06
C ASP A 23 -14.37 0.00 -0.84
N THR A 24 -14.01 -1.27 -0.81
CA THR A 24 -13.25 -1.83 0.31
C THR A 24 -12.10 -2.72 -0.18
N ILE A 25 -10.93 -2.53 0.40
CA ILE A 25 -9.76 -3.31 0.03
C ILE A 25 -8.74 -3.36 1.16
N ARG A 26 -8.35 -4.57 1.54
CA ARG A 26 -7.38 -4.77 2.61
C ARG A 26 -5.97 -4.94 2.05
N ILE A 27 -5.02 -4.22 2.63
CA ILE A 27 -3.63 -4.30 2.20
C ILE A 27 -2.71 -4.69 3.34
N THR A 28 -2.22 -5.93 3.30
CA THR A 28 -1.32 -6.43 4.34
C THR A 28 0.11 -6.56 3.82
N TRP A 29 1.07 -6.52 4.73
CA TRP A 29 2.48 -6.64 4.36
C TRP A 29 3.31 -7.16 5.53
N ALA A 30 4.61 -7.29 5.31
CA ALA A 30 5.51 -7.78 6.35
C ALA A 30 6.86 -7.06 6.28
N ASP A 31 7.44 -6.82 7.45
CA ASP A 31 8.73 -6.14 7.54
C ASP A 31 9.83 -7.12 7.92
N ASN A 32 10.98 -7.00 7.27
CA ASN A 32 12.12 -7.87 7.54
C ASN A 32 12.94 -7.35 8.71
N SER A 33 12.88 -6.04 8.92
CA SER A 33 13.63 -5.41 10.01
C SER A 33 13.23 -6.01 11.35
N LEU A 34 11.92 -6.11 11.58
CA LEU A 34 11.41 -6.67 12.83
C LEU A 34 12.05 -8.03 13.13
N PRO A 35 12.26 -8.31 14.42
CA PRO A 35 12.86 -9.57 14.87
C PRO A 35 11.93 -10.76 14.65
N LYS A 36 12.38 -11.95 15.05
CA LYS A 36 11.59 -13.16 14.92
C LYS A 36 10.12 -12.88 15.19
N HIS A 37 9.84 -12.21 16.29
CA HIS A 37 8.47 -11.87 16.66
C HIS A 37 7.99 -10.64 15.90
N GLN A 38 6.94 -10.81 15.09
CA GLN A 38 6.39 -9.71 14.31
C GLN A 38 5.57 -8.77 15.20
N LYS A 39 6.25 -7.83 15.83
CA LYS A 39 5.58 -6.86 16.70
C LYS A 39 6.26 -5.49 16.61
N ILE A 40 5.58 -4.56 15.95
CA ILE A 40 6.11 -3.21 15.80
C ILE A 40 6.36 -2.55 17.15
N THR A 41 7.64 -2.39 17.49
CA THR A 41 8.02 -1.79 18.76
C THR A 41 9.08 -0.71 18.55
N ASP A 42 8.87 0.14 17.54
CA ASP A 42 9.81 1.22 17.24
C ASP A 42 9.07 2.52 17.01
N SER A 43 9.81 3.63 17.02
CA SER A 43 9.23 4.94 16.82
C SER A 43 9.18 5.30 15.33
N ARG A 44 8.47 4.49 14.55
CA ARG A 44 8.36 4.70 13.11
C ARG A 44 6.90 4.61 12.67
N TYR A 45 6.64 4.99 11.42
CA TYR A 45 5.29 4.95 10.87
C TYR A 45 5.31 4.54 9.40
N TYR A 46 4.23 3.92 8.96
CA TYR A 46 4.11 3.47 7.57
C TYR A 46 3.30 4.46 6.75
N THR A 47 3.62 4.54 5.46
CA THR A 47 2.92 5.45 4.56
C THR A 47 2.45 4.72 3.30
N VAL A 48 1.16 4.43 3.25
CA VAL A 48 0.58 3.73 2.10
C VAL A 48 -0.02 4.72 1.11
N ARG A 49 0.56 4.76 -0.10
CA ARG A 49 0.08 5.66 -1.14
C ARG A 49 -0.75 4.91 -2.17
N TRP A 50 -1.76 5.58 -2.73
CA TRP A 50 -2.63 4.98 -3.72
C TRP A 50 -3.15 6.02 -4.69
N LYS A 51 -3.28 5.64 -5.96
CA LYS A 51 -3.78 6.54 -6.98
C LYS A 51 -4.72 5.83 -7.94
N THR A 52 -5.22 6.55 -8.94
CA THR A 52 -6.14 5.98 -9.92
C THR A 52 -5.41 5.64 -11.21
N ASN A 53 -5.69 4.45 -11.75
CA ASN A 53 -5.07 4.01 -12.99
C ASN A 53 -5.50 4.89 -14.16
N ILE A 54 -6.70 5.45 -14.05
CA ILE A 54 -7.23 6.31 -15.11
C ILE A 54 -7.69 7.65 -14.54
N PRO A 55 -7.14 8.75 -15.09
CA PRO A 55 -6.15 8.68 -16.18
C PRO A 55 -4.81 8.13 -15.70
N ALA A 56 -3.80 8.23 -16.56
CA ALA A 56 -2.47 7.74 -16.22
C ALA A 56 -1.72 8.74 -15.34
N ASN A 57 -1.59 9.96 -15.81
CA ASN A 57 -0.89 11.01 -15.07
C ASN A 57 -1.81 11.61 -14.00
N THR A 58 -1.67 11.12 -12.77
CA THR A 58 -2.49 11.61 -11.66
C THR A 58 -1.64 11.85 -10.42
N LYS A 59 -2.25 12.43 -9.40
CA LYS A 59 -1.54 12.72 -8.14
C LYS A 59 -1.54 11.49 -7.23
N TYR A 60 -0.51 11.39 -6.39
CA TYR A 60 -0.40 10.27 -5.47
C TYR A 60 -0.91 10.65 -4.09
N LYS A 61 -1.59 9.71 -3.44
CA LYS A 61 -2.13 9.95 -2.10
C LYS A 61 -1.22 9.35 -1.03
N ASN A 62 -1.67 9.42 0.23
CA ASN A 62 -0.89 8.88 1.33
C ASN A 62 -1.77 8.67 2.56
N ALA A 63 -1.44 7.68 3.37
CA ALA A 63 -2.19 7.38 4.58
C ALA A 63 -1.28 7.03 5.74
N ASN A 64 -1.50 7.67 6.88
CA ASN A 64 -0.68 7.43 8.07
C ASN A 64 -1.33 6.38 8.97
N ALA A 65 -0.62 5.27 9.18
CA ALA A 65 -1.12 4.20 10.02
C ALA A 65 0.00 3.26 10.44
N THR A 66 0.24 3.19 11.74
CA THR A 66 1.30 2.34 12.29
C THR A 66 0.79 0.92 12.52
N THR A 67 1.04 0.04 11.56
CA THR A 67 0.61 -1.35 11.66
C THR A 67 1.13 -2.17 10.48
N LEU A 68 0.94 -3.48 10.56
CA LEU A 68 1.39 -4.38 9.49
C LEU A 68 0.24 -4.73 8.56
N SER A 69 -0.73 -3.82 8.47
CA SER A 69 -1.89 -4.03 7.60
C SER A 69 -2.78 -2.80 7.58
N TYR A 70 -3.04 -2.28 6.38
CA TYR A 70 -3.88 -1.11 6.22
C TYR A 70 -5.04 -1.38 5.26
N LEU A 71 -6.24 -1.02 5.69
CA LEU A 71 -7.44 -1.23 4.87
C LEU A 71 -7.82 0.05 4.13
N VAL A 72 -7.74 0.01 2.81
CA VAL A 72 -8.08 1.17 1.99
C VAL A 72 -9.59 1.27 1.79
N THR A 73 -10.13 2.47 1.98
CA THR A 73 -11.55 2.71 1.81
C THR A 73 -11.81 3.94 0.97
N GLY A 74 -12.82 3.86 0.10
CA GLY A 74 -13.16 4.98 -0.75
C GLY A 74 -12.59 4.84 -2.14
N LEU A 75 -13.00 3.80 -2.85
CA LEU A 75 -12.51 3.55 -4.20
C LEU A 75 -13.68 3.41 -5.19
N LYS A 76 -13.39 3.62 -6.47
CA LYS A 76 -14.41 3.52 -7.50
C LYS A 76 -14.55 2.09 -7.99
N PRO A 77 -15.80 1.68 -8.28
CA PRO A 77 -16.10 0.33 -8.76
C PRO A 77 -15.58 0.09 -10.17
N ASN A 78 -15.23 -1.16 -10.47
CA ASN A 78 -14.73 -1.52 -11.79
C ASN A 78 -13.62 -0.57 -12.23
N THR A 79 -12.59 -0.43 -11.39
CA THR A 79 -11.46 0.45 -11.69
C THR A 79 -10.16 -0.12 -11.15
N LEU A 80 -9.05 0.26 -11.76
CA LEU A 80 -7.73 -0.21 -11.35
C LEU A 80 -7.03 0.83 -10.49
N TYR A 81 -6.67 0.46 -9.26
CA TYR A 81 -5.98 1.37 -8.36
C TYR A 81 -4.61 0.82 -7.98
N GLU A 82 -3.74 1.70 -7.50
CA GLU A 82 -2.40 1.31 -7.10
C GLU A 82 -2.26 1.30 -5.58
N PHE A 83 -1.52 0.34 -5.06
CA PHE A 83 -1.32 0.23 -3.62
C PHE A 83 0.15 -0.10 -3.30
N SER A 84 0.74 0.68 -2.41
CA SER A 84 2.13 0.49 -2.03
C SER A 84 2.36 0.89 -0.57
N VAL A 85 3.45 0.40 0.01
CA VAL A 85 3.78 0.71 1.40
C VAL A 85 5.25 1.08 1.54
N MET A 86 5.54 1.97 2.50
CA MET A 86 6.91 2.40 2.74
C MET A 86 7.10 2.78 4.20
N VAL A 87 8.34 2.68 4.67
CA VAL A 87 8.67 3.02 6.05
C VAL A 87 9.48 4.32 6.13
N THR A 88 9.25 5.07 7.19
CA THR A 88 9.96 6.34 7.38
C THR A 88 10.45 6.47 8.82
N LYS A 89 11.65 7.02 8.98
CA LYS A 89 12.24 7.21 10.30
C LYS A 89 12.68 8.65 10.50
N GLY A 90 11.75 9.58 10.30
CA GLY A 90 12.06 10.99 10.46
C GLY A 90 12.71 11.59 9.22
N ARG A 91 14.02 11.43 9.11
CA ARG A 91 14.77 11.96 7.98
C ARG A 91 15.05 10.87 6.95
N ARG A 92 15.03 9.62 7.41
CA ARG A 92 15.29 8.48 6.54
C ARG A 92 13.99 7.91 5.99
N SER A 93 14.07 7.27 4.82
CA SER A 93 12.89 6.68 4.19
C SER A 93 13.31 5.62 3.17
N SER A 94 12.44 4.63 3.00
CA SER A 94 12.71 3.54 2.05
C SER A 94 11.87 3.70 0.79
N THR A 95 12.22 2.93 -0.24
CA THR A 95 11.50 2.99 -1.51
C THR A 95 10.09 2.41 -1.37
N TRP A 96 9.39 2.31 -2.49
CA TRP A 96 8.03 1.79 -2.48
C TRP A 96 8.02 0.31 -2.88
N SER A 97 7.69 -0.55 -1.92
CA SER A 97 7.65 -1.99 -2.17
C SER A 97 6.81 -2.30 -3.41
N MET A 98 6.86 -3.55 -3.86
CA MET A 98 6.11 -3.98 -5.03
C MET A 98 4.70 -3.41 -5.00
N THR A 99 4.32 -2.73 -6.08
CA THR A 99 2.99 -2.12 -6.17
C THR A 99 1.94 -3.18 -6.47
N ALA A 100 1.05 -3.40 -5.51
CA ALA A 100 -0.02 -4.38 -5.66
C ALA A 100 -1.26 -3.74 -6.30
N HIS A 101 -1.60 -4.22 -7.49
CA HIS A 101 -2.77 -3.70 -8.22
C HIS A 101 -3.99 -4.56 -7.95
N GLY A 102 -5.11 -3.91 -7.61
CA GLY A 102 -6.34 -4.64 -7.34
C GLY A 102 -7.55 -3.94 -7.89
N THR A 103 -8.37 -4.68 -8.65
CA THR A 103 -9.58 -4.13 -9.25
C THR A 103 -10.80 -4.41 -8.39
N THR A 104 -11.58 -3.37 -8.11
CA THR A 104 -12.78 -3.52 -7.30
C THR A 104 -13.92 -4.12 -8.10
N PHE A 105 -14.89 -4.70 -7.41
CA PHE A 105 -16.04 -5.32 -8.06
C PHE A 105 -16.97 -4.26 -8.63
N GLU A 106 -17.82 -4.66 -9.56
CA GLU A 106 -18.78 -3.75 -10.18
C GLU A 106 -19.88 -3.37 -9.21
N LEU A 107 -20.24 -2.09 -9.19
CA LEU A 107 -21.29 -1.59 -8.31
C LEU A 107 -22.55 -1.28 -9.08
N SER A 108 -22.42 -0.54 -10.17
CA SER A 108 -23.55 -0.17 -11.00
C SER A 108 -24.56 -1.32 -11.09
N GLY A 109 -24.07 -2.49 -11.47
CA GLY A 109 -24.93 -3.66 -11.59
C GLY A 109 -24.61 -4.73 -10.56
N PRO A 110 -25.57 -5.63 -10.33
CA PRO A 110 -25.41 -6.72 -9.36
C PRO A 110 -24.40 -7.77 -9.83
N SER A 111 -23.49 -8.16 -8.93
CA SER A 111 -22.47 -9.14 -9.25
C SER A 111 -22.50 -10.31 -8.26
N SER A 112 -22.56 -9.97 -6.98
CA SER A 112 -22.59 -10.98 -5.93
C SER A 112 -23.84 -10.84 -5.07
N GLY A 113 -24.93 -11.46 -5.52
CA GLY A 113 -26.19 -11.38 -4.79
C GLY A 113 -26.44 -12.62 -3.96
#